data_2LUY
#
_entry.id   2LUY
#
loop_
_entity.id
_entity.type
_entity.pdbx_description
1 polymer 'Meiotic chromosome segregation protein P8B7.28c'
2 non-polymer 'ZINC ION'
#
_entity_poly.entity_id   1
_entity_poly.type   'polypeptide(L)'
_entity_poly.pdbx_seq_one_letter_code
;HMGKNDNDALIMCMRCRKVKGIDSYSKTQWSKTFTFVRGRTVSVSDPKVICRTCQPKQHDSIWCTACQQTKGINEFSKAQ
RHVLDPRCQICVHSQRN
;
_entity_poly.pdbx_strand_id   A
#
# COMPACT_ATOMS: atom_id res chain seq x y z
N MET A 2 -21.88 2.82 -7.16
CA MET A 2 -20.90 2.60 -6.07
C MET A 2 -19.91 1.51 -6.48
N GLY A 3 -19.91 1.18 -7.76
CA GLY A 3 -19.01 0.15 -8.28
C GLY A 3 -19.70 -0.68 -9.36
N LYS A 4 -20.53 -0.03 -10.17
CA LYS A 4 -21.25 -0.73 -11.23
C LYS A 4 -20.27 -1.33 -12.23
N ASN A 5 -19.27 -0.54 -12.62
CA ASN A 5 -18.28 -1.00 -13.58
C ASN A 5 -17.06 -0.08 -13.57
N ASP A 6 -17.11 0.96 -12.74
CA ASP A 6 -16.01 1.91 -12.65
C ASP A 6 -14.97 1.42 -11.64
N ASN A 7 -15.21 0.24 -11.08
CA ASN A 7 -14.28 -0.32 -10.10
C ASN A 7 -13.22 -1.17 -10.78
N ASP A 8 -13.23 -1.15 -12.12
CA ASP A 8 -12.26 -1.92 -12.89
C ASP A 8 -11.02 -1.09 -13.18
N ALA A 9 -10.91 0.05 -12.51
CA ALA A 9 -9.77 0.93 -12.70
C ALA A 9 -8.49 0.26 -12.21
N LEU A 10 -7.41 0.42 -12.97
CA LEU A 10 -6.12 -0.18 -12.61
C LEU A 10 -5.06 0.89 -12.51
N ILE A 11 -4.50 1.06 -11.31
CA ILE A 11 -3.47 2.06 -11.08
C ILE A 11 -2.07 1.43 -11.18
N MET A 12 -1.23 2.06 -12.00
CA MET A 12 0.13 1.56 -12.18
C MET A 12 1.00 1.96 -11.00
N CYS A 13 1.78 1.00 -10.50
CA CYS A 13 2.67 1.25 -9.37
C CYS A 13 4.04 1.68 -9.88
N MET A 14 4.61 2.71 -9.29
CA MET A 14 5.93 3.19 -9.74
C MET A 14 7.04 2.46 -9.01
N ARG A 15 6.67 1.65 -8.04
CA ARG A 15 7.66 0.90 -7.26
C ARG A 15 8.04 -0.40 -7.95
N CYS A 16 7.04 -1.26 -8.14
CA CYS A 16 7.28 -2.56 -8.79
C CYS A 16 6.69 -2.57 -10.20
N ARG A 17 6.47 -1.39 -10.75
CA ARG A 17 5.93 -1.28 -12.11
C ARG A 17 4.83 -2.32 -12.33
N LYS A 18 4.04 -2.57 -11.29
CA LYS A 18 2.95 -3.55 -11.39
C LYS A 18 1.61 -2.86 -11.41
N VAL A 19 0.73 -3.28 -12.32
CA VAL A 19 -0.59 -2.67 -12.44
C VAL A 19 -1.63 -3.56 -11.79
N LYS A 20 -2.44 -2.96 -10.92
CA LYS A 20 -3.48 -3.70 -10.19
C LYS A 20 -4.70 -2.83 -9.98
N GLY A 21 -5.78 -3.45 -9.52
CA GLY A 21 -7.03 -2.74 -9.27
C GLY A 21 -7.15 -2.32 -7.81
N ILE A 22 -8.30 -1.75 -7.45
CA ILE A 22 -8.51 -1.30 -6.08
C ILE A 22 -8.25 -2.45 -5.09
N ASP A 23 -8.02 -3.64 -5.61
CA ASP A 23 -7.77 -4.80 -4.76
C ASP A 23 -6.37 -4.73 -4.17
N SER A 24 -5.38 -4.61 -5.03
CA SER A 24 -3.99 -4.53 -4.59
C SER A 24 -3.62 -3.09 -4.27
N TYR A 25 -4.62 -2.20 -4.25
CA TYR A 25 -4.40 -0.79 -3.95
C TYR A 25 -5.24 -0.35 -2.77
N SER A 26 -4.60 0.26 -1.79
CA SER A 26 -5.29 0.74 -0.61
C SER A 26 -6.35 1.76 -1.00
N LYS A 27 -7.44 1.81 -0.24
CA LYS A 27 -8.52 2.74 -0.52
C LYS A 27 -8.01 4.18 -0.48
N THR A 28 -7.14 4.47 0.48
CA THR A 28 -6.58 5.81 0.60
C THR A 28 -5.74 6.16 -0.61
N GLN A 29 -4.88 5.25 -1.02
CA GLN A 29 -4.02 5.48 -2.18
C GLN A 29 -4.84 5.53 -3.47
N TRP A 30 -5.80 4.63 -3.59
CA TRP A 30 -6.66 4.60 -4.76
C TRP A 30 -7.46 5.88 -4.89
N SER A 31 -7.88 6.43 -3.75
CA SER A 31 -8.67 7.66 -3.74
C SER A 31 -7.86 8.81 -4.35
N LYS A 32 -6.54 8.76 -4.20
CA LYS A 32 -5.67 9.80 -4.73
C LYS A 32 -5.73 9.83 -6.24
N THR A 33 -6.40 8.85 -6.82
CA THR A 33 -6.53 8.77 -8.27
C THR A 33 -7.44 9.87 -8.80
N PHE A 34 -8.24 10.44 -7.91
CA PHE A 34 -9.16 11.52 -8.28
C PHE A 34 -9.29 12.53 -7.15
N THR A 35 -9.63 13.76 -7.51
CA THR A 35 -9.77 14.84 -6.53
C THR A 35 -11.11 15.53 -6.70
N PHE A 36 -11.43 16.42 -5.77
CA PHE A 36 -12.70 17.14 -5.81
C PHE A 36 -12.48 18.58 -6.27
N VAL A 37 -13.14 18.95 -7.36
CA VAL A 37 -13.02 20.31 -7.89
C VAL A 37 -14.40 20.91 -8.16
N ARG A 38 -14.58 22.15 -7.74
CA ARG A 38 -15.85 22.83 -7.95
C ARG A 38 -17.01 21.93 -7.55
N GLY A 39 -16.75 21.00 -6.65
CA GLY A 39 -17.80 20.08 -6.19
C GLY A 39 -18.08 19.01 -7.24
N ARG A 40 -17.06 18.70 -8.05
CA ARG A 40 -17.21 17.69 -9.09
C ARG A 40 -16.02 16.73 -9.08
N THR A 41 -16.31 15.44 -9.15
CA THR A 41 -15.26 14.42 -9.15
C THR A 41 -14.40 14.57 -10.39
N VAL A 42 -13.08 14.56 -10.19
CA VAL A 42 -12.13 14.69 -11.30
C VAL A 42 -10.96 13.74 -11.12
N SER A 43 -10.51 13.14 -12.22
CA SER A 43 -9.39 12.21 -12.17
C SER A 43 -8.07 12.97 -12.16
N VAL A 44 -7.16 12.59 -11.26
CA VAL A 44 -5.86 13.26 -11.17
C VAL A 44 -5.09 13.07 -12.46
N SER A 45 -4.38 14.12 -12.88
CA SER A 45 -3.59 14.08 -14.10
C SER A 45 -2.48 13.04 -13.98
N ASP A 46 -1.83 13.00 -12.82
CA ASP A 46 -0.74 12.05 -12.59
C ASP A 46 -0.67 11.67 -11.11
N PRO A 47 -1.47 10.71 -10.69
CA PRO A 47 -1.49 10.25 -9.29
C PRO A 47 -0.36 9.28 -8.99
N LYS A 48 0.51 9.66 -8.06
CA LYS A 48 1.65 8.81 -7.69
C LYS A 48 1.34 8.03 -6.42
N VAL A 49 1.24 6.71 -6.54
CA VAL A 49 0.96 5.84 -5.41
C VAL A 49 1.74 4.54 -5.53
N ILE A 50 1.78 3.79 -4.43
CA ILE A 50 2.50 2.51 -4.39
C ILE A 50 1.59 1.39 -3.89
N CYS A 51 2.07 0.16 -4.00
CA CYS A 51 1.29 -0.99 -3.56
C CYS A 51 1.30 -1.09 -2.03
N ARG A 52 0.39 -1.89 -1.50
CA ARG A 52 0.28 -2.07 -0.05
C ARG A 52 1.54 -2.74 0.49
N THR A 53 2.11 -3.64 -0.30
CA THR A 53 3.33 -4.35 0.12
C THR A 53 4.57 -3.52 -0.21
N CYS A 54 4.45 -2.65 -1.21
CA CYS A 54 5.56 -1.81 -1.62
C CYS A 54 5.90 -0.80 -0.53
N GLN A 55 4.87 -0.37 0.21
CA GLN A 55 5.06 0.61 1.26
C GLN A 55 5.68 -0.04 2.50
N PRO A 56 6.47 0.69 3.24
CA PRO A 56 7.12 0.18 4.49
C PRO A 56 6.09 -0.09 5.59
N LYS A 57 6.43 -1.02 6.49
CA LYS A 57 5.54 -1.35 7.60
C LYS A 57 6.35 -1.93 8.76
N GLN A 58 6.60 -1.11 9.77
CA GLN A 58 7.35 -1.56 10.94
C GLN A 58 6.79 -0.93 12.21
N HIS A 59 6.92 -1.63 13.34
CA HIS A 59 6.42 -1.14 14.61
C HIS A 59 7.29 -1.65 15.76
N ASP A 60 7.53 -0.79 16.73
CA ASP A 60 8.34 -1.17 17.88
C ASP A 60 7.58 -2.14 18.78
N SER A 61 8.31 -3.05 19.41
CA SER A 61 7.70 -4.04 20.30
C SER A 61 8.63 -4.37 21.46
N ILE A 62 8.09 -5.07 22.46
CA ILE A 62 8.88 -5.44 23.63
C ILE A 62 8.77 -6.94 23.90
N TRP A 63 9.90 -7.58 24.13
CA TRP A 63 9.92 -9.00 24.40
C TRP A 63 9.52 -9.28 25.85
N CYS A 64 8.54 -10.16 26.04
CA CYS A 64 8.09 -10.52 27.37
C CYS A 64 8.60 -11.89 27.76
N THR A 65 9.07 -12.03 28.99
CA THR A 65 9.60 -13.30 29.46
C THR A 65 8.55 -14.01 30.33
N ALA A 66 7.43 -13.34 30.56
CA ALA A 66 6.37 -13.91 31.37
C ALA A 66 5.62 -14.99 30.59
N CYS A 67 5.41 -14.73 29.30
CA CYS A 67 4.70 -15.68 28.43
C CYS A 67 5.55 -16.04 27.22
N GLN A 68 6.70 -15.38 27.11
CA GLN A 68 7.62 -15.65 25.99
C GLN A 68 6.94 -15.37 24.66
N GLN A 69 6.25 -14.24 24.57
CA GLN A 69 5.56 -13.87 23.33
C GLN A 69 5.83 -12.41 22.99
N THR A 70 5.94 -12.12 21.69
CA THR A 70 6.21 -10.77 21.23
C THR A 70 4.94 -9.92 21.34
N LYS A 71 5.08 -8.72 21.90
CA LYS A 71 3.95 -7.81 22.05
C LYS A 71 4.34 -6.39 21.71
N GLY A 72 3.38 -5.63 21.19
CA GLY A 72 3.63 -4.24 20.82
C GLY A 72 3.68 -3.35 22.06
N ILE A 73 4.06 -2.09 21.87
CA ILE A 73 4.14 -1.15 22.98
C ILE A 73 2.74 -0.62 23.33
N ASN A 74 1.78 -0.89 22.46
CA ASN A 74 0.41 -0.45 22.70
C ASN A 74 -0.20 -1.14 23.92
N GLU A 75 0.01 -2.45 24.00
CA GLU A 75 -0.51 -3.24 25.12
C GLU A 75 0.53 -3.36 26.20
N PHE A 76 1.57 -2.52 26.12
CA PHE A 76 2.65 -2.54 27.12
C PHE A 76 2.77 -1.18 27.78
N SER A 77 2.68 -1.17 29.11
CA SER A 77 2.78 0.06 29.87
C SER A 77 4.15 0.71 29.65
N LYS A 78 4.20 2.03 29.78
CA LYS A 78 5.45 2.76 29.60
C LYS A 78 6.49 2.32 30.63
N ALA A 79 6.05 2.17 31.87
CA ALA A 79 6.96 1.75 32.95
C ALA A 79 7.49 0.35 32.67
N GLN A 80 6.64 -0.51 32.12
CA GLN A 80 7.04 -1.87 31.81
C GLN A 80 8.15 -1.88 30.76
N ARG A 81 8.22 -0.82 29.98
CA ARG A 81 9.24 -0.72 28.95
C ARG A 81 10.57 -0.26 29.55
N HIS A 82 10.49 0.59 30.58
CA HIS A 82 11.68 1.11 31.23
C HIS A 82 12.42 0.02 31.98
N VAL A 83 11.68 -0.79 32.73
CA VAL A 83 12.28 -1.88 33.50
C VAL A 83 13.12 -2.77 32.60
N LEU A 84 14.01 -3.54 33.21
CA LEU A 84 14.87 -4.43 32.45
C LEU A 84 14.16 -5.74 32.13
N ASP A 85 13.00 -5.94 32.75
CA ASP A 85 12.21 -7.15 32.51
C ASP A 85 10.75 -6.79 32.29
N PRO A 86 10.43 -6.31 31.12
CA PRO A 86 9.03 -5.91 30.77
C PRO A 86 8.04 -7.07 30.89
N ARG A 87 6.84 -6.77 31.35
CA ARG A 87 5.80 -7.79 31.50
C ARG A 87 4.49 -7.31 30.90
N CYS A 88 3.90 -8.12 30.03
CA CYS A 88 2.64 -7.78 29.39
C CYS A 88 1.63 -7.30 30.42
N GLN A 89 0.78 -6.35 30.02
CA GLN A 89 -0.23 -5.81 30.93
C GLN A 89 -1.14 -6.92 31.43
N ILE A 90 -1.16 -8.03 30.70
CA ILE A 90 -1.99 -9.18 31.08
C ILE A 90 -1.20 -10.13 31.97
N CYS A 91 0.10 -10.27 31.70
CA CYS A 91 0.95 -11.14 32.48
C CYS A 91 1.11 -10.64 33.91
N VAL A 92 1.18 -9.32 34.05
CA VAL A 92 1.33 -8.71 35.37
C VAL A 92 0.10 -8.99 36.23
N HIS A 93 -1.07 -8.97 35.61
CA HIS A 93 -2.31 -9.22 36.33
C HIS A 93 -2.55 -10.71 36.49
N SER A 94 -1.59 -11.52 36.03
CA SER A 94 -1.69 -12.97 36.13
C SER A 94 -0.69 -13.51 37.14
N GLN A 95 0.45 -12.82 37.27
CA GLN A 95 1.49 -13.24 38.22
C GLN A 95 1.34 -12.51 39.53
N ARG A 96 0.30 -11.69 39.65
CA ARG A 96 0.07 -10.94 40.87
C ARG A 96 1.26 -10.05 41.19
N ASN A 97 2.26 -10.06 40.31
CA ASN A 97 3.45 -9.26 40.52
C ASN A 97 3.94 -9.39 41.96
N MET A 2 -10.70 5.97 -19.27
CA MET A 2 -11.86 6.55 -20.01
C MET A 2 -13.14 5.85 -19.55
N GLY A 3 -13.62 4.91 -20.36
CA GLY A 3 -14.83 4.18 -20.05
C GLY A 3 -14.68 3.43 -18.72
N LYS A 4 -13.45 3.14 -18.35
CA LYS A 4 -13.17 2.43 -17.11
C LYS A 4 -13.50 3.30 -15.91
N ASN A 5 -14.00 2.68 -14.85
CA ASN A 5 -14.35 3.41 -13.64
C ASN A 5 -13.11 3.75 -12.84
N ASP A 6 -13.11 4.93 -12.22
CA ASP A 6 -11.98 5.38 -11.43
C ASP A 6 -11.79 4.47 -10.22
N ASN A 7 -12.89 4.01 -9.64
CA ASN A 7 -12.83 3.12 -8.50
C ASN A 7 -12.17 1.80 -8.85
N ASP A 8 -12.52 1.27 -10.02
CA ASP A 8 -11.96 -0.01 -10.49
C ASP A 8 -10.83 0.23 -11.49
N ALA A 9 -10.32 1.45 -11.51
CA ALA A 9 -9.23 1.80 -12.42
C ALA A 9 -8.00 0.96 -12.12
N LEU A 10 -6.93 1.16 -12.90
CA LEU A 10 -5.69 0.43 -12.69
C LEU A 10 -4.50 1.37 -12.83
N ILE A 11 -3.85 1.64 -11.69
CA ILE A 11 -2.69 2.53 -11.67
C ILE A 11 -1.40 1.73 -11.55
N MET A 12 -0.34 2.23 -12.20
CA MET A 12 0.94 1.56 -12.18
C MET A 12 1.68 1.87 -10.88
N CYS A 13 2.40 0.88 -10.38
CA CYS A 13 3.17 1.07 -9.15
C CYS A 13 4.52 1.70 -9.45
N MET A 14 4.77 2.87 -8.87
CA MET A 14 6.03 3.57 -9.11
C MET A 14 7.22 2.68 -8.81
N ARG A 15 6.95 1.47 -8.30
CA ARG A 15 8.01 0.52 -7.95
C ARG A 15 7.99 -0.70 -8.88
N CYS A 16 7.16 -1.68 -8.52
CA CYS A 16 7.07 -2.89 -9.30
C CYS A 16 6.19 -2.69 -10.54
N ARG A 17 5.69 -1.47 -10.71
CA ARG A 17 4.86 -1.15 -11.87
C ARG A 17 3.84 -2.25 -12.13
N LYS A 18 3.18 -2.69 -11.07
CA LYS A 18 2.15 -3.74 -11.19
C LYS A 18 0.77 -3.10 -11.13
N VAL A 19 0.16 -2.94 -12.30
CA VAL A 19 -1.18 -2.35 -12.40
C VAL A 19 -2.10 -3.03 -11.38
N LYS A 20 -2.71 -2.21 -10.52
CA LYS A 20 -3.61 -2.72 -9.49
C LYS A 20 -4.79 -1.78 -9.32
N GLY A 21 -5.93 -2.34 -8.96
CA GLY A 21 -7.13 -1.54 -8.75
C GLY A 21 -7.38 -1.31 -7.26
N ILE A 22 -8.46 -0.60 -6.95
CA ILE A 22 -8.80 -0.32 -5.56
C ILE A 22 -8.77 -1.59 -4.71
N ASP A 23 -8.76 -2.75 -5.35
CA ASP A 23 -8.72 -4.01 -4.63
C ASP A 23 -7.33 -4.26 -4.04
N SER A 24 -6.31 -4.12 -4.89
CA SER A 24 -4.93 -4.32 -4.45
C SER A 24 -4.32 -3.02 -3.95
N TYR A 25 -5.15 -1.99 -3.87
CA TYR A 25 -4.70 -0.66 -3.41
C TYR A 25 -5.60 -0.15 -2.29
N SER A 26 -4.97 0.46 -1.29
CA SER A 26 -5.71 1.02 -0.17
C SER A 26 -6.60 2.15 -0.64
N LYS A 27 -7.71 2.35 0.06
CA LYS A 27 -8.65 3.40 -0.30
C LYS A 27 -7.99 4.77 -0.18
N THR A 28 -7.11 4.92 0.81
CA THR A 28 -6.43 6.19 1.01
C THR A 28 -5.56 6.54 -0.20
N GLN A 29 -4.77 5.58 -0.66
CA GLN A 29 -3.90 5.81 -1.81
C GLN A 29 -4.72 5.99 -3.08
N TRP A 30 -5.74 5.17 -3.23
CA TRP A 30 -6.59 5.23 -4.41
C TRP A 30 -7.26 6.61 -4.51
N SER A 31 -7.66 7.16 -3.36
CA SER A 31 -8.32 8.45 -3.33
C SER A 31 -7.41 9.54 -3.90
N LYS A 32 -6.11 9.27 -3.92
CA LYS A 32 -5.15 10.24 -4.44
C LYS A 32 -5.15 10.22 -5.96
N THR A 33 -5.69 9.14 -6.53
CA THR A 33 -5.73 9.02 -7.99
C THR A 33 -6.74 10.00 -8.59
N PHE A 34 -7.65 10.49 -7.76
CA PHE A 34 -8.66 11.44 -8.20
C PHE A 34 -9.02 12.40 -7.07
N THR A 35 -9.55 13.55 -7.44
CA THR A 35 -9.94 14.58 -6.46
C THR A 35 -11.35 15.07 -6.74
N PHE A 36 -11.89 15.88 -5.83
CA PHE A 36 -13.23 16.42 -5.98
C PHE A 36 -13.18 17.93 -6.18
N VAL A 37 -13.57 18.36 -7.37
CA VAL A 37 -13.56 19.79 -7.71
C VAL A 37 -14.87 20.19 -8.38
N ARG A 38 -15.28 21.43 -8.15
CA ARG A 38 -16.51 21.93 -8.74
C ARG A 38 -17.67 21.01 -8.41
N GLY A 39 -17.49 20.17 -7.40
CA GLY A 39 -18.53 19.24 -6.99
C GLY A 39 -18.64 18.08 -7.96
N ARG A 40 -17.55 17.79 -8.66
CA ARG A 40 -17.52 16.70 -9.63
C ARG A 40 -16.24 15.88 -9.49
N THR A 41 -16.36 14.57 -9.68
CA THR A 41 -15.22 13.68 -9.57
C THR A 41 -14.24 13.94 -10.71
N VAL A 42 -12.98 14.19 -10.38
CA VAL A 42 -11.95 14.44 -11.39
C VAL A 42 -10.71 13.59 -11.12
N SER A 43 -10.19 12.98 -12.17
CA SER A 43 -9.01 12.14 -12.03
C SER A 43 -7.75 13.00 -11.93
N VAL A 44 -6.74 12.50 -11.22
CA VAL A 44 -5.51 13.25 -11.05
C VAL A 44 -4.50 12.84 -12.12
N SER A 45 -4.12 13.79 -12.97
CA SER A 45 -3.18 13.53 -14.05
C SER A 45 -1.80 13.17 -13.49
N ASP A 46 -1.72 13.03 -12.17
CA ASP A 46 -0.47 12.70 -11.50
C ASP A 46 -0.71 11.74 -10.34
N PRO A 47 -1.11 10.53 -10.65
CA PRO A 47 -1.38 9.50 -9.61
C PRO A 47 -0.11 8.80 -9.14
N LYS A 48 0.56 9.41 -8.17
CA LYS A 48 1.80 8.84 -7.63
C LYS A 48 1.52 8.14 -6.31
N VAL A 49 1.38 6.81 -6.37
CA VAL A 49 1.11 6.03 -5.17
C VAL A 49 1.88 4.70 -5.23
N ILE A 50 2.07 4.08 -4.07
CA ILE A 50 2.78 2.82 -3.98
C ILE A 50 1.82 1.67 -3.75
N CYS A 51 2.22 0.46 -4.15
CA CYS A 51 1.38 -0.72 -3.98
C CYS A 51 1.57 -1.34 -2.60
N ARG A 52 0.64 -2.20 -2.22
CA ARG A 52 0.69 -2.85 -0.92
C ARG A 52 1.90 -3.79 -0.83
N THR A 53 2.37 -4.25 -1.99
CA THR A 53 3.51 -5.15 -2.03
C THR A 53 4.82 -4.42 -1.71
N CYS A 54 4.99 -3.23 -2.29
CA CYS A 54 6.19 -2.43 -2.07
C CYS A 54 6.07 -1.60 -0.80
N GLN A 55 4.86 -1.53 -0.26
CA GLN A 55 4.62 -0.77 0.96
C GLN A 55 5.62 -1.21 2.05
N PRO A 56 5.58 -2.46 2.46
CA PRO A 56 6.50 -2.98 3.51
C PRO A 56 7.96 -2.85 3.11
N LYS A 57 8.67 -1.91 3.76
CA LYS A 57 10.08 -1.69 3.48
C LYS A 57 10.87 -1.55 4.77
N GLN A 58 11.11 -2.68 5.43
CA GLN A 58 11.86 -2.68 6.68
C GLN A 58 12.83 -3.85 6.73
N HIS A 59 14.01 -3.60 7.30
CA HIS A 59 15.03 -4.65 7.41
C HIS A 59 15.86 -4.44 8.67
N ASP A 60 15.38 -4.98 9.78
CA ASP A 60 16.09 -4.84 11.05
C ASP A 60 17.42 -5.58 10.99
N SER A 61 18.50 -4.88 11.32
CA SER A 61 19.84 -5.46 11.30
C SER A 61 20.62 -5.05 12.55
N ILE A 62 21.64 -5.84 12.90
CA ILE A 62 22.46 -5.55 14.06
C ILE A 62 23.93 -5.47 13.67
N TRP A 63 24.60 -4.43 14.16
CA TRP A 63 26.02 -4.25 13.87
C TRP A 63 26.86 -5.10 14.80
N CYS A 64 27.91 -5.73 14.24
CA CYS A 64 28.81 -6.57 15.03
C CYS A 64 30.20 -5.96 15.08
N THR A 65 30.77 -5.92 16.28
CA THR A 65 32.11 -5.37 16.47
C THR A 65 33.16 -6.47 16.32
N ALA A 66 32.73 -7.72 16.48
CA ALA A 66 33.64 -8.85 16.35
C ALA A 66 34.01 -9.07 14.89
N CYS A 67 33.03 -8.88 13.99
CA CYS A 67 33.25 -9.06 12.56
C CYS A 67 33.46 -7.72 11.88
N GLN A 68 32.96 -6.66 12.51
CA GLN A 68 33.08 -5.31 11.97
C GLN A 68 32.23 -5.16 10.72
N GLN A 69 31.07 -5.82 10.72
CA GLN A 69 30.16 -5.76 9.58
C GLN A 69 28.71 -5.86 10.04
N THR A 70 27.80 -5.45 9.17
CA THR A 70 26.38 -5.49 9.49
C THR A 70 25.85 -6.91 9.32
N LYS A 71 24.98 -7.33 10.26
CA LYS A 71 24.40 -8.68 10.20
C LYS A 71 22.90 -8.62 10.46
N GLY A 72 22.15 -9.42 9.72
CA GLY A 72 20.70 -9.45 9.89
C GLY A 72 20.33 -9.88 11.30
N ILE A 73 19.11 -9.52 11.70
CA ILE A 73 18.62 -9.87 13.02
C ILE A 73 18.31 -11.35 13.12
N ASN A 74 17.90 -11.94 12.00
CA ASN A 74 17.55 -13.36 11.97
C ASN A 74 18.76 -14.21 12.36
N GLU A 75 19.93 -13.83 11.85
CA GLU A 75 21.16 -14.56 12.16
C GLU A 75 21.76 -14.07 13.46
N PHE A 76 20.93 -13.48 14.32
CA PHE A 76 21.39 -12.96 15.61
C PHE A 76 20.53 -13.50 16.74
N SER A 77 21.16 -13.75 17.89
CA SER A 77 20.46 -14.26 19.05
C SER A 77 19.70 -13.14 19.74
N LYS A 78 18.63 -13.51 20.45
CA LYS A 78 17.84 -12.53 21.18
C LYS A 78 18.56 -12.05 22.43
N ALA A 79 19.21 -12.98 23.13
CA ALA A 79 19.92 -12.66 24.35
C ALA A 79 21.06 -11.68 24.07
N GLN A 80 21.70 -11.83 22.91
CA GLN A 80 22.80 -10.96 22.55
C GLN A 80 22.35 -9.50 22.53
N ARG A 81 21.29 -9.22 21.79
CA ARG A 81 20.76 -7.87 21.69
C ARG A 81 20.81 -7.17 23.05
N HIS A 82 20.82 -7.96 24.11
CA HIS A 82 20.86 -7.43 25.47
C HIS A 82 22.20 -6.75 25.74
N VAL A 83 23.28 -7.38 25.28
CA VAL A 83 24.61 -6.85 25.49
C VAL A 83 24.80 -5.55 24.72
N LEU A 84 25.85 -4.79 25.06
CA LEU A 84 26.12 -3.53 24.39
C LEU A 84 26.96 -3.76 23.13
N ASP A 85 27.42 -5.00 22.94
CA ASP A 85 28.23 -5.34 21.76
C ASP A 85 27.74 -6.66 21.17
N PRO A 86 26.62 -6.63 20.49
CA PRO A 86 26.03 -7.84 19.84
C PRO A 86 27.03 -8.54 18.92
N ARG A 87 27.06 -9.87 19.01
CA ARG A 87 27.97 -10.67 18.18
C ARG A 87 27.19 -11.71 17.38
N CYS A 88 27.51 -11.81 16.09
CA CYS A 88 26.85 -12.78 15.22
C CYS A 88 27.09 -14.20 15.72
N GLN A 89 26.15 -15.09 15.42
CA GLN A 89 26.29 -16.48 15.83
C GLN A 89 27.59 -17.08 15.29
N ILE A 90 28.26 -16.34 14.42
CA ILE A 90 29.51 -16.81 13.82
C ILE A 90 30.73 -16.43 14.68
N CYS A 91 30.71 -15.23 15.23
CA CYS A 91 31.83 -14.76 16.05
C CYS A 91 31.81 -15.42 17.42
N VAL A 92 30.63 -15.79 17.89
CA VAL A 92 30.50 -16.43 19.18
C VAL A 92 31.02 -17.86 19.14
N HIS A 93 30.73 -18.56 18.05
CA HIS A 93 31.16 -19.94 17.88
C HIS A 93 32.61 -19.99 17.37
N SER A 94 33.18 -18.81 17.14
CA SER A 94 34.56 -18.72 16.66
C SER A 94 35.54 -18.74 17.82
N GLN A 95 35.57 -17.63 18.57
CA GLN A 95 36.47 -17.51 19.72
C GLN A 95 35.76 -16.81 20.89
N ARG A 96 34.48 -17.12 21.06
CA ARG A 96 33.71 -16.53 22.14
C ARG A 96 33.97 -15.03 22.23
N ASN A 97 34.87 -14.65 23.13
CA ASN A 97 35.21 -13.24 23.30
C ASN A 97 35.70 -12.64 21.99
N MET A 2 -12.81 2.43 -21.79
CA MET A 2 -14.23 2.58 -22.20
C MET A 2 -15.01 1.34 -21.77
N GLY A 3 -16.20 1.55 -21.22
CA GLY A 3 -17.04 0.44 -20.78
C GLY A 3 -16.54 -0.13 -19.47
N LYS A 4 -15.83 0.70 -18.70
CA LYS A 4 -15.30 0.27 -17.39
C LYS A 4 -15.70 1.25 -16.30
N ASN A 5 -15.97 0.72 -15.11
CA ASN A 5 -16.37 1.55 -13.99
C ASN A 5 -15.17 2.32 -13.43
N ASP A 6 -15.45 3.37 -12.66
CA ASP A 6 -14.38 4.17 -12.08
C ASP A 6 -13.54 3.33 -11.13
N ASN A 7 -14.19 2.48 -10.35
CA ASN A 7 -13.48 1.62 -9.41
C ASN A 7 -12.59 0.64 -10.16
N ASP A 8 -13.08 0.17 -11.31
CA ASP A 8 -12.32 -0.78 -12.12
C ASP A 8 -11.03 -0.16 -12.62
N ALA A 9 -10.75 1.06 -12.16
CA ALA A 9 -9.53 1.76 -12.57
C ALA A 9 -8.32 0.98 -12.12
N LEU A 10 -7.24 1.04 -12.92
CA LEU A 10 -6.00 0.33 -12.59
C LEU A 10 -4.88 1.33 -12.33
N ILE A 11 -4.21 1.18 -11.19
CA ILE A 11 -3.11 2.07 -10.82
C ILE A 11 -1.78 1.35 -10.95
N MET A 12 -0.86 1.98 -11.67
CA MET A 12 0.47 1.40 -11.88
C MET A 12 1.39 1.83 -10.76
N CYS A 13 2.12 0.85 -10.20
CA CYS A 13 3.04 1.13 -9.11
C CYS A 13 4.36 1.65 -9.66
N MET A 14 4.78 2.82 -9.21
CA MET A 14 6.03 3.40 -9.68
C MET A 14 7.22 2.59 -9.18
N ARG A 15 6.95 1.51 -8.44
CA ARG A 15 8.02 0.67 -7.90
C ARG A 15 8.04 -0.70 -8.56
N CYS A 16 7.27 -1.63 -8.01
CA CYS A 16 7.21 -2.98 -8.55
C CYS A 16 6.49 -3.01 -9.90
N ARG A 17 6.29 -1.84 -10.49
CA ARG A 17 5.61 -1.74 -11.79
C ARG A 17 4.44 -2.73 -11.86
N LYS A 18 3.77 -2.93 -10.73
CA LYS A 18 2.63 -3.83 -10.67
C LYS A 18 1.33 -3.07 -10.91
N VAL A 19 0.57 -3.52 -11.91
CA VAL A 19 -0.69 -2.89 -12.26
C VAL A 19 -1.86 -3.68 -11.65
N LYS A 20 -2.76 -2.97 -10.98
CA LYS A 20 -3.90 -3.60 -10.34
C LYS A 20 -4.98 -2.55 -10.05
N GLY A 21 -6.14 -3.04 -9.63
CA GLY A 21 -7.27 -2.16 -9.30
C GLY A 21 -7.28 -1.82 -7.82
N ILE A 22 -8.36 -1.18 -7.37
CA ILE A 22 -8.48 -0.80 -5.97
C ILE A 22 -8.23 -1.98 -5.04
N ASP A 23 -8.07 -3.18 -5.61
CA ASP A 23 -7.80 -4.37 -4.81
C ASP A 23 -6.40 -4.33 -4.24
N SER A 24 -5.41 -4.04 -5.09
CA SER A 24 -4.02 -3.96 -4.64
C SER A 24 -3.67 -2.55 -4.16
N TYR A 25 -4.67 -1.67 -4.15
CA TYR A 25 -4.48 -0.29 -3.70
C TYR A 25 -5.44 0.05 -2.56
N SER A 26 -4.90 0.71 -1.53
CA SER A 26 -5.71 1.10 -0.38
C SER A 26 -6.68 2.21 -0.78
N LYS A 27 -7.73 2.38 0.00
CA LYS A 27 -8.73 3.39 -0.28
C LYS A 27 -8.09 4.78 -0.28
N THR A 28 -7.21 5.01 0.69
CA THR A 28 -6.54 6.30 0.80
C THR A 28 -5.69 6.58 -0.44
N GLN A 29 -4.85 5.61 -0.80
CA GLN A 29 -3.98 5.76 -1.97
C GLN A 29 -4.82 5.87 -3.24
N TRP A 30 -5.85 5.05 -3.35
CA TRP A 30 -6.71 5.07 -4.53
C TRP A 30 -7.45 6.40 -4.62
N SER A 31 -7.84 6.95 -3.47
CA SER A 31 -8.56 8.22 -3.44
C SER A 31 -7.71 9.34 -4.05
N LYS A 32 -6.40 9.14 -4.07
CA LYS A 32 -5.49 10.15 -4.63
C LYS A 32 -5.51 10.09 -6.15
N THR A 33 -6.14 9.06 -6.69
CA THR A 33 -6.22 8.88 -8.14
C THR A 33 -7.15 9.93 -8.76
N PHE A 34 -7.97 10.55 -7.91
CA PHE A 34 -8.93 11.57 -8.36
C PHE A 34 -9.06 12.65 -7.30
N THR A 35 -9.45 13.85 -7.73
CA THR A 35 -9.63 14.98 -6.81
C THR A 35 -11.07 15.46 -6.86
N PHE A 36 -11.42 16.37 -5.94
CA PHE A 36 -12.77 16.90 -5.88
C PHE A 36 -12.78 18.37 -6.29
N VAL A 37 -13.54 18.69 -7.33
CA VAL A 37 -13.63 20.06 -7.82
C VAL A 37 -15.09 20.49 -7.91
N ARG A 38 -15.40 21.62 -7.29
CA ARG A 38 -16.77 22.14 -7.30
C ARG A 38 -17.79 21.01 -7.09
N GLY A 39 -17.42 20.02 -6.27
CA GLY A 39 -18.30 18.91 -6.00
C GLY A 39 -18.38 17.97 -7.19
N ARG A 40 -17.30 17.90 -7.97
CA ARG A 40 -17.25 17.03 -9.15
C ARG A 40 -16.01 16.16 -9.12
N THR A 41 -16.19 14.86 -9.30
CA THR A 41 -15.07 13.92 -9.30
C THR A 41 -14.21 14.13 -10.54
N VAL A 42 -12.90 14.31 -10.32
CA VAL A 42 -11.96 14.52 -11.42
C VAL A 42 -10.74 13.61 -11.26
N SER A 43 -10.35 12.94 -12.34
CA SER A 43 -9.21 12.05 -12.30
C SER A 43 -7.90 12.85 -12.32
N VAL A 44 -6.92 12.40 -11.54
CA VAL A 44 -5.63 13.09 -11.48
C VAL A 44 -4.87 12.89 -12.79
N SER A 45 -4.18 13.94 -13.23
CA SER A 45 -3.41 13.88 -14.47
C SER A 45 -2.19 12.96 -14.32
N ASP A 46 -1.56 13.03 -13.14
CA ASP A 46 -0.37 12.22 -12.86
C ASP A 46 -0.35 11.78 -11.40
N PRO A 47 -1.10 10.77 -11.04
CA PRO A 47 -1.16 10.26 -9.64
C PRO A 47 0.03 9.38 -9.29
N LYS A 48 0.82 9.83 -8.31
CA LYS A 48 2.00 9.08 -7.86
C LYS A 48 1.73 8.47 -6.49
N VAL A 49 1.56 7.15 -6.46
CA VAL A 49 1.31 6.44 -5.22
C VAL A 49 1.97 5.06 -5.25
N ILE A 50 2.24 4.51 -4.06
CA ILE A 50 2.87 3.20 -3.97
C ILE A 50 1.81 2.13 -3.71
N CYS A 51 2.11 0.90 -4.10
CA CYS A 51 1.17 -0.21 -3.90
C CYS A 51 1.28 -0.77 -2.49
N ARG A 52 0.34 -1.63 -2.13
CA ARG A 52 0.33 -2.24 -0.81
C ARG A 52 1.51 -3.20 -0.63
N THR A 53 1.85 -3.92 -1.70
CA THR A 53 2.95 -4.89 -1.64
C THR A 53 4.29 -4.19 -1.39
N CYS A 54 4.45 -3.01 -1.96
CA CYS A 54 5.69 -2.24 -1.80
C CYS A 54 5.77 -1.66 -0.38
N GLN A 55 4.71 -1.84 0.39
CA GLN A 55 4.65 -1.33 1.76
C GLN A 55 4.54 -2.49 2.77
N PRO A 56 5.62 -3.19 3.03
CA PRO A 56 5.61 -4.35 3.97
C PRO A 56 5.54 -3.89 5.42
N LYS A 57 4.94 -2.73 5.64
CA LYS A 57 4.80 -2.19 7.00
C LYS A 57 3.98 -3.14 7.87
N GLN A 58 2.95 -3.74 7.27
CA GLN A 58 2.10 -4.67 7.99
C GLN A 58 2.75 -6.06 8.06
N HIS A 59 2.76 -6.64 9.26
CA HIS A 59 3.36 -7.96 9.45
C HIS A 59 2.34 -9.05 9.15
N ASP A 60 1.24 -8.67 8.52
CA ASP A 60 0.18 -9.61 8.18
C ASP A 60 0.69 -10.64 7.19
N SER A 61 1.71 -10.26 6.41
CA SER A 61 2.30 -11.15 5.42
C SER A 61 3.81 -10.97 5.37
N ILE A 62 4.51 -12.01 4.90
CA ILE A 62 5.97 -11.97 4.80
C ILE A 62 6.42 -12.41 3.42
N TRP A 63 7.39 -11.69 2.86
CA TRP A 63 7.90 -12.01 1.54
C TRP A 63 8.82 -13.23 1.60
N CYS A 64 8.48 -14.25 0.81
CA CYS A 64 9.29 -15.47 0.76
C CYS A 64 10.19 -15.44 -0.47
N THR A 65 11.47 -15.74 -0.28
CA THR A 65 12.42 -15.76 -1.39
C THR A 65 12.51 -17.16 -1.98
N ALA A 66 11.93 -18.15 -1.28
CA ALA A 66 11.96 -19.53 -1.76
C ALA A 66 10.82 -19.78 -2.75
N CYS A 67 9.74 -19.00 -2.63
CA CYS A 67 8.59 -19.14 -3.52
C CYS A 67 8.55 -17.99 -4.54
N GLN A 68 8.93 -16.80 -4.09
CA GLN A 68 8.92 -15.61 -4.94
C GLN A 68 7.51 -15.04 -5.02
N GLN A 69 6.77 -15.13 -3.91
CA GLN A 69 5.40 -14.61 -3.87
C GLN A 69 5.04 -14.16 -2.44
N THR A 70 3.96 -13.41 -2.33
CA THR A 70 3.51 -12.93 -1.03
C THR A 70 2.86 -14.06 -0.23
N LYS A 71 3.12 -14.10 1.07
CA LYS A 71 2.57 -15.15 1.92
C LYS A 71 2.05 -14.55 3.23
N GLY A 72 0.92 -15.05 3.70
CA GLY A 72 0.35 -14.55 4.94
C GLY A 72 1.25 -14.86 6.13
N ILE A 73 0.95 -14.24 7.26
CA ILE A 73 1.74 -14.44 8.47
C ILE A 73 1.38 -15.75 9.17
N ASN A 74 0.14 -16.19 8.97
CA ASN A 74 -0.33 -17.44 9.58
C ASN A 74 0.51 -18.63 9.13
N GLU A 75 0.79 -18.69 7.83
CA GLU A 75 1.58 -19.79 7.28
C GLU A 75 3.07 -19.54 7.50
N PHE A 76 3.38 -18.66 8.46
CA PHE A 76 4.76 -18.33 8.78
C PHE A 76 4.99 -18.32 10.28
N SER A 77 6.22 -18.68 10.68
CA SER A 77 6.59 -18.71 12.09
C SER A 77 7.23 -17.38 12.50
N LYS A 78 7.49 -17.23 13.78
CA LYS A 78 8.11 -16.02 14.31
C LYS A 78 9.61 -16.00 14.00
N ALA A 79 10.22 -17.17 14.00
CA ALA A 79 11.66 -17.28 13.76
C ALA A 79 12.01 -16.79 12.35
N GLN A 80 11.15 -17.11 11.38
CA GLN A 80 11.37 -16.71 10.00
C GLN A 80 11.52 -15.19 9.90
N ARG A 81 11.00 -14.49 10.89
CA ARG A 81 11.08 -13.03 10.91
C ARG A 81 12.50 -12.58 11.24
N HIS A 82 13.17 -13.33 12.13
CA HIS A 82 14.53 -12.99 12.55
C HIS A 82 15.51 -13.10 11.38
N VAL A 83 15.40 -14.17 10.60
CA VAL A 83 16.29 -14.37 9.47
C VAL A 83 16.02 -13.31 8.40
N LEU A 84 17.06 -12.96 7.66
CA LEU A 84 16.94 -11.94 6.63
C LEU A 84 16.25 -12.51 5.39
N ASP A 85 16.11 -13.82 5.36
CA ASP A 85 15.47 -14.50 4.22
C ASP A 85 14.38 -15.46 4.71
N PRO A 86 13.22 -14.95 5.02
CA PRO A 86 12.08 -15.79 5.51
C PRO A 86 11.67 -16.85 4.49
N ARG A 87 11.28 -18.02 4.99
CA ARG A 87 10.88 -19.12 4.11
C ARG A 87 9.65 -19.83 4.68
N CYS A 88 8.58 -19.90 3.89
CA CYS A 88 7.35 -20.56 4.34
C CYS A 88 7.66 -21.84 5.09
N GLN A 89 6.75 -22.25 5.96
CA GLN A 89 6.95 -23.47 6.73
C GLN A 89 7.13 -24.66 5.80
N ILE A 90 6.67 -24.51 4.56
CA ILE A 90 6.80 -25.58 3.58
C ILE A 90 8.13 -25.44 2.82
N CYS A 91 8.72 -24.24 2.87
CA CYS A 91 10.00 -24.01 2.19
C CYS A 91 11.17 -24.49 3.04
N VAL A 92 11.04 -24.35 4.36
CA VAL A 92 12.09 -24.79 5.28
C VAL A 92 12.21 -26.31 5.26
N HIS A 93 11.06 -26.99 5.20
CA HIS A 93 11.05 -28.45 5.20
C HIS A 93 11.22 -28.98 3.77
N SER A 94 11.53 -28.09 2.84
CA SER A 94 11.72 -28.49 1.44
C SER A 94 13.19 -28.78 1.16
N GLN A 95 14.05 -27.80 1.44
CA GLN A 95 15.50 -27.95 1.22
C GLN A 95 16.30 -27.29 2.33
N ARG A 96 15.66 -27.13 3.49
CA ARG A 96 16.32 -26.51 4.63
C ARG A 96 17.00 -25.21 4.21
N ASN A 97 18.29 -25.30 3.88
CA ASN A 97 19.05 -24.12 3.47
C ASN A 97 20.40 -24.53 2.89
N MET A 2 -14.51 2.33 -17.36
CA MET A 2 -14.35 3.65 -18.05
C MET A 2 -15.74 4.20 -18.39
N GLY A 3 -16.71 3.92 -17.53
CA GLY A 3 -18.07 4.40 -17.75
C GLY A 3 -19.05 3.68 -16.84
N LYS A 4 -19.27 2.39 -17.09
CA LYS A 4 -20.19 1.59 -16.29
C LYS A 4 -19.52 1.13 -15.01
N ASN A 5 -18.20 1.27 -14.95
CA ASN A 5 -17.43 0.87 -13.78
C ASN A 5 -16.18 1.72 -13.63
N ASP A 6 -16.35 2.91 -13.06
CA ASP A 6 -15.23 3.82 -12.87
C ASP A 6 -14.32 3.32 -11.75
N ASN A 7 -14.79 2.32 -11.01
CA ASN A 7 -14.02 1.75 -9.91
C ASN A 7 -13.08 0.67 -10.41
N ASP A 8 -13.14 0.40 -11.72
CA ASP A 8 -12.29 -0.61 -12.33
C ASP A 8 -10.98 0.01 -12.79
N ALA A 9 -10.71 1.22 -12.32
CA ALA A 9 -9.49 1.93 -12.68
C ALA A 9 -8.27 1.17 -12.14
N LEU A 10 -7.17 1.20 -12.89
CA LEU A 10 -5.94 0.51 -12.48
C LEU A 10 -4.87 1.55 -12.18
N ILE A 11 -4.31 1.47 -10.98
CA ILE A 11 -3.28 2.42 -10.56
C ILE A 11 -1.89 1.86 -10.85
N MET A 12 -1.10 2.64 -11.57
CA MET A 12 0.26 2.23 -11.92
C MET A 12 1.22 2.50 -10.77
N CYS A 13 2.02 1.50 -10.40
CA CYS A 13 2.97 1.66 -9.31
C CYS A 13 4.27 2.30 -9.80
N MET A 14 4.67 3.37 -9.14
CA MET A 14 5.89 4.07 -9.54
C MET A 14 7.13 3.23 -9.26
N ARG A 15 6.94 2.04 -8.71
CA ARG A 15 8.08 1.16 -8.38
C ARG A 15 8.00 -0.16 -9.15
N CYS A 16 7.13 -1.05 -8.70
CA CYS A 16 6.98 -2.36 -9.36
C CYS A 16 6.07 -2.27 -10.57
N ARG A 17 5.57 -1.06 -10.85
CA ARG A 17 4.69 -0.83 -11.99
C ARG A 17 3.72 -1.98 -12.18
N LYS A 18 3.17 -2.48 -11.08
CA LYS A 18 2.23 -3.58 -11.13
C LYS A 18 0.81 -3.04 -11.01
N VAL A 19 0.23 -2.66 -12.17
CA VAL A 19 -1.11 -2.11 -12.20
C VAL A 19 -2.05 -2.96 -11.35
N LYS A 20 -2.80 -2.31 -10.47
CA LYS A 20 -3.74 -3.01 -9.58
C LYS A 20 -4.98 -2.16 -9.35
N GLY A 21 -6.10 -2.84 -9.18
CA GLY A 21 -7.37 -2.16 -8.95
C GLY A 21 -7.52 -1.80 -7.47
N ILE A 22 -8.59 -1.10 -7.15
CA ILE A 22 -8.84 -0.68 -5.78
C ILE A 22 -8.78 -1.85 -4.78
N ASP A 23 -8.86 -3.08 -5.28
CA ASP A 23 -8.81 -4.26 -4.41
C ASP A 23 -7.40 -4.45 -3.82
N SER A 24 -6.39 -4.32 -4.67
CA SER A 24 -5.00 -4.48 -4.25
C SER A 24 -4.39 -3.13 -3.88
N TYR A 25 -5.22 -2.08 -3.91
CA TYR A 25 -4.79 -0.73 -3.56
C TYR A 25 -5.61 -0.18 -2.41
N SER A 26 -4.93 0.41 -1.44
CA SER A 26 -5.59 0.98 -0.28
C SER A 26 -6.57 2.06 -0.72
N LYS A 27 -7.66 2.20 0.02
CA LYS A 27 -8.67 3.19 -0.31
C LYS A 27 -8.08 4.59 -0.24
N THR A 28 -7.25 4.83 0.76
CA THR A 28 -6.62 6.14 0.92
C THR A 28 -5.74 6.47 -0.28
N GLN A 29 -4.91 5.51 -0.68
CA GLN A 29 -4.02 5.71 -1.82
C GLN A 29 -4.82 5.86 -3.11
N TRP A 30 -5.86 5.06 -3.25
CA TRP A 30 -6.71 5.12 -4.44
C TRP A 30 -7.39 6.48 -4.55
N SER A 31 -7.77 7.04 -3.40
CA SER A 31 -8.43 8.34 -3.39
C SER A 31 -7.52 9.45 -3.93
N LYS A 32 -6.22 9.20 -3.91
CA LYS A 32 -5.25 10.18 -4.40
C LYS A 32 -5.21 10.16 -5.92
N THR A 33 -5.84 9.15 -6.50
CA THR A 33 -5.87 9.02 -7.96
C THR A 33 -6.83 10.02 -8.59
N PHE A 34 -7.70 10.59 -7.76
CA PHE A 34 -8.67 11.57 -8.23
C PHE A 34 -8.95 12.59 -7.13
N THR A 35 -9.47 13.76 -7.51
CA THR A 35 -9.78 14.81 -6.55
C THR A 35 -11.21 15.30 -6.74
N PHE A 36 -11.68 16.16 -5.84
CA PHE A 36 -13.04 16.69 -5.93
C PHE A 36 -13.00 18.16 -6.35
N VAL A 37 -13.58 18.45 -7.52
CA VAL A 37 -13.61 19.81 -8.04
C VAL A 37 -15.03 20.19 -8.43
N ARG A 38 -15.47 21.37 -8.00
CA ARG A 38 -16.81 21.83 -8.31
C ARG A 38 -17.84 20.73 -8.11
N GLY A 39 -17.60 19.88 -7.12
CA GLY A 39 -18.53 18.78 -6.82
C GLY A 39 -18.51 17.74 -7.94
N ARG A 40 -17.37 17.64 -8.62
CA ARG A 40 -17.21 16.66 -9.71
C ARG A 40 -15.91 15.89 -9.55
N THR A 41 -16.00 14.57 -9.70
CA THR A 41 -14.82 13.72 -9.58
C THR A 41 -13.86 13.99 -10.73
N VAL A 42 -12.59 14.22 -10.40
CA VAL A 42 -11.56 14.49 -11.41
C VAL A 42 -10.35 13.59 -11.19
N SER A 43 -9.94 12.89 -12.24
CA SER A 43 -8.78 12.00 -12.14
C SER A 43 -7.50 12.80 -12.05
N VAL A 44 -6.48 12.23 -11.40
CA VAL A 44 -5.20 12.92 -11.26
C VAL A 44 -4.21 12.39 -12.30
N SER A 45 -3.76 13.26 -13.20
CA SER A 45 -2.82 12.86 -14.23
C SER A 45 -1.44 12.60 -13.65
N ASP A 46 -1.38 12.39 -12.34
CA ASP A 46 -0.12 12.13 -11.65
C ASP A 46 -0.33 11.23 -10.44
N PRO A 47 -0.77 10.02 -10.65
CA PRO A 47 -1.01 9.05 -9.56
C PRO A 47 0.30 8.42 -9.07
N LYS A 48 1.02 9.15 -8.21
CA LYS A 48 2.29 8.65 -7.67
C LYS A 48 2.08 8.16 -6.25
N VAL A 49 1.86 6.86 -6.12
CA VAL A 49 1.66 6.23 -4.81
C VAL A 49 2.34 4.87 -4.78
N ILE A 50 2.53 4.34 -3.57
CA ILE A 50 3.19 3.04 -3.40
C ILE A 50 2.17 1.94 -3.14
N CYS A 51 2.19 0.91 -3.98
CA CYS A 51 1.25 -0.20 -3.83
C CYS A 51 1.49 -0.96 -2.52
N ARG A 52 0.56 -1.85 -2.19
CA ARG A 52 0.67 -2.65 -0.96
C ARG A 52 1.88 -3.57 -1.03
N THR A 53 2.14 -4.13 -2.21
CA THR A 53 3.27 -5.04 -2.38
C THR A 53 4.58 -4.31 -2.06
N CYS A 54 4.70 -3.10 -2.57
CA CYS A 54 5.88 -2.28 -2.34
C CYS A 54 5.83 -1.62 -0.97
N GLN A 55 4.66 -1.70 -0.32
CA GLN A 55 4.50 -1.09 1.00
C GLN A 55 5.15 -1.95 2.09
N PRO A 56 5.96 -1.40 2.97
CA PRO A 56 6.62 -2.20 4.06
C PRO A 56 5.62 -2.61 5.14
N LYS A 57 5.99 -3.62 5.92
CA LYS A 57 5.12 -4.10 6.99
C LYS A 57 4.54 -2.93 7.78
N GLN A 58 3.28 -3.07 8.19
CA GLN A 58 2.62 -2.02 8.95
C GLN A 58 3.55 -1.46 10.02
N HIS A 59 3.59 -0.14 10.13
CA HIS A 59 4.44 0.51 11.12
C HIS A 59 3.96 0.19 12.53
N ASP A 60 2.64 0.14 12.70
CA ASP A 60 2.06 -0.16 14.01
C ASP A 60 0.68 -0.78 13.84
N SER A 61 0.06 -1.15 14.96
CA SER A 61 -1.27 -1.76 14.96
C SER A 61 -2.15 -1.15 16.03
N ILE A 62 -3.47 -1.26 15.85
CA ILE A 62 -4.42 -0.71 16.82
C ILE A 62 -5.43 -1.77 17.24
N TRP A 63 -5.63 -1.90 18.55
CA TRP A 63 -6.58 -2.89 19.08
C TRP A 63 -7.99 -2.29 19.13
N CYS A 64 -8.95 -3.03 18.59
CA CYS A 64 -10.35 -2.59 18.59
C CYS A 64 -11.13 -3.27 19.70
N THR A 65 -12.05 -2.54 20.31
CA THR A 65 -12.88 -3.09 21.38
C THR A 65 -14.26 -3.45 20.84
N ALA A 66 -14.57 -2.98 19.63
CA ALA A 66 -15.86 -3.26 19.01
C ALA A 66 -15.79 -4.48 18.10
N CYS A 67 -14.57 -4.95 17.83
CA CYS A 67 -14.35 -6.12 16.98
C CYS A 67 -13.48 -7.14 17.70
N GLN A 68 -12.98 -6.77 18.86
CA GLN A 68 -12.13 -7.64 19.65
C GLN A 68 -11.01 -8.22 18.79
N GLN A 69 -10.64 -7.49 17.73
CA GLN A 69 -9.58 -7.93 16.82
C GLN A 69 -8.61 -6.80 16.56
N THR A 70 -7.32 -7.15 16.46
CA THR A 70 -6.27 -6.16 16.21
C THR A 70 -6.03 -6.01 14.71
N LYS A 71 -6.02 -4.77 14.23
CA LYS A 71 -5.80 -4.48 12.82
C LYS A 71 -4.70 -3.45 12.64
N GLY A 72 -4.11 -3.40 11.45
CA GLY A 72 -3.04 -2.45 11.17
C GLY A 72 -3.59 -1.03 11.10
N ILE A 73 -2.68 -0.06 11.04
CA ILE A 73 -3.08 1.34 10.96
C ILE A 73 -3.64 1.67 9.58
N ASN A 74 -3.29 0.85 8.59
CA ASN A 74 -3.74 1.07 7.22
C ASN A 74 -5.27 0.97 7.13
N GLU A 75 -5.85 0.00 7.83
CA GLU A 75 -7.31 -0.19 7.82
C GLU A 75 -7.95 0.60 8.94
N PHE A 76 -7.22 1.59 9.46
CA PHE A 76 -7.71 2.43 10.55
C PHE A 76 -7.53 3.91 10.21
N SER A 77 -8.45 4.71 10.71
CA SER A 77 -8.41 6.15 10.49
C SER A 77 -7.36 6.79 11.37
N LYS A 78 -6.83 7.92 10.91
CA LYS A 78 -5.80 8.63 11.67
C LYS A 78 -6.38 9.15 12.99
N ALA A 79 -7.59 9.70 12.93
CA ALA A 79 -8.24 10.24 14.12
C ALA A 79 -8.54 9.13 15.13
N GLN A 80 -8.92 7.96 14.63
CA GLN A 80 -9.22 6.83 15.50
C GLN A 80 -7.98 6.41 16.30
N ARG A 81 -6.81 6.63 15.71
CA ARG A 81 -5.56 6.27 16.39
C ARG A 81 -5.18 7.35 17.41
N HIS A 82 -5.70 8.56 17.22
CA HIS A 82 -5.39 9.68 18.12
C HIS A 82 -6.40 9.78 19.27
N VAL A 83 -7.15 8.70 19.51
CA VAL A 83 -8.14 8.69 20.59
C VAL A 83 -8.03 7.39 21.40
N LEU A 84 -8.57 7.41 22.62
CA LEU A 84 -8.54 6.24 23.50
C LEU A 84 -9.76 5.36 23.26
N ASP A 85 -10.18 5.27 22.00
CA ASP A 85 -11.33 4.47 21.64
C ASP A 85 -11.33 4.21 20.13
N PRO A 86 -10.30 3.60 19.62
CA PRO A 86 -10.19 3.31 18.16
C PRO A 86 -11.22 2.28 17.69
N ARG A 87 -11.80 2.54 16.51
CA ARG A 87 -12.79 1.64 15.94
C ARG A 87 -12.52 1.46 14.44
N CYS A 88 -12.19 0.22 14.04
CA CYS A 88 -11.90 -0.07 12.63
C CYS A 88 -12.91 0.62 11.72
N GLN A 89 -12.48 0.96 10.52
CA GLN A 89 -13.37 1.61 9.56
C GLN A 89 -14.64 0.79 9.36
N ILE A 90 -14.66 -0.42 9.90
CA ILE A 90 -15.83 -1.30 9.76
C ILE A 90 -16.84 -1.08 10.90
N CYS A 91 -16.35 -1.09 12.15
CA CYS A 91 -17.23 -0.91 13.31
C CYS A 91 -17.87 0.48 13.31
N VAL A 92 -17.21 1.46 12.69
CA VAL A 92 -17.76 2.81 12.64
C VAL A 92 -18.95 2.86 11.70
N HIS A 93 -18.80 2.21 10.54
CA HIS A 93 -19.85 2.18 9.53
C HIS A 93 -20.91 1.14 9.89
N SER A 94 -20.67 0.40 10.97
CA SER A 94 -21.61 -0.63 11.42
C SER A 94 -22.36 -0.17 12.67
N GLN A 95 -21.62 -0.01 13.77
CA GLN A 95 -22.21 0.44 15.03
C GLN A 95 -22.16 1.95 15.15
N ARG A 96 -22.16 2.64 14.01
CA ARG A 96 -22.12 4.10 14.00
C ARG A 96 -20.92 4.60 14.80
N ASN A 97 -20.88 5.90 15.05
CA ASN A 97 -19.79 6.51 15.80
C ASN A 97 -20.05 6.41 17.30
N MET A 2 -23.48 -4.97 -18.42
CA MET A 2 -24.58 -5.32 -17.47
C MET A 2 -24.03 -5.35 -16.05
N GLY A 3 -24.10 -4.20 -15.36
CA GLY A 3 -23.59 -4.11 -14.00
C GLY A 3 -22.09 -3.88 -13.98
N LYS A 4 -21.57 -3.23 -15.03
CA LYS A 4 -20.15 -2.95 -15.12
C LYS A 4 -19.73 -1.98 -14.03
N ASN A 5 -18.61 -2.28 -13.38
CA ASN A 5 -18.09 -1.42 -12.31
C ASN A 5 -17.11 -0.40 -12.87
N ASP A 6 -17.25 0.84 -12.42
CA ASP A 6 -16.37 1.92 -12.88
C ASP A 6 -15.10 1.97 -12.03
N ASN A 7 -15.05 1.15 -10.99
CA ASN A 7 -13.89 1.11 -10.10
C ASN A 7 -12.87 0.09 -10.61
N ASP A 8 -13.10 -0.42 -11.81
CA ASP A 8 -12.19 -1.39 -12.39
C ASP A 8 -10.93 -0.71 -12.89
N ALA A 9 -10.67 0.50 -12.38
CA ALA A 9 -9.49 1.25 -12.78
C ALA A 9 -8.22 0.50 -12.37
N LEU A 10 -7.19 0.58 -13.21
CA LEU A 10 -5.92 -0.09 -12.93
C LEU A 10 -4.77 0.91 -12.97
N ILE A 11 -4.20 1.17 -11.81
CA ILE A 11 -3.08 2.12 -11.70
C ILE A 11 -1.78 1.37 -11.44
N MET A 12 -0.75 1.74 -12.19
CA MET A 12 0.56 1.11 -12.04
C MET A 12 1.32 1.76 -10.88
N CYS A 13 1.94 0.93 -10.06
CA CYS A 13 2.73 1.44 -8.93
C CYS A 13 4.12 1.85 -9.43
N MET A 14 4.43 3.12 -9.28
CA MET A 14 5.73 3.64 -9.74
C MET A 14 6.88 3.01 -8.96
N ARG A 15 6.57 2.17 -7.99
CA ARG A 15 7.61 1.52 -7.19
C ARG A 15 8.09 0.24 -7.90
N CYS A 16 7.17 -0.70 -8.09
CA CYS A 16 7.51 -1.97 -8.77
C CYS A 16 6.86 -2.04 -10.15
N ARG A 17 6.21 -0.95 -10.57
CA ARG A 17 5.57 -0.90 -11.88
C ARG A 17 4.58 -2.05 -12.05
N LYS A 18 3.82 -2.33 -11.00
CA LYS A 18 2.82 -3.40 -11.06
C LYS A 18 1.44 -2.82 -11.32
N VAL A 19 0.75 -3.39 -12.30
CA VAL A 19 -0.59 -2.92 -12.66
C VAL A 19 -1.63 -3.71 -11.88
N LYS A 20 -2.43 -2.99 -11.10
CA LYS A 20 -3.47 -3.61 -10.28
C LYS A 20 -4.63 -2.66 -10.09
N GLY A 21 -5.76 -3.19 -9.63
CA GLY A 21 -6.96 -2.40 -9.38
C GLY A 21 -7.12 -2.07 -7.90
N ILE A 22 -8.29 -1.56 -7.54
CA ILE A 22 -8.56 -1.20 -6.15
C ILE A 22 -8.31 -2.37 -5.20
N ASP A 23 -7.98 -3.53 -5.75
CA ASP A 23 -7.71 -4.71 -4.94
C ASP A 23 -6.33 -4.60 -4.27
N SER A 24 -5.30 -4.48 -5.11
CA SER A 24 -3.92 -4.36 -4.63
C SER A 24 -3.62 -2.92 -4.25
N TYR A 25 -4.64 -2.06 -4.29
CA TYR A 25 -4.48 -0.64 -3.95
C TYR A 25 -5.41 -0.26 -2.79
N SER A 26 -4.84 0.30 -1.74
CA SER A 26 -5.61 0.72 -0.58
C SER A 26 -6.59 1.82 -0.98
N LYS A 27 -7.68 1.93 -0.23
CA LYS A 27 -8.69 2.94 -0.51
C LYS A 27 -8.09 4.34 -0.45
N THR A 28 -7.25 4.57 0.54
CA THR A 28 -6.62 5.87 0.70
C THR A 28 -5.79 6.22 -0.52
N GLN A 29 -4.96 5.27 -0.97
CA GLN A 29 -4.13 5.50 -2.15
C GLN A 29 -4.97 5.59 -3.41
N TRP A 30 -5.84 4.61 -3.61
CA TRP A 30 -6.70 4.58 -4.79
C TRP A 30 -7.51 5.87 -4.88
N SER A 31 -7.90 6.41 -3.72
CA SER A 31 -8.68 7.64 -3.68
C SER A 31 -7.91 8.81 -4.32
N LYS A 32 -6.60 8.81 -4.14
CA LYS A 32 -5.76 9.88 -4.69
C LYS A 32 -5.83 9.88 -6.20
N THR A 33 -6.47 8.85 -6.76
CA THR A 33 -6.58 8.74 -8.21
C THR A 33 -7.49 9.82 -8.77
N PHE A 34 -8.33 10.40 -7.90
CA PHE A 34 -9.25 11.46 -8.28
C PHE A 34 -9.31 12.53 -7.20
N THR A 35 -9.55 13.77 -7.63
CA THR A 35 -9.62 14.91 -6.71
C THR A 35 -10.95 15.61 -6.87
N PHE A 36 -11.28 16.48 -5.91
CA PHE A 36 -12.54 17.21 -5.95
C PHE A 36 -12.31 18.64 -6.45
N VAL A 37 -13.01 18.99 -7.51
CA VAL A 37 -12.90 20.32 -8.10
C VAL A 37 -14.29 20.90 -8.36
N ARG A 38 -14.46 22.18 -7.99
CA ARG A 38 -15.74 22.85 -8.20
C ARG A 38 -16.88 22.03 -7.60
N GLY A 39 -16.56 21.19 -6.62
CA GLY A 39 -17.57 20.37 -5.96
C GLY A 39 -17.85 19.11 -6.76
N ARG A 40 -16.94 18.76 -7.67
CA ARG A 40 -17.10 17.57 -8.51
C ARG A 40 -15.82 16.74 -8.48
N THR A 41 -15.98 15.43 -8.64
CA THR A 41 -14.82 14.52 -8.64
C THR A 41 -14.13 14.53 -10.00
N VAL A 42 -12.81 14.68 -10.00
CA VAL A 42 -12.04 14.69 -11.24
C VAL A 42 -10.86 13.73 -11.16
N SER A 43 -10.75 12.86 -12.16
CA SER A 43 -9.66 11.89 -12.19
C SER A 43 -8.32 12.62 -12.29
N VAL A 44 -7.39 12.28 -11.41
CA VAL A 44 -6.07 12.92 -11.43
C VAL A 44 -5.34 12.60 -12.74
N SER A 45 -4.76 13.62 -13.35
CA SER A 45 -4.03 13.43 -14.61
C SER A 45 -2.89 12.44 -14.44
N ASP A 46 -2.17 12.56 -13.33
CA ASP A 46 -1.04 11.66 -13.06
C ASP A 46 -0.88 11.42 -11.56
N PRO A 47 -1.66 10.52 -10.99
CA PRO A 47 -1.58 10.22 -9.53
C PRO A 47 -0.39 9.33 -9.19
N LYS A 48 0.20 9.57 -8.01
CA LYS A 48 1.36 8.81 -7.57
C LYS A 48 1.02 8.03 -6.30
N VAL A 49 1.04 6.71 -6.42
CA VAL A 49 0.75 5.83 -5.28
C VAL A 49 1.63 4.58 -5.33
N ILE A 50 1.68 3.87 -4.21
CA ILE A 50 2.48 2.65 -4.11
C ILE A 50 1.60 1.46 -3.65
N CYS A 51 2.11 0.24 -3.83
CA CYS A 51 1.38 -0.95 -3.43
C CYS A 51 1.43 -1.16 -1.93
N ARG A 52 0.47 -1.91 -1.42
CA ARG A 52 0.42 -2.19 0.00
C ARG A 52 1.64 -2.99 0.43
N THR A 53 2.07 -3.92 -0.42
CA THR A 53 3.24 -4.75 -0.12
C THR A 53 4.54 -3.96 -0.26
N CYS A 54 4.59 -3.08 -1.26
CA CYS A 54 5.78 -2.27 -1.49
C CYS A 54 6.10 -1.44 -0.25
N GLN A 55 5.06 -1.08 0.50
CA GLN A 55 5.25 -0.27 1.70
C GLN A 55 6.43 -0.79 2.53
N PRO A 56 7.10 0.08 3.27
CA PRO A 56 8.25 -0.34 4.13
C PRO A 56 7.96 -1.63 4.90
N LYS A 57 9.02 -2.28 5.38
CA LYS A 57 8.88 -3.51 6.12
C LYS A 57 8.10 -3.27 7.42
N GLN A 58 7.18 -4.18 7.71
CA GLN A 58 6.36 -4.05 8.92
C GLN A 58 6.04 -5.43 9.49
N HIS A 59 6.10 -6.45 8.64
CA HIS A 59 5.82 -7.83 9.07
C HIS A 59 7.12 -8.62 9.21
N ASP A 60 7.53 -8.87 10.44
CA ASP A 60 8.77 -9.61 10.71
C ASP A 60 8.46 -11.10 10.79
N SER A 61 7.19 -11.45 10.63
CA SER A 61 6.76 -12.86 10.69
C SER A 61 5.85 -13.19 9.52
N ILE A 62 5.89 -14.44 9.08
CA ILE A 62 5.06 -14.90 7.97
C ILE A 62 4.35 -16.20 8.31
N TRP A 63 3.07 -16.28 7.98
CA TRP A 63 2.28 -17.48 8.26
C TRP A 63 2.48 -18.51 7.15
N CYS A 64 2.90 -19.72 7.54
CA CYS A 64 3.09 -20.81 6.58
C CYS A 64 1.91 -21.76 6.65
N THR A 65 1.44 -22.20 5.48
CA THR A 65 0.30 -23.12 5.42
C THR A 65 0.79 -24.55 5.25
N ALA A 66 2.09 -24.71 4.96
CA ALA A 66 2.66 -26.03 4.77
C ALA A 66 3.07 -26.63 6.11
N CYS A 67 3.48 -25.77 7.05
CA CYS A 67 3.89 -26.22 8.37
C CYS A 67 2.76 -26.02 9.38
N GLN A 68 1.93 -25.00 9.14
CA GLN A 68 0.82 -24.68 10.02
C GLN A 68 1.31 -23.98 11.27
N GLN A 69 2.45 -23.29 11.16
CA GLN A 69 3.02 -22.56 12.29
C GLN A 69 3.59 -21.22 11.84
N THR A 70 3.71 -20.29 12.78
CA THR A 70 4.22 -18.96 12.47
C THR A 70 5.74 -18.99 12.43
N LYS A 71 6.31 -18.51 11.33
CA LYS A 71 7.77 -18.47 11.16
C LYS A 71 8.25 -17.03 11.00
N GLY A 72 9.34 -16.71 11.69
CA GLY A 72 9.91 -15.37 11.63
C GLY A 72 10.38 -15.04 10.23
N ILE A 73 10.70 -13.78 10.00
CA ILE A 73 11.18 -13.34 8.70
C ILE A 73 12.57 -13.91 8.41
N ASN A 74 13.36 -14.10 9.45
CA ASN A 74 14.70 -14.63 9.30
C ASN A 74 14.66 -16.05 8.74
N GLU A 75 13.71 -16.85 9.23
CA GLU A 75 13.57 -18.23 8.77
C GLU A 75 12.83 -18.28 7.44
N PHE A 76 12.64 -17.11 6.83
CA PHE A 76 11.94 -17.02 5.55
C PHE A 76 12.83 -16.36 4.50
N SER A 77 12.77 -16.89 3.27
CA SER A 77 13.56 -16.36 2.17
C SER A 77 12.88 -15.14 1.58
N LYS A 78 13.63 -14.39 0.78
CA LYS A 78 13.10 -13.19 0.14
C LYS A 78 12.17 -13.56 -1.02
N ALA A 79 12.60 -14.53 -1.82
CA ALA A 79 11.82 -14.97 -2.97
C ALA A 79 10.51 -15.60 -2.52
N GLN A 80 10.51 -16.19 -1.33
CA GLN A 80 9.32 -16.84 -0.80
C GLN A 80 8.27 -15.80 -0.43
N ARG A 81 8.59 -14.91 0.49
CA ARG A 81 7.65 -13.87 0.91
C ARG A 81 7.18 -13.05 -0.28
N HIS A 82 7.78 -13.31 -1.45
CA HIS A 82 7.43 -12.58 -2.66
C HIS A 82 6.37 -13.34 -3.47
N VAL A 83 5.67 -14.27 -2.81
CA VAL A 83 4.64 -15.07 -3.47
C VAL A 83 3.36 -15.07 -2.64
N LEU A 84 2.26 -15.48 -3.26
CA LEU A 84 0.97 -15.52 -2.58
C LEU A 84 0.99 -16.48 -1.40
N ASP A 85 1.63 -17.64 -1.60
CA ASP A 85 1.70 -18.66 -0.54
C ASP A 85 3.16 -18.85 -0.08
N PRO A 86 3.59 -18.19 0.98
CA PRO A 86 4.99 -18.31 1.46
C PRO A 86 5.24 -19.63 2.19
N ARG A 87 6.39 -20.24 1.91
CA ARG A 87 6.76 -21.51 2.53
C ARG A 87 8.14 -21.41 3.18
N CYS A 88 8.21 -21.82 4.44
CA CYS A 88 9.48 -21.78 5.17
C CYS A 88 10.56 -22.58 4.43
N GLN A 89 11.81 -22.16 4.58
CA GLN A 89 12.91 -22.84 3.92
C GLN A 89 12.90 -24.33 4.26
N ILE A 90 12.05 -24.72 5.21
CA ILE A 90 11.96 -26.12 5.62
C ILE A 90 10.94 -26.89 4.78
N CYS A 91 9.74 -26.32 4.61
CA CYS A 91 8.69 -26.98 3.83
C CYS A 91 9.09 -27.09 2.36
N VAL A 92 9.86 -26.13 1.87
CA VAL A 92 10.30 -26.16 0.48
C VAL A 92 11.27 -27.32 0.24
N HIS A 93 12.17 -27.53 1.19
CA HIS A 93 13.16 -28.59 1.05
C HIS A 93 12.50 -29.86 0.55
N SER A 94 11.46 -30.30 1.25
CA SER A 94 10.74 -31.52 0.86
C SER A 94 9.59 -31.18 -0.08
N GLN A 95 8.75 -30.24 0.32
CA GLN A 95 7.59 -29.83 -0.49
C GLN A 95 7.97 -28.68 -1.43
N ARG A 96 9.16 -28.75 -2.00
CA ARG A 96 9.62 -27.71 -2.92
C ARG A 96 8.50 -27.27 -3.85
N ASN A 97 8.43 -25.98 -4.13
CA ASN A 97 7.39 -25.45 -5.00
C ASN A 97 7.60 -25.95 -6.42
N MET A 2 -16.01 8.19 -15.22
CA MET A 2 -17.11 9.16 -14.92
C MET A 2 -18.32 8.41 -14.37
N GLY A 3 -18.10 7.64 -13.31
CA GLY A 3 -19.18 6.87 -12.70
C GLY A 3 -19.39 5.54 -13.42
N LYS A 4 -18.44 5.18 -14.27
CA LYS A 4 -18.52 3.93 -15.02
C LYS A 4 -17.18 3.19 -14.98
N ASN A 5 -17.22 1.97 -14.45
CA ASN A 5 -16.01 1.15 -14.35
C ASN A 5 -14.92 1.91 -13.61
N ASP A 6 -15.32 2.77 -12.68
CA ASP A 6 -14.36 3.55 -11.91
C ASP A 6 -13.54 2.65 -11.00
N ASN A 7 -14.22 1.78 -10.27
CA ASN A 7 -13.55 0.86 -9.37
C ASN A 7 -12.67 -0.12 -10.14
N ASP A 8 -13.16 -0.53 -11.30
CA ASP A 8 -12.43 -1.48 -12.13
C ASP A 8 -11.18 -0.83 -12.72
N ALA A 9 -10.88 0.38 -12.25
CA ALA A 9 -9.71 1.10 -12.72
C ALA A 9 -8.43 0.47 -12.18
N LEU A 10 -7.33 0.66 -12.89
CA LEU A 10 -6.04 0.10 -12.48
C LEU A 10 -5.03 1.21 -12.24
N ILE A 11 -4.42 1.20 -11.06
CA ILE A 11 -3.43 2.22 -10.71
C ILE A 11 -2.02 1.67 -10.88
N MET A 12 -1.18 2.45 -11.56
CA MET A 12 0.20 2.04 -11.79
C MET A 12 1.06 2.35 -10.58
N CYS A 13 1.82 1.35 -10.13
CA CYS A 13 2.70 1.53 -8.97
C CYS A 13 4.00 2.22 -9.36
N MET A 14 4.23 3.40 -8.79
CA MET A 14 5.43 4.15 -9.10
C MET A 14 6.67 3.37 -8.68
N ARG A 15 6.46 2.18 -8.12
CA ARG A 15 7.58 1.34 -7.67
C ARG A 15 7.75 0.12 -8.55
N CYS A 16 6.99 -0.94 -8.27
CA CYS A 16 7.10 -2.18 -9.02
C CYS A 16 6.33 -2.08 -10.33
N ARG A 17 5.67 -0.94 -10.54
CA ARG A 17 4.92 -0.73 -11.78
C ARG A 17 3.95 -1.89 -12.03
N LYS A 18 3.29 -2.34 -10.98
CA LYS A 18 2.32 -3.43 -11.11
C LYS A 18 0.90 -2.89 -11.09
N VAL A 19 0.36 -2.63 -12.29
CA VAL A 19 -0.99 -2.11 -12.41
C VAL A 19 -1.98 -3.03 -11.73
N LYS A 20 -2.69 -2.50 -10.74
CA LYS A 20 -3.67 -3.30 -9.99
C LYS A 20 -4.92 -2.47 -9.71
N GLY A 21 -5.99 -3.15 -9.33
CA GLY A 21 -7.26 -2.48 -9.02
C GLY A 21 -7.36 -2.12 -7.56
N ILE A 22 -8.51 -1.59 -7.16
CA ILE A 22 -8.72 -1.21 -5.77
C ILE A 22 -8.48 -2.38 -4.83
N ASP A 23 -8.25 -3.56 -5.39
CA ASP A 23 -8.01 -4.75 -4.58
C ASP A 23 -6.62 -4.72 -3.98
N SER A 24 -5.62 -4.48 -4.81
CA SER A 24 -4.23 -4.43 -4.35
C SER A 24 -3.84 -3.00 -3.96
N TYR A 25 -4.80 -2.09 -4.06
CA TYR A 25 -4.56 -0.68 -3.71
C TYR A 25 -5.47 -0.24 -2.57
N SER A 26 -4.88 0.35 -1.56
CA SER A 26 -5.64 0.82 -0.41
C SER A 26 -6.68 1.84 -0.85
N LYS A 27 -7.76 1.93 -0.09
CA LYS A 27 -8.84 2.86 -0.41
C LYS A 27 -8.30 4.29 -0.47
N THR A 28 -7.39 4.61 0.43
CA THR A 28 -6.80 5.94 0.48
C THR A 28 -5.94 6.20 -0.76
N GLN A 29 -5.05 5.26 -1.06
CA GLN A 29 -4.17 5.40 -2.22
C GLN A 29 -4.99 5.47 -3.50
N TRP A 30 -5.96 4.59 -3.62
CA TRP A 30 -6.81 4.56 -4.82
C TRP A 30 -7.62 5.85 -4.91
N SER A 31 -8.09 6.34 -3.78
CA SER A 31 -8.89 7.56 -3.75
C SER A 31 -8.02 8.79 -4.04
N LYS A 32 -6.74 8.69 -3.70
CA LYS A 32 -5.81 9.79 -3.93
C LYS A 32 -5.62 10.03 -5.42
N THR A 33 -5.81 8.99 -6.21
CA THR A 33 -5.64 9.09 -7.65
C THR A 33 -6.72 9.98 -8.25
N PHE A 34 -7.70 10.37 -7.44
CA PHE A 34 -8.80 11.22 -7.90
C PHE A 34 -8.81 12.52 -7.12
N THR A 35 -9.11 13.61 -7.82
CA THR A 35 -9.16 14.93 -7.20
C THR A 35 -10.57 15.50 -7.30
N PHE A 36 -10.87 16.44 -6.43
CA PHE A 36 -12.19 17.07 -6.41
C PHE A 36 -12.14 18.44 -7.06
N VAL A 37 -13.13 18.73 -7.90
CA VAL A 37 -13.20 20.01 -8.59
C VAL A 37 -14.63 20.52 -8.64
N ARG A 38 -14.82 21.79 -8.31
CA ARG A 38 -16.15 22.39 -8.34
C ARG A 38 -17.19 21.44 -7.73
N GLY A 39 -16.73 20.56 -6.84
CA GLY A 39 -17.62 19.62 -6.19
C GLY A 39 -17.87 18.40 -7.08
N ARG A 40 -16.88 18.08 -7.91
CA ARG A 40 -16.99 16.92 -8.82
C ARG A 40 -15.75 16.05 -8.73
N THR A 41 -15.92 14.76 -8.95
CA THR A 41 -14.80 13.82 -8.89
C THR A 41 -14.08 13.75 -10.23
N VAL A 42 -12.79 14.04 -10.22
CA VAL A 42 -11.98 14.01 -11.44
C VAL A 42 -10.70 13.21 -11.22
N SER A 43 -10.37 12.36 -12.18
CA SER A 43 -9.17 11.54 -12.09
C SER A 43 -7.92 12.42 -12.14
N VAL A 44 -6.89 12.03 -11.40
CA VAL A 44 -5.65 12.78 -11.36
C VAL A 44 -4.89 12.64 -12.68
N SER A 45 -4.24 13.71 -13.12
CA SER A 45 -3.48 13.69 -14.36
C SER A 45 -2.22 12.84 -14.20
N ASP A 46 -1.51 13.02 -13.10
CA ASP A 46 -0.28 12.26 -12.84
C ASP A 46 -0.23 11.84 -11.37
N PRO A 47 -0.90 10.78 -11.03
CA PRO A 47 -0.96 10.27 -9.62
C PRO A 47 0.29 9.46 -9.26
N LYS A 48 0.78 9.66 -8.04
CA LYS A 48 1.95 8.94 -7.56
C LYS A 48 1.67 8.33 -6.19
N VAL A 49 1.59 7.00 -6.15
CA VAL A 49 1.33 6.29 -4.91
C VAL A 49 2.05 4.95 -4.90
N ILE A 50 2.15 4.34 -3.73
CA ILE A 50 2.82 3.05 -3.58
C ILE A 50 1.79 1.95 -3.32
N CYS A 51 2.03 0.78 -3.91
CA CYS A 51 1.13 -0.35 -3.74
C CYS A 51 1.36 -1.02 -2.39
N ARG A 52 0.44 -1.90 -1.99
CA ARG A 52 0.54 -2.60 -0.73
C ARG A 52 1.74 -3.55 -0.72
N THR A 53 2.14 -3.99 -1.91
CA THR A 53 3.28 -4.89 -2.03
C THR A 53 4.59 -4.17 -1.75
N CYS A 54 4.72 -2.96 -2.28
CA CYS A 54 5.93 -2.16 -2.10
C CYS A 54 5.86 -1.36 -0.81
N GLN A 55 4.67 -1.29 -0.21
CA GLN A 55 4.50 -0.56 1.04
C GLN A 55 5.58 -0.97 2.04
N PRO A 56 5.62 -2.22 2.41
CA PRO A 56 6.62 -2.73 3.39
C PRO A 56 8.05 -2.59 2.86
N LYS A 57 8.84 -1.77 3.54
CA LYS A 57 10.23 -1.56 3.14
C LYS A 57 11.08 -1.14 4.33
N GLN A 58 10.85 0.08 4.82
CA GLN A 58 11.60 0.59 5.95
C GLN A 58 11.22 -0.16 7.23
N HIS A 59 10.04 0.15 7.76
CA HIS A 59 9.57 -0.49 8.98
C HIS A 59 8.14 -0.07 9.29
N ASP A 60 7.19 -0.58 8.52
CA ASP A 60 5.78 -0.24 8.72
C ASP A 60 5.17 -1.14 9.79
N SER A 61 4.42 -0.53 10.70
CA SER A 61 3.78 -1.28 11.79
C SER A 61 2.39 -0.72 12.05
N ILE A 62 1.58 -1.50 12.77
CA ILE A 62 0.22 -1.07 13.10
C ILE A 62 -0.03 -1.19 14.60
N TRP A 63 -0.60 -0.15 15.18
CA TRP A 63 -0.88 -0.13 16.61
C TRP A 63 -2.13 -0.94 16.92
N CYS A 64 -2.02 -1.85 17.90
CA CYS A 64 -3.15 -2.66 18.31
C CYS A 64 -3.64 -2.23 19.68
N THR A 65 -4.96 -2.09 19.82
CA THR A 65 -5.54 -1.66 21.09
C THR A 65 -5.98 -2.88 21.91
N ALA A 66 -6.01 -4.04 21.25
CA ALA A 66 -6.42 -5.27 21.93
C ALA A 66 -5.26 -5.85 22.72
N CYS A 67 -4.03 -5.55 22.28
CA CYS A 67 -2.84 -6.05 22.96
C CYS A 67 -2.12 -4.91 23.67
N GLN A 68 -2.24 -3.70 23.12
CA GLN A 68 -1.60 -2.53 23.71
C GLN A 68 -0.10 -2.54 23.42
N GLN A 69 0.27 -3.10 22.26
CA GLN A 69 1.68 -3.18 21.88
C GLN A 69 1.83 -2.98 20.37
N THR A 70 3.04 -2.61 19.95
CA THR A 70 3.31 -2.39 18.54
C THR A 70 3.48 -3.72 17.82
N LYS A 71 2.85 -3.84 16.65
CA LYS A 71 2.94 -5.06 15.87
C LYS A 71 3.24 -4.75 14.41
N GLY A 72 4.07 -5.58 13.79
CA GLY A 72 4.43 -5.38 12.39
C GLY A 72 3.21 -5.43 11.49
N ILE A 73 3.35 -4.88 10.30
CA ILE A 73 2.25 -4.86 9.33
C ILE A 73 2.03 -6.25 8.75
N ASN A 74 3.11 -7.01 8.58
CA ASN A 74 3.03 -8.34 8.02
C ASN A 74 2.10 -9.22 8.84
N GLU A 75 2.20 -9.11 10.16
CA GLU A 75 1.36 -9.91 11.04
C GLU A 75 -0.02 -9.30 11.16
N PHE A 76 -0.36 -8.41 10.22
CA PHE A 76 -1.68 -7.75 10.22
C PHE A 76 -2.39 -7.99 8.90
N SER A 77 -3.71 -8.13 8.97
CA SER A 77 -4.52 -8.35 7.77
C SER A 77 -4.94 -7.00 7.18
N LYS A 78 -5.42 -7.05 5.94
CA LYS A 78 -5.87 -5.84 5.26
C LYS A 78 -7.11 -5.27 5.93
N ALA A 79 -8.07 -6.14 6.23
CA ALA A 79 -9.31 -5.71 6.88
C ALA A 79 -9.03 -5.16 8.26
N GLN A 80 -8.09 -5.80 8.97
CA GLN A 80 -7.75 -5.37 10.32
C GLN A 80 -7.26 -3.92 10.30
N ARG A 81 -6.71 -3.49 9.17
CA ARG A 81 -6.21 -2.12 9.05
C ARG A 81 -7.35 -1.17 8.72
N HIS A 82 -8.36 -1.68 8.02
CA HIS A 82 -9.51 -0.85 7.63
C HIS A 82 -10.30 -0.42 8.86
N VAL A 83 -10.53 -1.35 9.77
CA VAL A 83 -11.28 -1.05 10.99
C VAL A 83 -10.62 0.08 11.77
N LEU A 84 -11.38 0.72 12.65
CA LEU A 84 -10.85 1.82 13.43
C LEU A 84 -10.09 1.29 14.64
N ASP A 85 -10.16 -0.01 14.88
CA ASP A 85 -9.46 -0.63 16.00
C ASP A 85 -8.63 -1.82 15.52
N PRO A 86 -7.48 -1.56 14.95
CA PRO A 86 -6.58 -2.62 14.43
C PRO A 86 -6.24 -3.66 15.48
N ARG A 87 -6.31 -4.93 15.10
CA ARG A 87 -6.01 -6.02 16.02
C ARG A 87 -5.08 -7.04 15.36
N CYS A 88 -4.07 -7.50 16.10
CA CYS A 88 -3.13 -8.48 15.60
C CYS A 88 -3.82 -9.82 15.39
N GLN A 89 -3.31 -10.59 14.44
CA GLN A 89 -3.87 -11.90 14.13
C GLN A 89 -3.93 -12.76 15.39
N ILE A 90 -3.32 -12.27 16.47
CA ILE A 90 -3.29 -13.00 17.73
C ILE A 90 -4.51 -12.67 18.60
N CYS A 91 -4.77 -11.39 18.76
CA CYS A 91 -5.90 -10.94 19.58
C CYS A 91 -7.23 -11.38 18.98
N VAL A 92 -7.25 -11.52 17.66
CA VAL A 92 -8.47 -11.94 16.97
C VAL A 92 -8.63 -13.46 17.05
N HIS A 93 -7.51 -14.17 17.10
CA HIS A 93 -7.55 -15.63 17.16
C HIS A 93 -8.02 -16.08 18.54
N SER A 94 -8.22 -15.13 19.44
CA SER A 94 -8.66 -15.45 20.79
C SER A 94 -10.18 -15.61 20.83
N GLN A 95 -10.89 -14.51 20.60
CA GLN A 95 -12.35 -14.53 20.62
C GLN A 95 -12.91 -13.66 19.52
N ARG A 96 -12.26 -13.69 18.35
CA ARG A 96 -12.72 -12.90 17.20
C ARG A 96 -13.25 -11.54 17.66
N ASN A 97 -14.11 -10.94 16.84
CA ASN A 97 -14.70 -9.65 17.19
C ASN A 97 -15.58 -9.79 18.43
N MET A 2 -19.44 -7.80 -15.74
CA MET A 2 -20.41 -6.91 -15.06
C MET A 2 -19.67 -5.72 -14.45
N GLY A 3 -19.37 -4.73 -15.28
CA GLY A 3 -18.65 -3.55 -14.80
C GLY A 3 -19.61 -2.59 -14.09
N LYS A 4 -19.26 -2.21 -12.87
CA LYS A 4 -20.09 -1.30 -12.09
C LYS A 4 -19.77 0.14 -12.45
N ASN A 5 -18.67 0.66 -11.93
CA ASN A 5 -18.26 2.04 -12.20
C ASN A 5 -16.80 2.09 -12.63
N ASP A 6 -16.07 3.10 -12.15
CA ASP A 6 -14.66 3.25 -12.48
C ASP A 6 -13.79 2.48 -11.50
N ASN A 7 -14.44 1.74 -10.60
CA ASN A 7 -13.71 0.95 -9.61
C ASN A 7 -12.87 -0.12 -10.29
N ASP A 8 -13.13 -0.35 -11.57
CA ASP A 8 -12.39 -1.36 -12.33
C ASP A 8 -11.04 -0.80 -12.77
N ALA A 9 -10.78 0.44 -12.40
CA ALA A 9 -9.52 1.09 -12.77
C ALA A 9 -8.35 0.44 -12.02
N LEU A 10 -7.23 0.25 -12.71
CA LEU A 10 -6.04 -0.35 -12.10
C LEU A 10 -4.90 0.63 -12.08
N ILE A 11 -4.35 0.85 -10.89
CA ILE A 11 -3.23 1.79 -10.73
C ILE A 11 -1.91 1.04 -10.70
N MET A 12 -0.97 1.49 -11.53
CA MET A 12 0.35 0.87 -11.59
C MET A 12 1.28 1.44 -10.53
N CYS A 13 2.14 0.60 -9.99
CA CYS A 13 3.09 1.04 -8.96
C CYS A 13 4.29 1.73 -9.58
N MET A 14 4.52 2.98 -9.21
CA MET A 14 5.65 3.74 -9.74
C MET A 14 6.97 3.09 -9.35
N ARG A 15 6.88 1.97 -8.63
CA ARG A 15 8.08 1.23 -8.21
C ARG A 15 8.08 -0.17 -8.81
N CYS A 16 7.20 -1.02 -8.28
CA CYS A 16 7.11 -2.39 -8.77
C CYS A 16 6.63 -2.41 -10.21
N ARG A 17 6.02 -1.30 -10.65
CA ARG A 17 5.51 -1.20 -12.02
C ARG A 17 4.52 -2.31 -12.30
N LYS A 18 3.75 -2.70 -11.28
CA LYS A 18 2.76 -3.75 -11.43
C LYS A 18 1.36 -3.16 -11.48
N VAL A 19 0.57 -3.59 -12.47
CA VAL A 19 -0.79 -3.08 -12.62
C VAL A 19 -1.77 -3.96 -11.85
N LYS A 20 -2.53 -3.34 -10.95
CA LYS A 20 -3.48 -4.08 -10.13
C LYS A 20 -4.73 -3.23 -9.87
N GLY A 21 -5.80 -3.88 -9.45
CA GLY A 21 -7.05 -3.17 -9.17
C GLY A 21 -7.11 -2.65 -7.75
N ILE A 22 -8.20 -1.97 -7.42
CA ILE A 22 -8.36 -1.42 -6.08
C ILE A 22 -8.18 -2.51 -5.02
N ASP A 23 -8.02 -3.75 -5.46
CA ASP A 23 -7.82 -4.87 -4.55
C ASP A 23 -6.42 -4.85 -3.96
N SER A 24 -5.43 -4.67 -4.81
CA SER A 24 -4.04 -4.62 -4.37
C SER A 24 -3.63 -3.21 -3.99
N TYR A 25 -4.62 -2.30 -4.02
CA TYR A 25 -4.36 -0.89 -3.69
C TYR A 25 -5.30 -0.43 -2.58
N SER A 26 -4.73 0.29 -1.61
CA SER A 26 -5.52 0.79 -0.50
C SER A 26 -6.50 1.84 -0.99
N LYS A 27 -7.58 2.05 -0.22
CA LYS A 27 -8.59 3.03 -0.58
C LYS A 27 -8.00 4.43 -0.61
N THR A 28 -7.15 4.73 0.37
CA THR A 28 -6.53 6.05 0.45
C THR A 28 -5.64 6.29 -0.77
N GLN A 29 -4.79 5.31 -1.08
CA GLN A 29 -3.89 5.43 -2.22
C GLN A 29 -4.68 5.47 -3.53
N TRP A 30 -5.69 4.61 -3.62
CA TRP A 30 -6.52 4.54 -4.81
C TRP A 30 -7.36 5.81 -4.96
N SER A 31 -7.80 6.35 -3.83
CA SER A 31 -8.62 7.56 -3.83
C SER A 31 -7.84 8.74 -4.41
N LYS A 32 -6.52 8.72 -4.21
CA LYS A 32 -5.67 9.80 -4.71
C LYS A 32 -5.70 9.84 -6.24
N THR A 33 -6.41 8.89 -6.84
CA THR A 33 -6.49 8.82 -8.29
C THR A 33 -7.42 9.91 -8.82
N PHE A 34 -8.23 10.48 -7.93
CA PHE A 34 -9.16 11.54 -8.31
C PHE A 34 -9.31 12.55 -7.18
N THR A 35 -9.67 13.77 -7.54
CA THR A 35 -9.85 14.84 -6.56
C THR A 35 -11.18 15.52 -6.75
N PHE A 36 -11.56 16.38 -5.79
CA PHE A 36 -12.83 17.08 -5.86
C PHE A 36 -12.60 18.54 -6.23
N VAL A 37 -13.22 18.97 -7.33
CA VAL A 37 -13.09 20.36 -7.79
C VAL A 37 -14.47 20.95 -8.08
N ARG A 38 -14.69 22.16 -7.59
CA ARG A 38 -15.96 22.84 -7.81
C ARG A 38 -17.12 21.90 -7.51
N GLY A 39 -16.90 20.95 -6.62
CA GLY A 39 -17.94 20.00 -6.25
C GLY A 39 -18.14 18.96 -7.35
N ARG A 40 -17.09 18.70 -8.11
CA ARG A 40 -17.16 17.72 -9.20
C ARG A 40 -15.96 16.78 -9.15
N THR A 41 -16.23 15.48 -9.29
CA THR A 41 -15.16 14.50 -9.26
C THR A 41 -14.28 14.63 -10.48
N VAL A 42 -12.97 14.74 -10.25
CA VAL A 42 -12.00 14.88 -11.35
C VAL A 42 -10.83 13.93 -11.18
N SER A 43 -10.47 13.24 -12.26
CA SER A 43 -9.35 12.31 -12.21
C SER A 43 -8.03 13.06 -12.18
N VAL A 44 -7.13 12.66 -11.28
CA VAL A 44 -5.84 13.31 -11.17
C VAL A 44 -5.03 13.12 -12.45
N SER A 45 -4.39 14.19 -12.90
CA SER A 45 -3.57 14.13 -14.11
C SER A 45 -2.38 13.22 -13.93
N ASP A 46 -1.73 13.32 -12.76
CA ASP A 46 -0.56 12.50 -12.48
C ASP A 46 -0.59 12.01 -11.03
N PRO A 47 -1.30 10.95 -10.76
CA PRO A 47 -1.41 10.37 -9.40
C PRO A 47 -0.21 9.49 -9.06
N LYS A 48 0.53 9.87 -8.04
CA LYS A 48 1.71 9.11 -7.62
C LYS A 48 1.41 8.33 -6.35
N VAL A 49 1.40 7.00 -6.45
CA VAL A 49 1.13 6.16 -5.30
C VAL A 49 1.85 4.83 -5.45
N ILE A 50 2.06 4.15 -4.32
CA ILE A 50 2.76 2.86 -4.33
C ILE A 50 1.81 1.75 -3.86
N CYS A 51 1.93 0.59 -4.51
CA CYS A 51 1.09 -0.54 -4.16
C CYS A 51 1.20 -0.86 -2.66
N ARG A 52 0.33 -1.72 -2.19
CA ARG A 52 0.33 -2.12 -0.78
C ARG A 52 1.60 -2.88 -0.44
N THR A 53 2.07 -3.69 -1.39
CA THR A 53 3.28 -4.48 -1.18
C THR A 53 4.47 -3.57 -0.93
N CYS A 54 4.37 -2.34 -1.37
CA CYS A 54 5.45 -1.37 -1.18
C CYS A 54 5.40 -0.77 0.22
N GLN A 55 4.40 -1.18 0.99
CA GLN A 55 4.25 -0.67 2.37
C GLN A 55 5.63 -0.50 3.03
N PRO A 56 6.36 -1.58 3.16
CA PRO A 56 7.71 -1.53 3.78
C PRO A 56 8.67 -0.67 2.98
N LYS A 57 8.84 0.58 3.42
CA LYS A 57 9.75 1.49 2.74
C LYS A 57 10.53 2.32 3.75
N GLN A 58 11.84 2.08 3.80
CA GLN A 58 12.70 2.81 4.73
C GLN A 58 12.01 3.02 6.07
N HIS A 59 12.00 1.98 6.89
CA HIS A 59 11.36 2.06 8.20
C HIS A 59 12.35 2.51 9.26
N ASP A 60 11.87 2.66 10.48
CA ASP A 60 12.73 3.08 11.59
C ASP A 60 13.25 4.49 11.34
N SER A 61 12.87 5.07 10.22
CA SER A 61 13.31 6.42 9.87
C SER A 61 12.12 7.27 9.44
N ILE A 62 12.15 8.55 9.79
CA ILE A 62 11.06 9.47 9.45
C ILE A 62 11.58 10.60 8.57
N TRP A 63 10.87 10.89 7.50
CA TRP A 63 11.26 11.96 6.59
C TRP A 63 10.79 13.31 7.13
N CYS A 64 11.75 14.16 7.50
CA CYS A 64 11.44 15.49 8.01
C CYS A 64 11.36 16.50 6.89
N THR A 65 10.31 17.32 6.87
CA THR A 65 10.14 18.33 5.84
C THR A 65 10.79 19.65 6.28
N ALA A 66 11.03 19.77 7.58
CA ALA A 66 11.64 20.98 8.11
C ALA A 66 13.14 20.98 7.87
N CYS A 67 13.76 19.80 8.03
CA CYS A 67 15.21 19.66 7.83
C CYS A 67 15.50 19.20 6.41
N GLN A 68 14.55 18.49 5.82
CA GLN A 68 14.73 17.99 4.46
C GLN A 68 15.78 16.89 4.43
N GLN A 69 15.88 16.14 5.52
CA GLN A 69 16.86 15.06 5.60
C GLN A 69 16.27 13.87 6.36
N THR A 70 16.88 12.70 6.17
CA THR A 70 16.40 11.49 6.84
C THR A 70 16.81 11.49 8.30
N LYS A 71 15.86 11.16 9.17
CA LYS A 71 16.14 11.12 10.60
C LYS A 71 15.53 9.88 11.24
N GLY A 72 16.25 9.29 12.20
CA GLY A 72 15.78 8.10 12.88
C GLY A 72 14.52 8.41 13.69
N ILE A 73 13.87 7.35 14.16
CA ILE A 73 12.65 7.50 14.95
C ILE A 73 12.97 7.83 16.40
N ASN A 74 14.18 7.46 16.82
CA ASN A 74 14.60 7.71 18.20
C ASN A 74 14.53 9.19 18.53
N GLU A 75 14.96 10.04 17.61
CA GLU A 75 14.93 11.48 17.82
C GLU A 75 13.58 12.06 17.43
N PHE A 76 12.54 11.25 17.55
CA PHE A 76 11.18 11.69 17.21
C PHE A 76 10.21 11.34 18.33
N SER A 77 9.25 12.23 18.55
CA SER A 77 8.23 12.01 19.59
C SER A 77 7.13 11.09 19.06
N LYS A 78 6.22 10.73 19.95
CA LYS A 78 5.10 9.85 19.58
C LYS A 78 4.22 10.51 18.53
N ALA A 79 4.05 11.83 18.64
CA ALA A 79 3.23 12.56 17.67
C ALA A 79 4.03 12.93 16.43
N GLN A 80 5.22 13.45 16.64
CA GLN A 80 6.10 13.84 15.55
C GLN A 80 6.20 12.72 14.51
N ARG A 81 6.06 11.48 14.97
CA ARG A 81 6.12 10.32 14.08
C ARG A 81 4.73 9.94 13.60
N HIS A 82 3.71 10.52 14.23
CA HIS A 82 2.32 10.23 13.87
C HIS A 82 1.58 11.52 13.53
N VAL A 83 2.33 12.58 13.25
CA VAL A 83 1.72 13.86 12.92
C VAL A 83 1.66 14.05 11.41
N LEU A 84 0.83 14.99 10.97
CA LEU A 84 0.67 15.26 9.55
C LEU A 84 1.98 15.76 8.95
N ASP A 85 2.70 16.59 9.70
CA ASP A 85 3.96 17.14 9.24
C ASP A 85 5.07 16.80 10.23
N PRO A 86 5.61 15.61 10.17
CA PRO A 86 6.71 15.15 11.07
C PRO A 86 7.88 16.11 11.08
N ARG A 87 8.32 16.49 12.27
CA ARG A 87 9.46 17.41 12.41
C ARG A 87 10.30 17.04 13.63
N CYS A 88 11.56 16.69 13.38
CA CYS A 88 12.46 16.32 14.47
C CYS A 88 12.30 17.27 15.65
N GLN A 89 12.66 16.79 16.83
CA GLN A 89 12.56 17.60 18.03
C GLN A 89 13.46 18.83 17.94
N ILE A 90 14.31 18.85 16.91
CA ILE A 90 15.22 19.96 16.72
C ILE A 90 14.59 21.07 15.87
N CYS A 91 13.65 20.68 15.02
CA CYS A 91 12.96 21.64 14.14
C CYS A 91 11.81 22.31 14.88
N VAL A 92 11.25 21.61 15.87
CA VAL A 92 10.15 22.15 16.64
C VAL A 92 10.64 23.14 17.69
N HIS A 93 11.89 22.97 18.12
CA HIS A 93 12.48 23.84 19.11
C HIS A 93 13.09 25.06 18.46
N SER A 94 12.95 25.17 17.14
CA SER A 94 13.50 26.30 16.39
C SER A 94 12.42 27.36 16.17
N GLN A 95 11.20 26.91 15.91
CA GLN A 95 10.09 27.84 15.67
C GLN A 95 8.80 27.30 16.29
N ARG A 96 8.92 26.70 17.46
CA ARG A 96 7.76 26.14 18.14
C ARG A 96 7.00 25.20 17.21
N ASN A 97 6.02 25.74 16.49
CA ASN A 97 5.22 24.92 15.57
C ASN A 97 4.77 25.76 14.38
N MET A 2 -14.21 1.93 -21.77
CA MET A 2 -13.54 1.24 -20.63
C MET A 2 -13.41 2.21 -19.45
N GLY A 3 -13.01 1.68 -18.31
CA GLY A 3 -12.85 2.51 -17.11
C GLY A 3 -14.20 2.94 -16.57
N LYS A 4 -14.44 4.25 -16.57
CA LYS A 4 -15.70 4.79 -16.07
C LYS A 4 -15.78 4.66 -14.55
N ASN A 5 -15.36 3.51 -14.03
CA ASN A 5 -15.39 3.26 -12.59
C ASN A 5 -14.02 3.56 -11.99
N ASP A 6 -13.92 4.69 -11.30
CA ASP A 6 -12.66 5.08 -10.67
C ASP A 6 -12.32 4.12 -9.54
N ASN A 7 -13.33 3.64 -8.84
CA ASN A 7 -13.11 2.72 -7.73
C ASN A 7 -12.47 1.42 -8.23
N ASP A 8 -12.96 0.93 -9.37
CA ASP A 8 -12.42 -0.31 -9.94
C ASP A 8 -11.42 0.00 -11.03
N ALA A 9 -10.66 1.08 -10.85
CA ALA A 9 -9.65 1.48 -11.82
C ALA A 9 -8.38 0.67 -11.63
N LEU A 10 -7.38 0.94 -12.48
CA LEU A 10 -6.10 0.24 -12.39
C LEU A 10 -4.95 1.21 -12.56
N ILE A 11 -4.40 1.68 -11.44
CA ILE A 11 -3.28 2.62 -11.48
C ILE A 11 -1.96 1.88 -11.56
N MET A 12 -1.05 2.39 -12.38
CA MET A 12 0.27 1.77 -12.53
C MET A 12 1.15 2.10 -11.35
N CYS A 13 1.93 1.11 -10.90
CA CYS A 13 2.83 1.32 -9.76
C CYS A 13 4.15 1.95 -10.22
N MET A 14 4.64 2.90 -9.44
CA MET A 14 5.88 3.59 -9.81
C MET A 14 7.09 2.73 -9.46
N ARG A 15 6.83 1.58 -8.84
CA ARG A 15 7.91 0.67 -8.45
C ARG A 15 7.83 -0.64 -9.21
N CYS A 16 7.08 -1.59 -8.67
CA CYS A 16 6.93 -2.90 -9.29
C CYS A 16 6.19 -2.79 -10.61
N ARG A 17 5.92 -1.56 -11.04
CA ARG A 17 5.22 -1.34 -12.30
C ARG A 17 4.15 -2.39 -12.52
N LYS A 18 3.35 -2.65 -11.49
CA LYS A 18 2.30 -3.66 -11.59
C LYS A 18 0.93 -3.00 -11.45
N VAL A 19 0.09 -3.21 -12.44
CA VAL A 19 -1.26 -2.64 -12.43
C VAL A 19 -2.09 -3.26 -11.32
N LYS A 20 -2.74 -2.41 -10.53
CA LYS A 20 -3.58 -2.89 -9.43
C LYS A 20 -4.78 -1.99 -9.24
N GLY A 21 -5.86 -2.55 -8.68
CA GLY A 21 -7.07 -1.79 -8.43
C GLY A 21 -7.26 -1.53 -6.94
N ILE A 22 -8.38 -0.90 -6.60
CA ILE A 22 -8.67 -0.59 -5.20
C ILE A 22 -8.58 -1.86 -4.34
N ASP A 23 -8.41 -3.01 -4.99
CA ASP A 23 -8.30 -4.26 -4.27
C ASP A 23 -6.97 -4.36 -3.55
N SER A 24 -5.89 -4.24 -4.30
CA SER A 24 -4.54 -4.31 -3.74
C SER A 24 -4.06 -2.92 -3.34
N TYR A 25 -5.00 -1.98 -3.23
CA TYR A 25 -4.68 -0.60 -2.86
C TYR A 25 -5.59 -0.12 -1.73
N SER A 26 -4.99 0.60 -0.78
CA SER A 26 -5.76 1.14 0.34
C SER A 26 -6.74 2.20 -0.15
N LYS A 27 -7.80 2.41 0.60
CA LYS A 27 -8.82 3.39 0.23
C LYS A 27 -8.22 4.80 0.22
N THR A 28 -7.36 5.07 1.18
CA THR A 28 -6.74 6.39 1.28
C THR A 28 -5.86 6.66 0.06
N GLN A 29 -5.03 5.70 -0.30
CA GLN A 29 -4.14 5.84 -1.44
C GLN A 29 -4.93 5.94 -2.73
N TRP A 30 -6.00 5.16 -2.83
CA TRP A 30 -6.83 5.16 -4.02
C TRP A 30 -7.47 6.53 -4.24
N SER A 31 -7.90 7.14 -3.14
CA SER A 31 -8.54 8.44 -3.22
C SER A 31 -7.59 9.47 -3.84
N LYS A 32 -6.29 9.27 -3.64
CA LYS A 32 -5.30 10.19 -4.17
C LYS A 32 -5.21 10.08 -5.70
N THR A 33 -5.84 9.03 -6.23
CA THR A 33 -5.82 8.81 -7.67
C THR A 33 -6.78 9.77 -8.37
N PHE A 34 -7.71 10.34 -7.62
CA PHE A 34 -8.67 11.28 -8.18
C PHE A 34 -9.07 12.31 -7.15
N THR A 35 -9.53 13.46 -7.61
CA THR A 35 -9.95 14.55 -6.71
C THR A 35 -11.34 15.06 -7.10
N PHE A 36 -11.92 15.87 -6.23
CA PHE A 36 -13.24 16.43 -6.48
C PHE A 36 -13.14 17.88 -6.93
N VAL A 37 -13.69 18.17 -8.10
CA VAL A 37 -13.67 19.53 -8.63
C VAL A 37 -15.04 19.92 -9.16
N ARG A 38 -15.46 21.15 -8.86
CA ARG A 38 -16.76 21.65 -9.31
C ARG A 38 -17.86 20.65 -8.96
N GLY A 39 -17.59 19.82 -7.96
CA GLY A 39 -18.59 18.83 -7.54
C GLY A 39 -18.61 17.65 -8.50
N ARG A 40 -17.51 17.42 -9.20
CA ARG A 40 -17.43 16.31 -10.14
C ARG A 40 -16.11 15.57 -9.99
N THR A 41 -16.19 14.24 -9.96
CA THR A 41 -14.99 13.42 -9.80
C THR A 41 -14.03 13.66 -10.96
N VAL A 42 -12.77 13.95 -10.64
CA VAL A 42 -11.76 14.19 -11.67
C VAL A 42 -10.46 13.49 -11.32
N SER A 43 -9.68 13.15 -12.34
CA SER A 43 -8.41 12.47 -12.13
C SER A 43 -7.29 13.48 -11.87
N VAL A 44 -6.44 13.17 -10.91
CA VAL A 44 -5.34 14.06 -10.57
C VAL A 44 -4.40 14.24 -11.77
N SER A 45 -3.70 15.37 -11.82
CA SER A 45 -2.79 15.65 -12.91
C SER A 45 -1.68 14.60 -12.97
N ASP A 46 -1.16 14.23 -11.80
CA ASP A 46 -0.09 13.23 -11.73
C ASP A 46 -0.18 12.45 -10.42
N PRO A 47 -1.06 11.49 -10.33
CA PRO A 47 -1.25 10.67 -9.11
C PRO A 47 -0.15 9.62 -8.97
N LYS A 48 0.61 9.72 -7.89
CA LYS A 48 1.68 8.75 -7.62
C LYS A 48 1.50 8.13 -6.24
N VAL A 49 1.47 6.80 -6.20
CA VAL A 49 1.30 6.09 -4.93
C VAL A 49 1.97 4.73 -5.00
N ILE A 50 2.49 4.27 -3.86
CA ILE A 50 3.16 2.97 -3.81
C ILE A 50 2.18 1.87 -3.38
N CYS A 51 2.12 0.81 -4.17
CA CYS A 51 1.24 -0.31 -3.85
C CYS A 51 1.67 -0.99 -2.56
N ARG A 52 0.75 -1.75 -1.97
CA ARG A 52 1.05 -2.46 -0.73
C ARG A 52 2.10 -3.54 -0.97
N THR A 53 1.97 -4.22 -2.09
CA THR A 53 2.91 -5.30 -2.44
C THR A 53 4.34 -4.78 -2.38
N CYS A 54 4.55 -3.55 -2.84
CA CYS A 54 5.88 -2.95 -2.82
C CYS A 54 6.30 -2.63 -1.39
N GLN A 55 5.62 -3.23 -0.42
CA GLN A 55 5.94 -2.99 0.99
C GLN A 55 5.79 -4.28 1.80
N PRO A 56 6.59 -5.27 1.48
CA PRO A 56 6.55 -6.58 2.18
C PRO A 56 7.19 -6.50 3.57
N LYS A 57 8.52 -6.51 3.61
CA LYS A 57 9.23 -6.44 4.88
C LYS A 57 10.46 -5.57 4.75
N GLN A 58 10.47 -4.45 5.46
CA GLN A 58 11.60 -3.52 5.42
C GLN A 58 12.74 -4.04 6.29
N HIS A 59 12.43 -5.00 7.17
CA HIS A 59 13.43 -5.56 8.06
C HIS A 59 14.47 -6.35 7.27
N ASP A 60 15.74 -6.05 7.51
CA ASP A 60 16.82 -6.74 6.81
C ASP A 60 17.92 -7.14 7.79
N SER A 61 18.32 -8.40 7.74
CA SER A 61 19.35 -8.91 8.63
C SER A 61 20.30 -9.83 7.88
N ILE A 62 21.48 -10.07 8.45
CA ILE A 62 22.48 -10.93 7.83
C ILE A 62 22.77 -12.13 8.69
N TRP A 63 22.76 -13.32 8.08
CA TRP A 63 23.04 -14.55 8.81
C TRP A 63 24.53 -14.74 9.00
N CYS A 64 24.99 -14.62 10.24
CA CYS A 64 26.41 -14.79 10.55
C CYS A 64 26.75 -16.24 10.83
N THR A 65 27.80 -16.75 10.17
CA THR A 65 28.23 -18.12 10.38
C THR A 65 29.31 -18.19 11.46
N ALA A 66 29.79 -17.03 11.88
CA ALA A 66 30.82 -16.96 12.91
C ALA A 66 30.19 -16.91 14.29
N CYS A 67 29.04 -16.23 14.40
CA CYS A 67 28.34 -16.12 15.67
C CYS A 67 27.20 -17.12 15.73
N GLN A 68 26.68 -17.49 14.57
CA GLN A 68 25.57 -18.45 14.49
C GLN A 68 24.29 -17.81 15.00
N GLN A 69 24.12 -16.52 14.73
CA GLN A 69 22.92 -15.81 15.16
C GLN A 69 22.54 -14.73 14.14
N THR A 70 21.30 -14.28 14.21
CA THR A 70 20.82 -13.25 13.29
C THR A 70 21.28 -11.87 13.74
N LYS A 71 21.70 -11.04 12.78
CA LYS A 71 22.17 -9.69 13.10
C LYS A 71 21.72 -8.71 12.02
N GLY A 72 21.44 -7.47 12.43
CA GLY A 72 21.01 -6.45 11.49
C GLY A 72 22.12 -6.11 10.51
N ILE A 73 21.76 -5.42 9.43
CA ILE A 73 22.73 -5.03 8.42
C ILE A 73 23.51 -3.79 8.85
N ASN A 74 22.99 -3.09 9.86
CA ASN A 74 23.63 -1.89 10.35
C ASN A 74 25.00 -2.21 10.94
N GLU A 75 25.08 -3.30 11.69
CA GLU A 75 26.33 -3.72 12.30
C GLU A 75 27.16 -4.54 11.33
N PHE A 76 26.89 -4.36 10.04
CA PHE A 76 27.63 -5.08 9.00
C PHE A 76 28.22 -4.12 7.98
N SER A 77 29.46 -4.36 7.60
CA SER A 77 30.13 -3.51 6.62
C SER A 77 29.62 -3.81 5.22
N LYS A 78 29.94 -2.94 4.27
CA LYS A 78 29.50 -3.13 2.89
C LYS A 78 30.10 -4.40 2.30
N ALA A 79 31.36 -4.65 2.61
CA ALA A 79 32.04 -5.83 2.09
C ALA A 79 31.45 -7.10 2.70
N GLN A 80 31.18 -7.06 4.00
CA GLN A 80 30.62 -8.21 4.70
C GLN A 80 29.31 -8.66 4.05
N ARG A 81 28.53 -7.69 3.60
CA ARG A 81 27.25 -7.99 2.96
C ARG A 81 27.47 -8.38 1.50
N HIS A 82 28.69 -8.16 1.00
CA HIS A 82 29.01 -8.49 -0.38
C HIS A 82 29.67 -9.86 -0.49
N VAL A 83 30.64 -10.11 0.40
CA VAL A 83 31.35 -11.38 0.39
C VAL A 83 30.36 -12.55 0.44
N LEU A 84 30.88 -13.76 0.31
CA LEU A 84 30.04 -14.95 0.32
C LEU A 84 29.84 -15.45 1.75
N ASP A 85 30.65 -14.91 2.67
CA ASP A 85 30.56 -15.33 4.07
C ASP A 85 30.55 -14.11 4.99
N PRO A 86 29.43 -13.45 5.09
CA PRO A 86 29.27 -12.24 5.95
C PRO A 86 29.57 -12.54 7.42
N ARG A 87 30.11 -11.56 8.12
CA ARG A 87 30.44 -11.72 9.53
C ARG A 87 30.43 -10.37 10.25
N CYS A 88 29.67 -10.29 11.33
CA CYS A 88 29.58 -9.06 12.10
C CYS A 88 30.98 -8.48 12.35
N GLN A 89 31.05 -7.16 12.42
CA GLN A 89 32.32 -6.49 12.67
C GLN A 89 32.93 -6.98 13.97
N ILE A 90 32.16 -7.77 14.72
CA ILE A 90 32.63 -8.30 16.00
C ILE A 90 33.35 -9.63 15.81
N CYS A 91 32.96 -10.36 14.78
CA CYS A 91 33.56 -11.66 14.49
C CYS A 91 34.88 -11.51 13.76
N VAL A 92 34.96 -10.48 12.92
CA VAL A 92 36.17 -10.25 12.14
C VAL A 92 37.34 -9.94 13.06
N HIS A 93 37.06 -9.21 14.13
CA HIS A 93 38.11 -8.84 15.10
C HIS A 93 38.25 -9.92 16.16
N SER A 94 37.60 -11.06 15.94
CA SER A 94 37.67 -12.17 16.89
C SER A 94 38.10 -13.44 16.20
N GLN A 95 38.16 -13.41 14.87
CA GLN A 95 38.57 -14.57 14.09
C GLN A 95 39.41 -14.15 12.89
N ARG A 96 39.94 -12.94 12.95
CA ARG A 96 40.78 -12.43 11.86
C ARG A 96 40.15 -12.78 10.51
N ASN A 97 40.55 -13.92 9.96
CA ASN A 97 40.03 -14.36 8.67
C ASN A 97 40.04 -15.87 8.57
N MET A 2 -17.01 -5.42 -18.09
CA MET A 2 -15.94 -4.42 -17.83
C MET A 2 -16.54 -3.03 -17.88
N GLY A 3 -16.15 -2.19 -16.92
CA GLY A 3 -16.65 -0.81 -16.86
C GLY A 3 -17.91 -0.74 -16.00
N LYS A 4 -18.44 -1.89 -15.62
CA LYS A 4 -19.65 -1.94 -14.79
C LYS A 4 -19.40 -1.27 -13.45
N ASN A 5 -18.23 -1.52 -12.87
CA ASN A 5 -17.89 -0.93 -11.58
C ASN A 5 -16.78 0.11 -11.75
N ASP A 6 -17.00 1.29 -11.17
CA ASP A 6 -16.01 2.37 -11.27
C ASP A 6 -14.88 2.13 -10.27
N ASN A 7 -15.04 1.12 -9.42
CA ASN A 7 -14.01 0.78 -8.43
C ASN A 7 -13.02 -0.21 -9.00
N ASP A 8 -13.27 -0.65 -10.23
CA ASP A 8 -12.38 -1.62 -10.89
C ASP A 8 -11.29 -0.91 -11.67
N ALA A 9 -11.17 0.40 -11.44
CA ALA A 9 -10.15 1.20 -12.13
C ALA A 9 -8.79 0.53 -12.02
N LEU A 10 -7.79 1.13 -12.67
CA LEU A 10 -6.43 0.59 -12.65
C LEU A 10 -5.43 1.70 -12.45
N ILE A 11 -4.70 1.63 -11.34
CA ILE A 11 -3.69 2.66 -11.03
C ILE A 11 -2.30 2.15 -11.35
N MET A 12 -1.45 3.03 -11.87
CA MET A 12 -0.08 2.66 -12.21
C MET A 12 0.86 2.94 -11.05
N CYS A 13 1.67 1.95 -10.69
CA CYS A 13 2.61 2.10 -9.59
C CYS A 13 3.90 2.77 -10.07
N MET A 14 4.61 3.39 -9.15
CA MET A 14 5.87 4.06 -9.49
C MET A 14 7.06 3.27 -8.97
N ARG A 15 6.78 2.26 -8.16
CA ARG A 15 7.84 1.43 -7.59
C ARG A 15 7.97 0.11 -8.33
N CYS A 16 6.89 -0.65 -8.36
CA CYS A 16 6.88 -1.94 -9.04
C CYS A 16 6.17 -1.85 -10.39
N ARG A 17 5.61 -0.68 -10.67
CA ARG A 17 4.92 -0.45 -11.93
C ARG A 17 3.80 -1.47 -12.13
N LYS A 18 3.19 -1.89 -11.03
CA LYS A 18 2.10 -2.86 -11.11
C LYS A 18 0.78 -2.14 -11.30
N VAL A 19 -0.03 -2.64 -12.24
CA VAL A 19 -1.33 -2.03 -12.52
C VAL A 19 -2.45 -2.91 -11.99
N LYS A 20 -3.34 -2.32 -11.21
CA LYS A 20 -4.46 -3.06 -10.66
C LYS A 20 -5.49 -2.11 -10.05
N GLY A 21 -6.58 -2.67 -9.55
CA GLY A 21 -7.63 -1.86 -8.94
C GLY A 21 -7.48 -1.78 -7.44
N ILE A 22 -8.51 -1.28 -6.76
CA ILE A 22 -8.47 -1.15 -5.31
C ILE A 22 -8.03 -2.47 -4.65
N ASP A 23 -7.86 -3.51 -5.45
CA ASP A 23 -7.45 -4.80 -4.95
C ASP A 23 -5.99 -4.75 -4.52
N SER A 24 -5.12 -4.32 -5.43
CA SER A 24 -3.69 -4.23 -5.12
C SER A 24 -3.35 -2.84 -4.57
N TYR A 25 -4.38 -2.03 -4.34
CA TYR A 25 -4.19 -0.68 -3.81
C TYR A 25 -5.09 -0.43 -2.61
N SER A 26 -4.54 0.24 -1.61
CA SER A 26 -5.30 0.55 -0.41
C SER A 26 -6.42 1.54 -0.71
N LYS A 27 -7.41 1.58 0.16
CA LYS A 27 -8.54 2.48 -0.03
C LYS A 27 -8.06 3.93 -0.09
N THR A 28 -7.12 4.27 0.77
CA THR A 28 -6.60 5.63 0.80
C THR A 28 -5.86 5.96 -0.48
N GLN A 29 -4.74 5.27 -0.72
CA GLN A 29 -3.94 5.50 -1.91
C GLN A 29 -4.83 5.52 -3.16
N TRP A 30 -5.76 4.59 -3.21
CA TRP A 30 -6.68 4.52 -4.35
C TRP A 30 -7.50 5.80 -4.46
N SER A 31 -7.90 6.35 -3.31
CA SER A 31 -8.71 7.56 -3.28
C SER A 31 -7.83 8.79 -3.50
N LYS A 32 -6.52 8.60 -3.43
CA LYS A 32 -5.59 9.71 -3.63
C LYS A 32 -5.42 10.03 -5.11
N THR A 33 -5.65 9.03 -5.95
CA THR A 33 -5.53 9.22 -7.39
C THR A 33 -6.71 9.98 -7.94
N PHE A 34 -7.52 10.55 -7.06
CA PHE A 34 -8.70 11.31 -7.46
C PHE A 34 -8.71 12.67 -6.77
N THR A 35 -9.29 13.66 -7.44
CA THR A 35 -9.37 15.01 -6.89
C THR A 35 -10.76 15.57 -7.09
N PHE A 36 -11.12 16.56 -6.29
CA PHE A 36 -12.42 17.20 -6.39
C PHE A 36 -12.31 18.53 -7.10
N VAL A 37 -13.06 18.67 -8.18
CA VAL A 37 -13.07 19.91 -8.96
C VAL A 37 -14.50 20.38 -9.23
N ARG A 38 -14.74 21.65 -8.96
CA ARG A 38 -16.07 22.23 -9.19
C ARG A 38 -17.15 21.32 -8.61
N GLY A 39 -16.82 20.63 -7.54
CA GLY A 39 -17.77 19.73 -6.91
C GLY A 39 -17.96 18.46 -7.73
N ARG A 40 -16.95 18.11 -8.52
CA ARG A 40 -17.02 16.90 -9.36
C ARG A 40 -15.77 16.06 -9.18
N THR A 41 -15.97 14.74 -9.11
CA THR A 41 -14.85 13.83 -8.95
C THR A 41 -14.06 13.71 -10.24
N VAL A 42 -12.75 13.94 -10.15
CA VAL A 42 -11.88 13.87 -11.32
C VAL A 42 -10.63 13.04 -11.02
N SER A 43 -10.28 12.15 -11.93
CA SER A 43 -9.11 11.30 -11.74
C SER A 43 -7.84 12.13 -11.86
N VAL A 44 -6.79 11.72 -11.15
CA VAL A 44 -5.52 12.45 -11.18
C VAL A 44 -4.70 12.02 -12.39
N SER A 45 -4.24 13.00 -13.16
CA SER A 45 -3.44 12.71 -14.35
C SER A 45 -2.10 12.11 -13.97
N ASP A 46 -1.56 12.54 -12.82
CA ASP A 46 -0.27 12.04 -12.35
C ASP A 46 -0.39 11.49 -10.92
N PRO A 47 -0.96 10.33 -10.77
CA PRO A 47 -1.13 9.69 -9.44
C PRO A 47 0.15 9.00 -8.98
N LYS A 48 0.78 9.55 -7.95
CA LYS A 48 2.01 8.98 -7.42
C LYS A 48 1.74 8.19 -6.15
N VAL A 49 1.41 6.92 -6.30
CA VAL A 49 1.14 6.05 -5.17
C VAL A 49 1.77 4.68 -5.39
N ILE A 50 1.94 3.94 -4.29
CA ILE A 50 2.53 2.60 -4.36
C ILE A 50 1.54 1.55 -3.89
N CYS A 51 1.87 0.28 -4.15
CA CYS A 51 1.00 -0.81 -3.74
C CYS A 51 1.14 -1.10 -2.25
N ARG A 52 0.21 -1.89 -1.71
CA ARG A 52 0.24 -2.23 -0.30
C ARG A 52 1.48 -3.08 0.01
N THR A 53 1.84 -3.96 -0.92
CA THR A 53 2.99 -4.82 -0.73
C THR A 53 4.29 -4.05 -0.96
N CYS A 54 4.21 -3.01 -1.77
CA CYS A 54 5.38 -2.18 -2.06
C CYS A 54 5.93 -1.56 -0.79
N GLN A 55 5.04 -1.36 0.19
CA GLN A 55 5.44 -0.75 1.46
C GLN A 55 5.63 -1.84 2.53
N PRO A 56 6.55 -1.63 3.43
CA PRO A 56 6.83 -2.60 4.53
C PRO A 56 5.67 -2.73 5.50
N LYS A 57 5.44 -3.93 5.99
CA LYS A 57 4.36 -4.19 6.95
C LYS A 57 4.76 -5.27 7.95
N GLN A 58 4.10 -5.28 9.10
CA GLN A 58 4.39 -6.28 10.12
C GLN A 58 3.91 -7.66 9.68
N HIS A 59 3.57 -7.78 8.39
CA HIS A 59 3.10 -9.04 7.86
C HIS A 59 1.92 -9.58 8.66
N ASP A 60 0.75 -9.00 8.44
CA ASP A 60 -0.45 -9.43 9.15
C ASP A 60 -1.21 -10.46 8.34
N SER A 61 -0.68 -10.82 7.17
CA SER A 61 -1.31 -11.81 6.31
C SER A 61 -0.29 -12.80 5.79
N ILE A 62 -0.72 -14.04 5.56
CA ILE A 62 0.17 -15.09 5.06
C ILE A 62 -0.40 -15.70 3.79
N TRP A 63 0.44 -15.84 2.77
CA TRP A 63 0.00 -16.42 1.51
C TRP A 63 -0.11 -17.94 1.61
N CYS A 64 -1.32 -18.44 1.50
CA CYS A 64 -1.56 -19.88 1.56
C CYS A 64 -1.49 -20.50 0.18
N THR A 65 -0.77 -21.61 0.05
CA THR A 65 -0.64 -22.29 -1.23
C THR A 65 -1.70 -23.39 -1.36
N ALA A 66 -2.39 -23.68 -0.25
CA ALA A 66 -3.43 -24.71 -0.25
C ALA A 66 -4.77 -24.11 -0.65
N CYS A 67 -4.95 -22.81 -0.38
CA CYS A 67 -6.18 -22.12 -0.71
C CYS A 67 -6.03 -21.33 -1.99
N GLN A 68 -4.86 -20.71 -2.17
CA GLN A 68 -4.59 -19.91 -3.38
C GLN A 68 -5.16 -18.51 -3.21
N GLN A 69 -5.20 -18.03 -1.97
CA GLN A 69 -5.73 -16.70 -1.68
C GLN A 69 -5.06 -16.12 -0.44
N THR A 70 -5.27 -14.82 -0.23
CA THR A 70 -4.69 -14.15 0.92
C THR A 70 -5.46 -14.49 2.19
N LYS A 71 -4.72 -14.75 3.28
CA LYS A 71 -5.34 -15.10 4.56
C LYS A 71 -4.68 -14.34 5.70
N GLY A 72 -5.49 -13.89 6.65
CA GLY A 72 -4.96 -13.15 7.79
C GLY A 72 -4.02 -14.02 8.62
N ILE A 73 -3.25 -13.37 9.48
CA ILE A 73 -2.31 -14.09 10.33
C ILE A 73 -3.03 -14.75 11.51
N ASN A 74 -4.19 -14.21 11.86
CA ASN A 74 -4.96 -14.74 12.98
C ASN A 74 -5.36 -16.19 12.72
N GLU A 75 -5.77 -16.47 11.49
CA GLU A 75 -6.18 -17.83 11.13
C GLU A 75 -4.96 -18.68 10.78
N PHE A 76 -3.81 -18.28 11.30
CA PHE A 76 -2.56 -19.02 11.06
C PHE A 76 -1.81 -19.27 12.36
N SER A 77 -1.21 -20.44 12.46
CA SER A 77 -0.44 -20.80 13.66
C SER A 77 1.03 -20.44 13.48
N LYS A 78 1.82 -20.70 14.50
CA LYS A 78 3.25 -20.41 14.45
C LYS A 78 3.99 -21.42 13.58
N ALA A 79 3.58 -22.69 13.68
CA ALA A 79 4.22 -23.75 12.91
C ALA A 79 4.13 -23.47 11.42
N GLN A 80 2.97 -22.99 10.99
CA GLN A 80 2.76 -22.69 9.57
C GLN A 80 3.77 -21.64 9.10
N ARG A 81 4.05 -20.68 9.95
CA ARG A 81 5.00 -19.62 9.63
C ARG A 81 6.42 -20.18 9.59
N HIS A 82 6.72 -21.08 10.52
CA HIS A 82 8.06 -21.68 10.59
C HIS A 82 8.40 -22.39 9.29
N VAL A 83 7.45 -23.14 8.76
CA VAL A 83 7.67 -23.86 7.51
C VAL A 83 7.69 -22.91 6.34
N LEU A 84 8.45 -23.27 5.30
CA LEU A 84 8.54 -22.43 4.12
C LEU A 84 7.24 -22.42 3.35
N ASP A 85 6.33 -23.32 3.69
CA ASP A 85 5.04 -23.41 3.02
C ASP A 85 3.90 -23.36 4.03
N PRO A 86 3.53 -22.18 4.47
CA PRO A 86 2.43 -21.99 5.46
C PRO A 86 1.09 -22.47 4.90
N ARG A 87 0.26 -23.03 5.78
CA ARG A 87 -1.05 -23.52 5.37
C ARG A 87 -2.07 -23.35 6.50
N CYS A 88 -3.18 -22.68 6.19
CA CYS A 88 -4.22 -22.44 7.18
C CYS A 88 -4.45 -23.70 8.02
N GLN A 89 -4.77 -23.50 9.30
CA GLN A 89 -5.00 -24.62 10.20
C GLN A 89 -5.93 -25.63 9.57
N ILE A 90 -6.81 -25.15 8.69
CA ILE A 90 -7.77 -26.03 8.03
C ILE A 90 -7.11 -26.73 6.84
N CYS A 91 -6.05 -26.15 6.33
CA CYS A 91 -5.33 -26.72 5.19
C CYS A 91 -4.40 -27.83 5.64
N VAL A 92 -3.69 -27.60 6.73
CA VAL A 92 -2.77 -28.59 7.26
C VAL A 92 -3.52 -29.71 7.98
N HIS A 93 -4.63 -29.34 8.61
CA HIS A 93 -5.43 -30.32 9.35
C HIS A 93 -6.35 -31.06 8.40
N SER A 94 -6.09 -30.94 7.10
CA SER A 94 -6.90 -31.61 6.10
C SER A 94 -6.24 -32.90 5.65
N GLN A 95 -4.99 -32.80 5.18
CA GLN A 95 -4.26 -33.98 4.72
C GLN A 95 -2.86 -33.99 5.31
N ARG A 96 -2.73 -33.46 6.52
CA ARG A 96 -1.44 -33.43 7.20
C ARG A 96 -0.40 -32.71 6.33
N ASN A 97 0.81 -32.56 6.86
CA ASN A 97 1.88 -31.90 6.13
C ASN A 97 2.57 -32.89 5.19
N MET A 2 -14.57 7.18 -17.98
CA MET A 2 -15.35 6.29 -18.88
C MET A 2 -16.25 5.39 -18.05
N GLY A 3 -17.17 6.01 -17.30
CA GLY A 3 -18.09 5.25 -16.46
C GLY A 3 -18.49 6.06 -15.23
N LYS A 4 -19.71 5.83 -14.75
CA LYS A 4 -20.21 6.54 -13.57
C LYS A 4 -19.40 6.17 -12.34
N ASN A 5 -18.99 4.89 -12.26
CA ASN A 5 -18.20 4.41 -11.13
C ASN A 5 -16.71 4.43 -11.46
N ASP A 6 -15.95 5.14 -10.64
CA ASP A 6 -14.51 5.25 -10.85
C ASP A 6 -13.79 4.04 -10.22
N ASN A 7 -14.57 3.07 -9.78
CA ASN A 7 -14.00 1.86 -9.16
C ASN A 7 -13.16 1.11 -10.18
N ASP A 8 -13.63 1.05 -11.42
CA ASP A 8 -12.90 0.35 -12.48
C ASP A 8 -11.65 1.12 -12.86
N ALA A 9 -10.98 1.71 -11.86
CA ALA A 9 -9.76 2.48 -12.11
C ALA A 9 -8.54 1.70 -11.63
N LEU A 10 -7.56 1.53 -12.52
CA LEU A 10 -6.34 0.80 -12.19
C LEU A 10 -5.15 1.74 -12.22
N ILE A 11 -4.27 1.60 -11.22
CA ILE A 11 -3.08 2.45 -11.12
C ILE A 11 -1.82 1.59 -11.08
N MET A 12 -0.84 1.97 -11.88
CA MET A 12 0.42 1.23 -11.93
C MET A 12 1.36 1.69 -10.83
N CYS A 13 1.98 0.72 -10.18
CA CYS A 13 2.91 1.00 -9.08
C CYS A 13 4.18 1.67 -9.60
N MET A 14 4.73 2.60 -8.83
CA MET A 14 5.94 3.30 -9.24
C MET A 14 7.18 2.44 -8.95
N ARG A 15 6.97 1.31 -8.27
CA ARG A 15 8.08 0.41 -7.93
C ARG A 15 7.87 -0.97 -8.55
N CYS A 16 6.68 -1.52 -8.38
CA CYS A 16 6.37 -2.84 -8.92
C CYS A 16 5.95 -2.75 -10.39
N ARG A 17 5.52 -1.55 -10.79
CA ARG A 17 5.09 -1.32 -12.17
C ARG A 17 3.95 -2.27 -12.55
N LYS A 18 3.21 -2.73 -11.54
CA LYS A 18 2.09 -3.62 -11.78
C LYS A 18 0.77 -2.88 -11.61
N VAL A 19 -0.14 -3.13 -12.54
CA VAL A 19 -1.46 -2.50 -12.52
C VAL A 19 -2.32 -3.12 -11.43
N LYS A 20 -2.96 -2.28 -10.64
CA LYS A 20 -3.80 -2.73 -9.54
C LYS A 20 -5.04 -1.87 -9.41
N GLY A 21 -6.17 -2.48 -9.05
CA GLY A 21 -7.41 -1.75 -8.89
C GLY A 21 -7.66 -1.39 -7.43
N ILE A 22 -8.70 -0.60 -7.20
CA ILE A 22 -9.03 -0.17 -5.83
C ILE A 22 -8.93 -1.34 -4.84
N ASP A 23 -9.07 -2.56 -5.35
CA ASP A 23 -8.99 -3.74 -4.49
C ASP A 23 -7.54 -4.02 -4.08
N SER A 24 -6.63 -3.91 -5.04
CA SER A 24 -5.22 -4.15 -4.79
C SER A 24 -4.50 -2.84 -4.47
N TYR A 25 -5.29 -1.78 -4.30
CA TYR A 25 -4.73 -0.45 -3.99
C TYR A 25 -5.37 0.10 -2.71
N SER A 26 -4.51 0.58 -1.81
CA SER A 26 -4.99 1.14 -0.56
C SER A 26 -5.96 2.28 -0.83
N LYS A 27 -6.97 2.39 0.03
CA LYS A 27 -7.97 3.44 -0.13
C LYS A 27 -7.33 4.82 -0.02
N THR A 28 -6.39 4.96 0.91
CA THR A 28 -5.72 6.24 1.11
C THR A 28 -5.03 6.69 -0.18
N GLN A 29 -4.23 5.80 -0.75
CA GLN A 29 -3.52 6.12 -1.99
C GLN A 29 -4.50 6.28 -3.14
N TRP A 30 -5.50 5.40 -3.19
CA TRP A 30 -6.50 5.45 -4.24
C TRP A 30 -7.21 6.81 -4.25
N SER A 31 -7.46 7.34 -3.06
CA SER A 31 -8.14 8.63 -2.95
C SER A 31 -7.29 9.74 -3.57
N LYS A 32 -5.99 9.50 -3.69
CA LYS A 32 -5.09 10.49 -4.27
C LYS A 32 -5.08 10.38 -5.79
N THR A 33 -5.48 9.22 -6.30
CA THR A 33 -5.50 8.98 -7.74
C THR A 33 -6.54 9.86 -8.41
N PHE A 34 -7.27 10.63 -7.61
CA PHE A 34 -8.29 11.53 -8.14
C PHE A 34 -8.62 12.61 -7.10
N THR A 35 -9.33 13.65 -7.54
CA THR A 35 -9.71 14.75 -6.65
C THR A 35 -11.17 15.10 -6.85
N PHE A 36 -11.70 15.93 -5.96
CA PHE A 36 -13.11 16.33 -6.05
C PHE A 36 -13.22 17.80 -6.44
N VAL A 37 -14.05 18.07 -7.44
CA VAL A 37 -14.26 19.45 -7.91
C VAL A 37 -15.73 19.67 -8.24
N ARG A 38 -16.24 20.83 -7.86
CA ARG A 38 -17.64 21.16 -8.14
C ARG A 38 -18.55 19.96 -7.85
N GLY A 39 -18.06 19.04 -7.03
CA GLY A 39 -18.84 17.85 -6.69
C GLY A 39 -18.71 16.78 -7.76
N ARG A 40 -17.57 16.75 -8.45
CA ARG A 40 -17.33 15.77 -9.50
C ARG A 40 -15.94 15.17 -9.37
N THR A 41 -15.87 13.84 -9.46
CA THR A 41 -14.60 13.14 -9.34
C THR A 41 -13.72 13.44 -10.55
N VAL A 42 -12.45 13.78 -10.30
CA VAL A 42 -11.51 14.08 -11.38
C VAL A 42 -10.19 13.35 -11.17
N SER A 43 -9.68 12.74 -12.23
CA SER A 43 -8.42 12.02 -12.16
C SER A 43 -7.24 12.99 -12.16
N VAL A 44 -6.22 12.69 -11.36
CA VAL A 44 -5.04 13.54 -11.29
C VAL A 44 -4.24 13.44 -12.59
N SER A 45 -3.45 14.48 -12.88
CA SER A 45 -2.64 14.50 -14.09
C SER A 45 -1.53 13.45 -14.02
N ASP A 46 -0.88 13.36 -12.87
CA ASP A 46 0.20 12.40 -12.67
C ASP A 46 0.25 11.94 -11.22
N PRO A 47 -0.60 11.01 -10.84
CA PRO A 47 -0.65 10.49 -9.44
C PRO A 47 0.46 9.49 -9.16
N LYS A 48 1.34 9.84 -8.22
CA LYS A 48 2.46 8.97 -7.84
C LYS A 48 2.20 8.34 -6.48
N VAL A 49 1.88 7.05 -6.48
CA VAL A 49 1.62 6.33 -5.24
C VAL A 49 2.14 4.90 -5.34
N ILE A 50 2.36 4.28 -4.18
CA ILE A 50 2.87 2.91 -4.14
C ILE A 50 1.74 1.94 -3.80
N CYS A 51 1.90 0.69 -4.24
CA CYS A 51 0.90 -0.33 -3.98
C CYS A 51 1.05 -0.91 -2.58
N ARG A 52 0.25 -1.93 -2.27
CA ARG A 52 0.30 -2.58 -0.97
C ARG A 52 1.52 -3.46 -0.82
N THR A 53 1.92 -4.10 -1.92
CA THR A 53 3.07 -5.01 -1.89
C THR A 53 4.32 -4.30 -1.38
N CYS A 54 4.61 -3.12 -1.93
CA CYS A 54 5.79 -2.36 -1.50
C CYS A 54 5.45 -1.51 -0.28
N GLN A 55 4.20 -1.64 0.19
CA GLN A 55 3.75 -0.87 1.36
C GLN A 55 3.10 -1.80 2.39
N PRO A 56 3.83 -2.79 2.84
CA PRO A 56 3.31 -3.77 3.84
C PRO A 56 3.11 -3.13 5.21
N LYS A 57 3.80 -2.01 5.44
CA LYS A 57 3.70 -1.32 6.72
C LYS A 57 2.28 -0.79 6.93
N GLN A 58 1.47 -1.57 7.65
CA GLN A 58 0.10 -1.18 7.93
C GLN A 58 0.05 -0.22 9.11
N HIS A 59 -0.65 0.90 8.92
CA HIS A 59 -0.77 1.90 9.97
C HIS A 59 0.58 2.12 10.66
N ASP A 60 0.66 1.77 11.94
CA ASP A 60 1.90 1.95 12.69
C ASP A 60 1.77 1.30 14.06
N SER A 61 2.86 1.32 14.82
CA SER A 61 2.87 0.74 16.15
C SER A 61 1.82 1.41 17.03
N ILE A 62 1.63 0.88 18.24
CA ILE A 62 0.65 1.42 19.17
C ILE A 62 1.28 1.64 20.54
N TRP A 63 1.02 2.81 21.12
CA TRP A 63 1.56 3.14 22.43
C TRP A 63 0.65 2.63 23.54
N CYS A 64 1.22 1.88 24.48
CA CYS A 64 0.48 1.37 25.62
C CYS A 64 0.64 2.32 26.79
N THR A 65 -0.47 2.65 27.45
CA THR A 65 -0.42 3.56 28.59
C THR A 65 -0.23 2.78 29.88
N ALA A 66 -0.36 1.45 29.81
CA ALA A 66 -0.19 0.62 31.00
C ALA A 66 1.26 0.12 31.11
N CYS A 67 2.02 0.24 30.02
CA CYS A 67 3.43 -0.20 30.01
C CYS A 67 4.35 0.99 29.80
N GLN A 68 3.79 2.08 29.27
CA GLN A 68 4.58 3.28 29.01
C GLN A 68 5.71 2.98 28.03
N GLN A 69 5.48 1.99 27.16
CA GLN A 69 6.48 1.60 26.16
C GLN A 69 5.83 1.42 24.79
N THR A 70 6.61 1.63 23.74
CA THR A 70 6.11 1.49 22.38
C THR A 70 6.11 0.03 21.95
N LYS A 71 4.98 -0.43 21.41
CA LYS A 71 4.86 -1.82 20.97
C LYS A 71 4.38 -1.87 19.53
N GLY A 72 4.96 -2.80 18.77
CA GLY A 72 4.58 -2.95 17.38
C GLY A 72 3.09 -3.21 17.23
N ILE A 73 2.60 -3.07 16.01
CA ILE A 73 1.19 -3.30 15.74
C ILE A 73 0.81 -4.76 15.95
N ASN A 74 1.74 -5.65 15.59
CA ASN A 74 1.51 -7.08 15.73
C ASN A 74 1.25 -7.44 17.19
N GLU A 75 1.99 -6.80 18.10
CA GLU A 75 1.82 -7.06 19.53
C GLU A 75 0.54 -6.43 20.05
N PHE A 76 -0.28 -5.93 19.13
CA PHE A 76 -1.56 -5.29 19.50
C PHE A 76 -2.70 -5.89 18.68
N SER A 77 -3.88 -5.91 19.30
CA SER A 77 -5.07 -6.44 18.64
C SER A 77 -5.78 -5.34 17.86
N LYS A 78 -6.77 -5.74 17.07
CA LYS A 78 -7.54 -4.77 16.29
C LYS A 78 -8.44 -3.93 17.17
N ALA A 79 -9.14 -4.59 18.10
CA ALA A 79 -10.05 -3.90 19.00
C ALA A 79 -9.30 -2.90 19.88
N GLN A 80 -8.11 -3.28 20.31
CA GLN A 80 -7.30 -2.41 21.16
C GLN A 80 -7.06 -1.07 20.47
N ARG A 81 -7.10 -1.07 19.14
CA ARG A 81 -6.89 0.15 18.38
C ARG A 81 -8.21 0.90 18.21
N HIS A 82 -9.32 0.20 18.46
CA HIS A 82 -10.64 0.80 18.32
C HIS A 82 -11.10 1.44 19.64
N VAL A 83 -10.16 1.69 20.53
CA VAL A 83 -10.46 2.30 21.82
C VAL A 83 -9.60 3.53 22.04
N LEU A 84 -10.05 4.41 22.92
CA LEU A 84 -9.32 5.63 23.22
C LEU A 84 -7.96 5.33 23.83
N ASP A 85 -7.91 4.33 24.70
CA ASP A 85 -6.67 3.95 25.37
C ASP A 85 -6.30 2.50 25.06
N PRO A 86 -5.64 2.27 23.96
CA PRO A 86 -5.21 0.90 23.55
C PRO A 86 -4.36 0.23 24.62
N ARG A 87 -4.57 -1.08 24.79
CA ARG A 87 -3.82 -1.85 25.78
C ARG A 87 -3.24 -3.11 25.16
N CYS A 88 -1.92 -3.22 25.18
CA CYS A 88 -1.26 -4.39 24.61
C CYS A 88 -1.95 -5.68 25.06
N GLN A 89 -1.98 -6.66 24.18
CA GLN A 89 -2.61 -7.94 24.49
C GLN A 89 -2.07 -8.51 25.79
N ILE A 90 -0.98 -7.92 26.28
CA ILE A 90 -0.37 -8.36 27.54
C ILE A 90 -1.01 -7.65 28.74
N CYS A 91 -1.30 -6.36 28.56
CA CYS A 91 -1.91 -5.57 29.63
C CYS A 91 -3.34 -6.01 29.88
N VAL A 92 -4.03 -6.42 28.82
CA VAL A 92 -5.41 -6.87 28.94
C VAL A 92 -5.48 -8.26 29.57
N HIS A 93 -4.54 -9.13 29.19
CA HIS A 93 -4.51 -10.48 29.72
C HIS A 93 -4.26 -10.47 31.22
N SER A 94 -4.16 -9.26 31.79
CA SER A 94 -3.92 -9.12 33.23
C SER A 94 -4.98 -8.21 33.86
N GLN A 95 -5.08 -6.98 33.34
CA GLN A 95 -6.06 -6.02 33.86
C GLN A 95 -7.32 -6.02 33.01
N ARG A 96 -7.63 -7.17 32.42
CA ARG A 96 -8.82 -7.32 31.58
C ARG A 96 -9.15 -6.00 30.88
N ASN A 97 -10.19 -5.32 31.36
CA ASN A 97 -10.60 -4.03 30.79
C ASN A 97 -10.28 -2.91 31.77
N MET A 2 -21.93 8.90 -16.40
CA MET A 2 -20.55 8.62 -15.92
C MET A 2 -20.55 7.30 -15.16
N GLY A 3 -19.57 6.45 -15.46
CA GLY A 3 -19.47 5.15 -14.79
C GLY A 3 -18.97 5.31 -13.36
N LYS A 4 -19.88 5.16 -12.41
CA LYS A 4 -19.52 5.29 -10.99
C LYS A 4 -18.52 4.21 -10.60
N ASN A 5 -18.65 3.04 -11.21
CA ASN A 5 -17.76 1.92 -10.92
C ASN A 5 -16.34 2.20 -11.42
N ASP A 6 -15.89 3.43 -11.25
CA ASP A 6 -14.54 3.81 -11.67
C ASP A 6 -13.50 3.28 -10.70
N ASN A 7 -13.96 2.69 -9.60
CA ASN A 7 -13.05 2.14 -8.59
C ASN A 7 -12.27 0.97 -9.17
N ASP A 8 -12.84 0.32 -10.17
CA ASP A 8 -12.19 -0.82 -10.81
C ASP A 8 -11.08 -0.35 -11.74
N ALA A 9 -10.58 0.85 -11.48
CA ALA A 9 -9.51 1.42 -12.30
C ALA A 9 -8.18 0.70 -12.04
N LEU A 10 -7.16 1.03 -12.83
CA LEU A 10 -5.84 0.42 -12.64
C LEU A 10 -4.76 1.48 -12.83
N ILE A 11 -4.09 1.82 -11.72
CA ILE A 11 -3.03 2.83 -11.73
C ILE A 11 -1.66 2.14 -11.73
N MET A 12 -0.69 2.75 -12.39
CA MET A 12 0.66 2.19 -12.46
C MET A 12 1.43 2.54 -11.18
N CYS A 13 2.13 1.56 -10.64
CA CYS A 13 2.93 1.78 -9.42
C CYS A 13 4.23 2.50 -9.76
N MET A 14 4.62 3.45 -8.92
CA MET A 14 5.84 4.21 -9.18
C MET A 14 7.08 3.40 -8.81
N ARG A 15 6.87 2.22 -8.22
CA ARG A 15 7.98 1.35 -7.81
C ARG A 15 7.94 0.02 -8.56
N CYS A 16 7.18 -0.93 -8.05
CA CYS A 16 7.08 -2.25 -8.67
C CYS A 16 6.40 -2.18 -10.04
N ARG A 17 5.94 -0.99 -10.40
CA ARG A 17 5.27 -0.79 -11.69
C ARG A 17 4.22 -1.85 -11.94
N LYS A 18 3.53 -2.26 -10.87
CA LYS A 18 2.48 -3.26 -10.99
C LYS A 18 1.13 -2.59 -11.21
N VAL A 19 0.44 -3.02 -12.26
CA VAL A 19 -0.88 -2.47 -12.59
C VAL A 19 -1.96 -3.27 -11.88
N LYS A 20 -2.64 -2.62 -10.94
CA LYS A 20 -3.72 -3.26 -10.17
C LYS A 20 -4.76 -2.21 -9.80
N GLY A 21 -5.89 -2.66 -9.26
CA GLY A 21 -6.95 -1.76 -8.85
C GLY A 21 -7.00 -1.65 -7.31
N ILE A 22 -8.08 -1.09 -6.80
CA ILE A 22 -8.24 -0.91 -5.36
C ILE A 22 -7.93 -2.19 -4.57
N ASP A 23 -7.73 -3.30 -5.28
CA ASP A 23 -7.42 -4.55 -4.61
C ASP A 23 -6.01 -4.51 -4.03
N SER A 24 -5.06 -4.09 -4.86
CA SER A 24 -3.66 -3.97 -4.44
C SER A 24 -3.39 -2.60 -3.82
N TYR A 25 -4.44 -1.79 -3.69
CA TYR A 25 -4.31 -0.46 -3.09
C TYR A 25 -5.33 -0.24 -1.97
N SER A 26 -4.89 0.46 -0.92
CA SER A 26 -5.75 0.76 0.20
C SER A 26 -6.82 1.77 -0.23
N LYS A 27 -7.90 1.85 0.53
CA LYS A 27 -8.98 2.78 0.21
C LYS A 27 -8.48 4.22 0.24
N THR A 28 -7.66 4.54 1.24
CA THR A 28 -7.13 5.90 1.38
C THR A 28 -6.27 6.28 0.18
N GLN A 29 -5.37 5.38 -0.22
CA GLN A 29 -4.48 5.65 -1.36
C GLN A 29 -5.26 5.80 -2.65
N TRP A 30 -6.16 4.86 -2.91
CA TRP A 30 -6.95 4.88 -4.13
C TRP A 30 -7.72 6.20 -4.25
N SER A 31 -8.13 6.72 -3.10
CA SER A 31 -8.87 7.98 -3.07
C SER A 31 -8.00 9.14 -3.53
N LYS A 32 -6.68 8.96 -3.48
CA LYS A 32 -5.76 10.02 -3.87
C LYS A 32 -5.65 10.07 -5.39
N THR A 33 -6.03 8.97 -6.05
CA THR A 33 -5.97 8.90 -7.50
C THR A 33 -7.03 9.76 -8.13
N PHE A 34 -7.94 10.30 -7.31
CA PHE A 34 -9.02 11.14 -7.79
C PHE A 34 -8.99 12.48 -7.08
N THR A 35 -9.37 13.53 -7.81
CA THR A 35 -9.41 14.88 -7.25
C THR A 35 -10.80 15.46 -7.40
N PHE A 36 -11.12 16.41 -6.54
CA PHE A 36 -12.42 17.07 -6.56
C PHE A 36 -12.31 18.46 -7.17
N VAL A 37 -13.06 18.71 -8.24
CA VAL A 37 -13.05 20.01 -8.92
C VAL A 37 -14.47 20.54 -9.09
N ARG A 38 -14.69 21.79 -8.71
CA ARG A 38 -16.02 22.39 -8.83
C ARG A 38 -17.09 21.50 -8.20
N GLY A 39 -16.68 20.67 -7.23
CA GLY A 39 -17.63 19.78 -6.57
C GLY A 39 -17.90 18.55 -7.41
N ARG A 40 -17.05 18.31 -8.40
CA ARG A 40 -17.20 17.16 -9.29
C ARG A 40 -16.01 16.24 -9.17
N THR A 41 -16.26 14.93 -9.27
CA THR A 41 -15.18 13.95 -9.17
C THR A 41 -14.40 13.88 -10.48
N VAL A 42 -13.09 14.11 -10.39
CA VAL A 42 -12.22 14.07 -11.57
C VAL A 42 -10.98 13.24 -11.29
N SER A 43 -10.62 12.37 -12.23
CA SER A 43 -9.44 11.51 -12.06
C SER A 43 -8.17 12.35 -12.14
N VAL A 44 -7.15 11.94 -11.38
CA VAL A 44 -5.89 12.66 -11.37
C VAL A 44 -5.16 12.47 -12.69
N SER A 45 -4.50 13.52 -13.17
CA SER A 45 -3.77 13.45 -14.43
C SER A 45 -2.57 12.51 -14.30
N ASP A 46 -1.86 12.59 -13.18
CA ASP A 46 -0.69 11.75 -12.95
C ASP A 46 -0.50 11.51 -11.45
N PRO A 47 -1.24 10.61 -10.88
CA PRO A 47 -1.15 10.31 -9.42
C PRO A 47 0.03 9.39 -9.11
N LYS A 48 0.69 9.68 -7.98
CA LYS A 48 1.84 8.89 -7.54
C LYS A 48 1.58 8.29 -6.16
N VAL A 49 1.40 6.97 -6.11
CA VAL A 49 1.16 6.28 -4.85
C VAL A 49 1.73 4.86 -4.91
N ILE A 50 2.17 4.36 -3.76
CA ILE A 50 2.73 3.00 -3.69
C ILE A 50 1.62 1.99 -3.45
N CYS A 51 1.86 0.75 -3.90
CA CYS A 51 0.88 -0.32 -3.72
C CYS A 51 1.17 -1.10 -2.44
N ARG A 52 0.14 -1.72 -1.89
CA ARG A 52 0.29 -2.51 -0.66
C ARG A 52 1.27 -3.66 -0.88
N THR A 53 1.33 -4.15 -2.12
CA THR A 53 2.22 -5.24 -2.47
C THR A 53 3.68 -4.85 -2.33
N CYS A 54 4.01 -3.61 -2.70
CA CYS A 54 5.38 -3.13 -2.62
C CYS A 54 5.94 -3.34 -1.21
N GLN A 55 5.48 -2.52 -0.28
CA GLN A 55 5.95 -2.61 1.11
C GLN A 55 7.44 -2.91 1.16
N PRO A 56 8.29 -1.96 0.83
CA PRO A 56 9.76 -2.18 0.83
C PRO A 56 10.34 -2.31 2.24
N LYS A 57 9.70 -1.66 3.21
CA LYS A 57 10.17 -1.72 4.58
C LYS A 57 9.15 -1.07 5.52
N GLN A 58 9.16 0.26 5.56
CA GLN A 58 8.23 1.00 6.42
C GLN A 58 8.29 0.45 7.85
N HIS A 59 7.13 0.09 8.39
CA HIS A 59 7.06 -0.44 9.75
C HIS A 59 7.97 0.33 10.69
N ASP A 60 7.50 1.48 11.16
CA ASP A 60 8.29 2.31 12.07
C ASP A 60 7.39 3.25 12.85
N SER A 61 7.88 3.74 13.98
CA SER A 61 7.11 4.66 14.82
C SER A 61 6.69 5.88 14.03
N ILE A 62 5.85 6.72 14.64
CA ILE A 62 5.37 7.94 13.98
C ILE A 62 5.43 9.14 14.93
N TRP A 63 5.88 10.28 14.40
CA TRP A 63 6.00 11.51 15.21
C TRP A 63 4.66 12.25 15.24
N CYS A 64 4.31 12.75 16.42
CA CYS A 64 3.05 13.49 16.60
C CYS A 64 3.33 14.97 16.85
N THR A 65 2.55 15.82 16.22
CA THR A 65 2.70 17.26 16.39
C THR A 65 1.71 17.78 17.46
N ALA A 66 0.75 16.93 17.83
CA ALA A 66 -0.25 17.29 18.82
C ALA A 66 0.29 17.05 20.24
N CYS A 67 1.29 16.18 20.34
CA CYS A 67 1.90 15.87 21.64
C CYS A 67 3.39 16.19 21.59
N GLN A 68 3.89 16.45 20.38
CA GLN A 68 5.30 16.78 20.19
C GLN A 68 6.17 15.65 20.73
N GLN A 69 5.70 14.41 20.59
CA GLN A 69 6.45 13.25 21.07
C GLN A 69 6.33 12.09 20.10
N THR A 70 7.31 11.19 20.14
CA THR A 70 7.31 10.03 19.27
C THR A 70 6.52 8.89 19.89
N LYS A 71 5.77 8.18 19.05
CA LYS A 71 4.96 7.04 19.52
C LYS A 71 5.11 5.87 18.57
N GLY A 72 5.04 4.68 19.12
CA GLY A 72 5.16 3.47 18.31
C GLY A 72 4.03 3.37 17.30
N ILE A 73 4.22 2.49 16.32
CA ILE A 73 3.21 2.30 15.28
C ILE A 73 1.95 1.63 15.84
N ASN A 74 2.15 0.77 16.84
CA ASN A 74 1.02 0.06 17.45
C ASN A 74 0.04 1.05 18.08
N GLU A 75 0.58 2.08 18.74
CA GLU A 75 -0.24 3.09 19.38
C GLU A 75 -0.73 4.10 18.35
N PHE A 76 -0.43 3.84 17.08
CA PHE A 76 -0.83 4.74 15.99
C PHE A 76 -1.68 3.99 14.97
N SER A 77 -2.70 4.69 14.46
CA SER A 77 -3.59 4.11 13.45
C SER A 77 -3.03 4.31 12.05
N LYS A 78 -3.56 3.56 11.09
CA LYS A 78 -3.13 3.67 9.70
C LYS A 78 -3.65 4.98 9.09
N ALA A 79 -4.87 5.35 9.46
CA ALA A 79 -5.47 6.57 8.93
C ALA A 79 -4.63 7.79 9.30
N GLN A 80 -4.11 7.81 10.51
CA GLN A 80 -3.30 8.93 10.96
C GLN A 80 -1.90 8.86 10.34
N ARG A 81 -1.56 7.69 9.81
CA ARG A 81 -0.26 7.50 9.18
C ARG A 81 -0.27 8.05 7.75
N HIS A 82 -1.47 8.20 7.19
CA HIS A 82 -1.60 8.72 5.82
C HIS A 82 -1.62 10.25 5.78
N VAL A 83 -2.36 10.85 6.71
CA VAL A 83 -2.46 12.31 6.76
C VAL A 83 -1.06 12.93 6.83
N LEU A 84 -0.99 14.24 6.63
CA LEU A 84 0.30 14.94 6.66
C LEU A 84 0.70 15.26 8.09
N ASP A 85 -0.24 15.16 9.02
CA ASP A 85 0.05 15.45 10.43
C ASP A 85 -0.50 14.33 11.32
N PRO A 86 0.21 13.23 11.40
CA PRO A 86 -0.22 12.06 12.22
C PRO A 86 -0.42 12.42 13.69
N ARG A 87 -1.46 11.85 14.30
CA ARG A 87 -1.77 12.13 15.71
C ARG A 87 -1.95 10.82 16.49
N CYS A 88 -1.46 10.80 17.73
CA CYS A 88 -1.59 9.60 18.58
C CYS A 88 -3.06 9.35 18.91
N GLN A 89 -3.43 8.08 19.00
CA GLN A 89 -4.80 7.71 19.33
C GLN A 89 -5.27 8.47 20.57
N ILE A 90 -4.34 9.13 21.26
CA ILE A 90 -4.67 9.88 22.47
C ILE A 90 -5.10 11.32 22.14
N CYS A 91 -4.31 12.01 21.34
CA CYS A 91 -4.61 13.39 20.99
C CYS A 91 -5.92 13.48 20.19
N VAL A 92 -6.22 12.45 19.40
CA VAL A 92 -7.45 12.45 18.61
C VAL A 92 -8.66 12.32 19.52
N HIS A 93 -8.55 11.46 20.53
CA HIS A 93 -9.66 11.24 21.46
C HIS A 93 -10.24 12.56 21.92
N SER A 94 -9.38 13.44 22.42
CA SER A 94 -9.82 14.75 22.89
C SER A 94 -9.93 15.73 21.73
N GLN A 95 -8.87 15.82 20.93
CA GLN A 95 -8.85 16.74 19.79
C GLN A 95 -9.59 16.12 18.60
N ARG A 96 -10.66 15.39 18.90
CA ARG A 96 -11.48 14.74 17.86
C ARG A 96 -10.62 14.34 16.64
N ASN A 97 -10.75 15.10 15.57
CA ASN A 97 -9.97 14.84 14.35
C ASN A 97 -9.92 16.10 13.47
N MET A 2 -24.45 2.76 -19.33
CA MET A 2 -23.44 3.84 -19.19
C MET A 2 -22.87 3.84 -17.78
N GLY A 3 -21.55 3.68 -17.67
CA GLY A 3 -20.90 3.66 -16.37
C GLY A 3 -21.22 2.38 -15.60
N LYS A 4 -20.83 1.24 -16.17
CA LYS A 4 -21.09 -0.04 -15.54
C LYS A 4 -20.38 -0.13 -14.19
N ASN A 5 -19.12 0.29 -14.17
CA ASN A 5 -18.34 0.26 -12.94
C ASN A 5 -17.04 1.02 -13.11
N ASP A 6 -16.92 2.15 -12.41
CA ASP A 6 -15.71 2.97 -12.49
C ASP A 6 -14.73 2.59 -11.39
N ASN A 7 -15.09 1.59 -10.60
CA ASN A 7 -14.23 1.13 -9.51
C ASN A 7 -13.27 0.05 -10.00
N ASP A 8 -13.36 -0.28 -11.28
CA ASP A 8 -12.49 -1.31 -11.86
C ASP A 8 -11.25 -0.67 -12.46
N ALA A 9 -11.02 0.60 -12.13
CA ALA A 9 -9.86 1.31 -12.64
C ALA A 9 -8.58 0.79 -12.01
N LEU A 10 -7.53 0.63 -12.82
CA LEU A 10 -6.25 0.14 -12.32
C LEU A 10 -5.25 1.27 -12.22
N ILE A 11 -4.64 1.41 -11.05
CA ILE A 11 -3.65 2.47 -10.83
C ILE A 11 -2.25 1.96 -11.15
N MET A 12 -1.47 2.79 -11.81
CA MET A 12 -0.11 2.43 -12.18
C MET A 12 0.85 2.77 -11.03
N CYS A 13 1.57 1.75 -10.57
CA CYS A 13 2.52 1.93 -9.48
C CYS A 13 3.86 2.40 -10.05
N MET A 14 4.59 3.21 -9.31
CA MET A 14 5.88 3.72 -9.79
C MET A 14 7.04 2.89 -9.24
N ARG A 15 6.74 1.99 -8.31
CA ARG A 15 7.76 1.14 -7.71
C ARG A 15 7.98 -0.11 -8.53
N CYS A 16 6.93 -0.90 -8.71
CA CYS A 16 7.02 -2.14 -9.48
C CYS A 16 6.41 -1.96 -10.86
N ARG A 17 6.18 -0.71 -11.26
CA ARG A 17 5.60 -0.42 -12.57
C ARG A 17 4.48 -1.40 -12.89
N LYS A 18 3.79 -1.88 -11.86
CA LYS A 18 2.70 -2.82 -12.03
C LYS A 18 1.36 -2.15 -11.78
N VAL A 19 0.31 -2.70 -12.37
CA VAL A 19 -1.03 -2.15 -12.23
C VAL A 19 -1.85 -2.97 -11.25
N LYS A 20 -2.50 -2.29 -10.33
CA LYS A 20 -3.32 -2.95 -9.31
C LYS A 20 -4.67 -2.24 -9.16
N GLY A 21 -5.72 -3.03 -9.00
CA GLY A 21 -7.06 -2.49 -8.84
C GLY A 21 -7.37 -2.19 -7.38
N ILE A 22 -8.48 -1.52 -7.14
CA ILE A 22 -8.88 -1.18 -5.78
C ILE A 22 -8.73 -2.38 -4.85
N ASP A 23 -8.82 -3.58 -5.40
CA ASP A 23 -8.69 -4.80 -4.61
C ASP A 23 -7.23 -5.01 -4.19
N SER A 24 -6.30 -4.73 -5.11
CA SER A 24 -4.88 -4.91 -4.84
C SER A 24 -4.26 -3.58 -4.43
N TYR A 25 -5.10 -2.58 -4.18
CA TYR A 25 -4.64 -1.25 -3.78
C TYR A 25 -5.40 -0.76 -2.55
N SER A 26 -4.68 -0.10 -1.65
CA SER A 26 -5.28 0.44 -0.45
C SER A 26 -6.35 1.46 -0.81
N LYS A 27 -7.38 1.55 0.02
CA LYS A 27 -8.47 2.49 -0.23
C LYS A 27 -7.95 3.93 -0.25
N THR A 28 -7.05 4.25 0.70
CA THR A 28 -6.51 5.59 0.77
C THR A 28 -5.70 5.91 -0.48
N GLN A 29 -4.81 5.01 -0.87
CA GLN A 29 -3.98 5.22 -2.06
C GLN A 29 -4.85 5.37 -3.30
N TRP A 30 -5.82 4.48 -3.44
CA TRP A 30 -6.72 4.51 -4.60
C TRP A 30 -7.52 5.81 -4.62
N SER A 31 -7.92 6.26 -3.45
CA SER A 31 -8.69 7.49 -3.32
C SER A 31 -7.82 8.72 -3.57
N LYS A 32 -6.52 8.58 -3.31
CA LYS A 32 -5.59 9.68 -3.51
C LYS A 32 -5.40 9.97 -4.98
N THR A 33 -5.86 9.06 -5.83
CA THR A 33 -5.72 9.23 -7.27
C THR A 33 -6.89 10.01 -7.84
N PHE A 34 -7.76 10.52 -6.97
CA PHE A 34 -8.92 11.29 -7.39
C PHE A 34 -8.93 12.64 -6.69
N THR A 35 -9.45 13.64 -7.39
CA THR A 35 -9.52 15.00 -6.85
C THR A 35 -10.90 15.58 -7.08
N PHE A 36 -11.23 16.61 -6.30
CA PHE A 36 -12.53 17.26 -6.42
C PHE A 36 -12.37 18.67 -6.98
N VAL A 37 -12.95 18.89 -8.15
CA VAL A 37 -12.87 20.20 -8.81
C VAL A 37 -14.22 20.60 -9.37
N ARG A 38 -14.50 21.90 -9.37
CA ARG A 38 -15.76 22.40 -9.89
C ARG A 38 -16.93 21.69 -9.23
N GLY A 39 -16.66 21.07 -8.09
CA GLY A 39 -17.71 20.37 -7.37
C GLY A 39 -18.05 19.04 -8.03
N ARG A 40 -17.09 18.50 -8.79
CA ARG A 40 -17.29 17.22 -9.49
C ARG A 40 -16.07 16.33 -9.33
N THR A 41 -16.31 15.04 -9.17
CA THR A 41 -15.23 14.08 -9.01
C THR A 41 -14.40 14.00 -10.28
N VAL A 42 -13.08 14.15 -10.14
CA VAL A 42 -12.17 14.10 -11.28
C VAL A 42 -10.95 13.24 -10.95
N SER A 43 -10.55 12.40 -11.90
CA SER A 43 -9.39 11.54 -11.69
C SER A 43 -8.10 12.36 -11.75
N VAL A 44 -7.12 11.96 -10.95
CA VAL A 44 -5.85 12.66 -10.93
C VAL A 44 -5.08 12.40 -12.21
N SER A 45 -4.19 13.33 -12.56
CA SER A 45 -3.38 13.20 -13.78
C SER A 45 -2.05 12.53 -13.46
N ASP A 46 -1.51 12.81 -12.28
CA ASP A 46 -0.23 12.23 -11.85
C ASP A 46 -0.39 11.59 -10.47
N PRO A 47 -1.08 10.48 -10.40
CA PRO A 47 -1.32 9.76 -9.11
C PRO A 47 -0.08 9.00 -8.63
N LYS A 48 0.75 9.68 -7.86
CA LYS A 48 1.96 9.06 -7.35
C LYS A 48 1.68 8.32 -6.04
N VAL A 49 1.36 7.03 -6.17
CA VAL A 49 1.05 6.20 -5.01
C VAL A 49 1.82 4.88 -5.11
N ILE A 50 1.92 4.19 -3.98
CA ILE A 50 2.64 2.92 -3.92
C ILE A 50 1.68 1.77 -3.59
N CYS A 51 2.11 0.55 -3.92
CA CYS A 51 1.30 -0.63 -3.65
C CYS A 51 1.40 -1.03 -2.18
N ARG A 52 0.53 -1.95 -1.78
CA ARG A 52 0.52 -2.42 -0.41
C ARG A 52 1.76 -3.26 -0.13
N THR A 53 2.20 -4.02 -1.13
CA THR A 53 3.38 -4.88 -0.98
C THR A 53 4.65 -4.07 -1.19
N CYS A 54 4.56 -2.99 -1.96
CA CYS A 54 5.72 -2.15 -2.23
C CYS A 54 6.06 -1.30 -1.01
N GLN A 55 5.09 -1.13 -0.12
CA GLN A 55 5.30 -0.34 1.10
C GLN A 55 6.51 -0.87 1.87
N PRO A 56 6.44 -2.10 2.33
CA PRO A 56 7.54 -2.73 3.11
C PRO A 56 8.84 -2.82 2.30
N LYS A 57 9.95 -2.94 3.00
CA LYS A 57 11.24 -3.04 2.33
C LYS A 57 11.29 -4.27 1.45
N GLN A 58 11.82 -4.11 0.24
CA GLN A 58 11.92 -5.22 -0.72
C GLN A 58 12.39 -6.48 -0.01
N HIS A 59 12.24 -7.62 -0.68
CA HIS A 59 12.66 -8.89 -0.10
C HIS A 59 14.17 -8.93 0.06
N ASP A 60 14.65 -9.94 0.78
CA ASP A 60 16.08 -10.09 1.01
C ASP A 60 16.76 -10.77 -0.18
N SER A 61 16.00 -10.93 -1.26
CA SER A 61 16.53 -11.57 -2.45
C SER A 61 17.75 -10.81 -2.97
N ILE A 62 18.37 -11.33 -4.02
CA ILE A 62 19.56 -10.71 -4.59
C ILE A 62 19.43 -10.62 -6.11
N TRP A 63 19.81 -9.46 -6.65
CA TRP A 63 19.74 -9.25 -8.09
C TRP A 63 20.98 -9.80 -8.79
N CYS A 64 20.78 -10.51 -9.89
CA CYS A 64 21.88 -11.08 -10.66
C CYS A 64 22.19 -10.18 -11.85
N THR A 65 23.44 -9.74 -11.96
CA THR A 65 23.83 -8.86 -13.06
C THR A 65 24.42 -9.67 -14.21
N ALA A 66 24.68 -10.95 -13.96
CA ALA A 66 25.24 -11.82 -14.98
C ALA A 66 24.18 -12.16 -16.04
N CYS A 67 22.99 -12.53 -15.56
CA CYS A 67 21.89 -12.88 -16.45
C CYS A 67 20.78 -11.84 -16.39
N GLN A 68 20.95 -10.89 -15.48
CA GLN A 68 19.98 -9.81 -15.33
C GLN A 68 18.64 -10.36 -14.82
N GLN A 69 18.71 -11.31 -13.90
CA GLN A 69 17.50 -11.92 -13.34
C GLN A 69 17.56 -11.91 -11.82
N THR A 70 16.41 -11.64 -11.21
CA THR A 70 16.33 -11.61 -9.74
C THR A 70 16.21 -13.01 -9.18
N LYS A 71 17.00 -13.30 -8.15
CA LYS A 71 16.98 -14.62 -7.51
C LYS A 71 16.99 -14.49 -6.00
N GLY A 72 16.31 -15.41 -5.33
CA GLY A 72 16.25 -15.40 -3.88
C GLY A 72 17.58 -15.84 -3.28
N ILE A 73 17.74 -15.63 -1.98
CA ILE A 73 18.97 -16.01 -1.29
C ILE A 73 19.05 -17.53 -1.13
N ASN A 74 17.90 -18.19 -1.32
CA ASN A 74 17.86 -19.65 -1.21
C ASN A 74 18.65 -20.30 -2.33
N GLU A 75 18.50 -19.76 -3.54
CA GLU A 75 19.19 -20.30 -4.71
C GLU A 75 20.49 -19.55 -4.95
N PHE A 76 20.92 -18.80 -3.94
CA PHE A 76 22.16 -18.01 -4.05
C PHE A 76 23.15 -18.45 -2.97
N SER A 77 24.39 -18.72 -3.39
CA SER A 77 25.41 -19.14 -2.46
C SER A 77 25.62 -18.07 -1.40
N LYS A 78 25.97 -18.51 -0.19
CA LYS A 78 26.19 -17.60 0.92
C LYS A 78 27.39 -16.68 0.65
N ALA A 79 28.44 -17.26 0.09
CA ALA A 79 29.65 -16.50 -0.21
C ALA A 79 29.34 -15.37 -1.19
N GLN A 80 28.40 -15.62 -2.11
CA GLN A 80 28.02 -14.62 -3.10
C GLN A 80 27.42 -13.38 -2.42
N ARG A 81 26.53 -13.61 -1.47
CA ARG A 81 25.88 -12.53 -0.76
C ARG A 81 26.92 -11.61 -0.10
N HIS A 82 28.20 -11.99 -0.23
CA HIS A 82 29.29 -11.23 0.36
C HIS A 82 30.20 -10.63 -0.71
N VAL A 83 29.68 -10.49 -1.94
CA VAL A 83 30.47 -9.94 -3.04
C VAL A 83 29.71 -8.80 -3.69
N LEU A 84 30.44 -7.94 -4.39
CA LEU A 84 29.82 -6.80 -5.06
C LEU A 84 28.88 -7.25 -6.16
N ASP A 85 29.28 -8.28 -6.92
CA ASP A 85 28.47 -8.78 -8.03
C ASP A 85 28.08 -10.25 -7.78
N PRO A 86 26.93 -10.50 -7.22
CA PRO A 86 26.47 -11.89 -6.91
C PRO A 86 25.96 -12.60 -8.16
N ARG A 87 26.45 -13.82 -8.38
CA ARG A 87 26.03 -14.61 -9.54
C ARG A 87 25.14 -15.77 -9.09
N CYS A 88 23.98 -15.89 -9.73
CA CYS A 88 23.05 -16.97 -9.39
C CYS A 88 23.69 -18.32 -9.61
N GLN A 89 23.26 -19.31 -8.82
CA GLN A 89 23.81 -20.66 -8.95
C GLN A 89 23.79 -21.12 -10.41
N ILE A 90 23.05 -20.42 -11.25
CA ILE A 90 22.96 -20.76 -12.67
C ILE A 90 24.07 -20.07 -13.46
N CYS A 91 24.33 -18.81 -13.14
CA CYS A 91 25.35 -18.04 -13.85
C CYS A 91 26.75 -18.59 -13.53
N VAL A 92 26.95 -19.04 -12.31
CA VAL A 92 28.24 -19.58 -11.91
C VAL A 92 28.51 -20.90 -12.61
N HIS A 93 27.46 -21.69 -12.80
CA HIS A 93 27.60 -22.98 -13.45
C HIS A 93 27.63 -22.82 -14.97
N SER A 94 27.47 -21.58 -15.44
CA SER A 94 27.48 -21.29 -16.87
C SER A 94 28.65 -20.39 -17.22
N GLN A 95 29.30 -19.83 -16.21
CA GLN A 95 30.44 -18.94 -16.43
C GLN A 95 31.53 -19.21 -15.41
N ARG A 96 31.74 -20.49 -15.08
CA ARG A 96 32.77 -20.89 -14.12
C ARG A 96 32.97 -19.80 -13.06
N ASN A 97 34.08 -19.07 -13.19
CA ASN A 97 34.37 -18.00 -12.25
C ASN A 97 35.47 -17.11 -12.80
N MET A 2 -14.53 3.87 -17.71
CA MET A 2 -14.52 3.80 -16.22
C MET A 2 -15.68 4.61 -15.66
N GLY A 3 -16.55 5.08 -16.54
CA GLY A 3 -17.69 5.89 -16.12
C GLY A 3 -18.59 5.08 -15.19
N LYS A 4 -18.81 3.82 -15.52
CA LYS A 4 -19.67 2.96 -14.69
C LYS A 4 -18.95 2.58 -13.41
N ASN A 5 -18.20 1.48 -13.44
CA ASN A 5 -17.47 1.01 -12.27
C ASN A 5 -16.02 1.50 -12.31
N ASP A 6 -15.73 2.55 -11.55
CA ASP A 6 -14.39 3.12 -11.51
C ASP A 6 -13.43 2.15 -10.81
N ASN A 7 -13.99 1.18 -10.11
CA ASN A 7 -13.18 0.19 -9.40
C ASN A 7 -12.34 -0.61 -10.40
N ASP A 8 -12.89 -0.83 -11.59
CA ASP A 8 -12.19 -1.58 -12.61
C ASP A 8 -10.92 -0.86 -13.05
N ALA A 9 -10.68 0.29 -12.43
CA ALA A 9 -9.49 1.08 -12.75
C ALA A 9 -8.23 0.37 -12.26
N LEU A 10 -7.16 0.45 -13.05
CA LEU A 10 -5.89 -0.19 -12.70
C LEU A 10 -4.86 0.87 -12.36
N ILE A 11 -4.27 0.78 -11.16
CA ILE A 11 -3.26 1.74 -10.73
C ILE A 11 -1.89 1.09 -10.65
N MET A 12 -0.92 1.71 -11.30
CA MET A 12 0.45 1.19 -11.32
C MET A 12 1.32 2.03 -10.39
N CYS A 13 2.19 1.36 -9.63
CA CYS A 13 3.07 2.06 -8.69
C CYS A 13 4.40 2.44 -9.34
N MET A 14 4.99 3.51 -8.82
CA MET A 14 6.26 4.01 -9.34
C MET A 14 7.45 3.23 -8.77
N ARG A 15 7.18 2.21 -7.94
CA ARG A 15 8.24 1.42 -7.35
C ARG A 15 8.31 0.03 -7.98
N CYS A 16 7.61 -0.91 -7.38
CA CYS A 16 7.63 -2.29 -7.87
C CYS A 16 6.86 -2.40 -9.18
N ARG A 17 6.21 -1.31 -9.58
CA ARG A 17 5.46 -1.27 -10.82
C ARG A 17 4.36 -2.32 -10.88
N LYS A 18 3.70 -2.55 -9.75
CA LYS A 18 2.60 -3.50 -9.69
C LYS A 18 1.34 -2.86 -10.28
N VAL A 19 0.74 -3.54 -11.25
CA VAL A 19 -0.48 -3.05 -11.88
C VAL A 19 -1.65 -3.97 -11.52
N LYS A 20 -2.70 -3.39 -10.94
CA LYS A 20 -3.86 -4.15 -10.56
C LYS A 20 -4.99 -3.19 -10.20
N GLY A 21 -6.15 -3.75 -9.88
CA GLY A 21 -7.31 -2.95 -9.52
C GLY A 21 -7.24 -2.50 -8.06
N ILE A 22 -8.33 -1.90 -7.58
CA ILE A 22 -8.38 -1.44 -6.20
C ILE A 22 -7.99 -2.57 -5.23
N ASP A 23 -7.76 -3.77 -5.75
CA ASP A 23 -7.37 -4.89 -4.92
C ASP A 23 -5.92 -4.74 -4.46
N SER A 24 -5.01 -4.57 -5.41
CA SER A 24 -3.59 -4.41 -5.08
C SER A 24 -3.30 -3.00 -4.60
N TYR A 25 -4.35 -2.19 -4.50
CA TYR A 25 -4.20 -0.80 -4.05
C TYR A 25 -5.13 -0.51 -2.88
N SER A 26 -4.61 0.21 -1.88
CA SER A 26 -5.41 0.55 -0.71
C SER A 26 -6.46 1.58 -1.09
N LYS A 27 -7.55 1.62 -0.33
CA LYS A 27 -8.62 2.56 -0.59
C LYS A 27 -8.12 4.00 -0.47
N THR A 28 -7.28 4.23 0.52
CA THR A 28 -6.74 5.57 0.74
C THR A 28 -5.89 6.01 -0.45
N GLN A 29 -4.98 5.13 -0.89
CA GLN A 29 -4.11 5.44 -2.02
C GLN A 29 -4.91 5.48 -3.33
N TRP A 30 -5.83 4.53 -3.49
CA TRP A 30 -6.66 4.47 -4.68
C TRP A 30 -7.55 5.71 -4.81
N SER A 31 -8.02 6.19 -3.66
CA SER A 31 -8.90 7.36 -3.65
C SER A 31 -8.17 8.59 -4.22
N LYS A 32 -6.84 8.55 -4.19
CA LYS A 32 -6.04 9.67 -4.70
C LYS A 32 -6.01 9.65 -6.22
N THR A 33 -6.60 8.62 -6.80
CA THR A 33 -6.63 8.47 -8.26
C THR A 33 -7.51 9.56 -8.88
N PHE A 34 -8.23 10.27 -8.03
CA PHE A 34 -9.11 11.35 -8.48
C PHE A 34 -9.16 12.47 -7.44
N THR A 35 -9.48 13.66 -7.91
CA THR A 35 -9.56 14.85 -7.05
C THR A 35 -10.91 15.51 -7.20
N PHE A 36 -11.15 16.55 -6.40
CA PHE A 36 -12.42 17.28 -6.43
C PHE A 36 -12.18 18.75 -6.76
N VAL A 37 -13.11 19.33 -7.50
CA VAL A 37 -13.00 20.73 -7.89
C VAL A 37 -14.33 21.44 -7.63
N ARG A 38 -14.29 22.51 -6.85
CA ARG A 38 -15.48 23.29 -6.53
C ARG A 38 -16.73 22.40 -6.44
N GLY A 39 -16.58 21.18 -5.90
CA GLY A 39 -17.71 20.27 -5.77
C GLY A 39 -17.89 19.44 -7.04
N ARG A 40 -16.78 19.14 -7.73
CA ARG A 40 -16.83 18.35 -8.96
C ARG A 40 -15.76 17.27 -8.96
N THR A 41 -16.19 16.02 -9.08
CA THR A 41 -15.25 14.90 -9.09
C THR A 41 -14.50 14.85 -10.41
N VAL A 42 -13.17 14.78 -10.32
CA VAL A 42 -12.33 14.72 -11.52
C VAL A 42 -11.20 13.71 -11.34
N SER A 43 -10.89 12.98 -12.40
CA SER A 43 -9.81 11.98 -12.35
C SER A 43 -8.45 12.65 -12.44
N VAL A 44 -7.49 12.15 -11.68
CA VAL A 44 -6.15 12.72 -11.70
C VAL A 44 -5.42 12.33 -12.98
N SER A 45 -4.76 13.31 -13.61
CA SER A 45 -4.03 13.06 -14.84
C SER A 45 -2.85 12.11 -14.60
N ASP A 46 -2.17 12.30 -13.46
CA ASP A 46 -1.02 11.47 -13.11
C ASP A 46 -0.95 11.28 -11.59
N PRO A 47 -1.67 10.33 -11.04
CA PRO A 47 -1.67 10.06 -9.57
C PRO A 47 -0.43 9.28 -9.14
N LYS A 48 0.37 9.89 -8.26
CA LYS A 48 1.59 9.25 -7.76
C LYS A 48 1.32 8.58 -6.43
N VAL A 49 1.18 7.25 -6.46
CA VAL A 49 0.92 6.47 -5.26
C VAL A 49 1.69 5.16 -5.30
N ILE A 50 1.80 4.51 -4.13
CA ILE A 50 2.51 3.24 -4.03
C ILE A 50 1.59 2.13 -3.53
N CYS A 51 1.56 1.02 -4.27
CA CYS A 51 0.70 -0.09 -3.91
C CYS A 51 1.00 -0.56 -2.49
N ARG A 52 0.06 -1.30 -1.90
CA ARG A 52 0.26 -1.80 -0.54
C ARG A 52 1.33 -2.87 -0.51
N THR A 53 1.58 -3.49 -1.66
CA THR A 53 2.60 -4.53 -1.74
C THR A 53 3.99 -3.92 -1.87
N CYS A 54 4.07 -2.67 -2.32
CA CYS A 54 5.35 -2.00 -2.47
C CYS A 54 6.00 -1.80 -1.10
N GLN A 55 5.28 -1.16 -0.18
CA GLN A 55 5.81 -0.91 1.17
C GLN A 55 7.31 -0.61 1.13
N PRO A 56 7.67 0.62 0.83
CA PRO A 56 9.10 1.02 0.74
C PRO A 56 9.88 0.63 1.99
N LYS A 57 9.24 0.75 3.14
CA LYS A 57 9.89 0.40 4.40
C LYS A 57 10.24 -1.08 4.43
N GLN A 58 11.50 -1.36 4.76
CA GLN A 58 11.95 -2.74 4.83
C GLN A 58 13.37 -2.81 5.42
N HIS A 59 13.47 -3.32 6.63
CA HIS A 59 14.77 -3.43 7.30
C HIS A 59 15.66 -4.44 6.57
N ASP A 60 15.06 -5.56 6.16
CA ASP A 60 15.81 -6.59 5.45
C ASP A 60 15.87 -6.27 3.95
N SER A 61 17.08 -6.02 3.47
CA SER A 61 17.30 -5.69 2.06
C SER A 61 18.51 -6.42 1.53
N ILE A 62 18.55 -6.62 0.21
CA ILE A 62 19.65 -7.33 -0.44
C ILE A 62 20.18 -6.51 -1.62
N TRP A 63 21.50 -6.39 -1.71
CA TRP A 63 22.12 -5.65 -2.79
C TRP A 63 22.28 -6.54 -4.03
N CYS A 64 21.80 -6.04 -5.18
CA CYS A 64 21.90 -6.79 -6.44
C CYS A 64 23.00 -6.19 -7.30
N THR A 65 23.80 -7.05 -7.91
CA THR A 65 24.89 -6.60 -8.78
C THR A 65 24.47 -6.65 -10.24
N ALA A 66 23.32 -7.28 -10.51
CA ALA A 66 22.81 -7.39 -11.87
C ALA A 66 22.01 -6.14 -12.25
N CYS A 67 21.36 -5.54 -11.26
CA CYS A 67 20.56 -4.34 -11.49
C CYS A 67 21.33 -3.10 -11.07
N GLN A 68 22.18 -3.25 -10.06
CA GLN A 68 23.00 -2.14 -9.54
C GLN A 68 22.15 -1.24 -8.63
N GLN A 69 21.12 -1.83 -8.03
CA GLN A 69 20.23 -1.08 -7.14
C GLN A 69 19.85 -1.92 -5.93
N THR A 70 19.47 -1.25 -4.85
CA THR A 70 19.08 -1.94 -3.62
C THR A 70 17.61 -2.32 -3.67
N LYS A 71 17.30 -3.53 -3.20
CA LYS A 71 15.93 -4.03 -3.19
C LYS A 71 15.60 -4.69 -1.86
N GLY A 72 14.35 -4.55 -1.46
CA GLY A 72 13.91 -5.14 -0.20
C GLY A 72 13.82 -6.65 -0.30
N ILE A 73 13.65 -7.29 0.85
CA ILE A 73 13.56 -8.75 0.89
C ILE A 73 12.25 -9.23 0.27
N ASN A 74 11.25 -8.36 0.25
CA ASN A 74 9.95 -8.72 -0.31
C ASN A 74 10.06 -9.02 -1.81
N GLU A 75 10.82 -8.20 -2.52
CA GLU A 75 11.01 -8.38 -3.96
C GLU A 75 12.18 -9.31 -4.23
N PHE A 76 12.64 -9.98 -3.18
CA PHE A 76 13.78 -10.90 -3.30
C PHE A 76 13.40 -12.31 -2.81
N SER A 77 13.86 -13.31 -3.55
CA SER A 77 13.59 -14.70 -3.18
C SER A 77 14.48 -15.14 -2.02
N LYS A 78 14.07 -16.22 -1.36
CA LYS A 78 14.84 -16.74 -0.24
C LYS A 78 16.16 -17.36 -0.72
N ALA A 79 16.09 -18.13 -1.80
CA ALA A 79 17.27 -18.78 -2.35
C ALA A 79 18.29 -17.74 -2.82
N GLN A 80 17.80 -16.58 -3.24
CA GLN A 80 18.67 -15.51 -3.72
C GLN A 80 19.67 -15.11 -2.62
N ARG A 81 19.29 -15.34 -1.38
CA ARG A 81 20.16 -15.02 -0.24
C ARG A 81 21.31 -16.03 -0.15
N HIS A 82 21.00 -17.29 -0.46
CA HIS A 82 22.01 -18.36 -0.39
C HIS A 82 23.17 -18.09 -1.34
N VAL A 83 22.85 -17.67 -2.56
CA VAL A 83 23.88 -17.38 -3.56
C VAL A 83 24.71 -16.18 -3.13
N LEU A 84 25.99 -16.20 -3.47
CA LEU A 84 26.88 -15.11 -3.11
C LEU A 84 26.48 -13.84 -3.85
N ASP A 85 25.78 -13.99 -4.98
CA ASP A 85 25.36 -12.84 -5.78
C ASP A 85 23.85 -12.88 -6.00
N PRO A 86 23.08 -12.41 -5.05
CA PRO A 86 21.59 -12.39 -5.16
C PRO A 86 21.11 -11.61 -6.38
N ARG A 87 20.05 -12.11 -7.02
CA ARG A 87 19.50 -11.47 -8.21
C ARG A 87 17.99 -11.25 -8.05
N CYS A 88 17.56 -10.00 -8.13
CA CYS A 88 16.14 -9.67 -8.00
C CYS A 88 15.31 -10.48 -9.00
N GLN A 89 14.06 -10.72 -8.65
CA GLN A 89 13.16 -11.48 -9.51
C GLN A 89 13.10 -10.84 -10.91
N ILE A 90 13.66 -9.65 -11.03
CA ILE A 90 13.66 -8.93 -12.31
C ILE A 90 14.86 -9.30 -13.18
N CYS A 91 16.06 -9.29 -12.59
CA CYS A 91 17.28 -9.62 -13.33
C CYS A 91 17.29 -11.09 -13.75
N VAL A 92 16.65 -11.94 -12.97
CA VAL A 92 16.60 -13.36 -13.28
C VAL A 92 15.61 -13.62 -14.43
N HIS A 93 14.52 -12.85 -14.44
CA HIS A 93 13.51 -13.01 -15.48
C HIS A 93 14.09 -12.69 -16.85
N SER A 94 15.37 -12.32 -16.88
CA SER A 94 16.05 -11.99 -18.14
C SER A 94 16.65 -13.24 -18.76
N GLN A 95 17.42 -13.99 -17.97
CA GLN A 95 18.07 -15.21 -18.46
C GLN A 95 18.01 -16.32 -17.40
N ARG A 96 16.88 -16.41 -16.71
CA ARG A 96 16.72 -17.42 -15.68
C ARG A 96 17.86 -17.36 -14.68
N ASN A 97 18.93 -18.11 -14.96
CA ASN A 97 20.09 -18.13 -14.08
C ASN A 97 21.30 -18.70 -14.81
N MET A 2 -16.24 -10.05 -14.57
CA MET A 2 -17.16 -10.16 -13.40
C MET A 2 -17.75 -8.79 -13.09
N GLY A 3 -17.55 -8.31 -11.86
CA GLY A 3 -18.06 -7.02 -11.45
C GLY A 3 -17.04 -5.93 -11.72
N LYS A 4 -17.24 -5.19 -12.81
CA LYS A 4 -16.33 -4.10 -13.18
C LYS A 4 -16.92 -2.75 -12.79
N ASN A 5 -16.05 -1.83 -12.40
CA ASN A 5 -16.49 -0.50 -11.98
C ASN A 5 -15.35 0.51 -12.14
N ASP A 6 -15.69 1.79 -11.98
CA ASP A 6 -14.69 2.85 -12.10
C ASP A 6 -13.61 2.68 -11.04
N ASN A 7 -14.02 2.31 -9.84
CA ASN A 7 -13.07 2.11 -8.73
C ASN A 7 -12.10 0.99 -9.06
N ASP A 8 -12.60 -0.04 -9.73
CA ASP A 8 -11.76 -1.18 -10.11
C ASP A 8 -10.73 -0.76 -11.16
N ALA A 9 -10.51 0.54 -11.28
CA ALA A 9 -9.55 1.07 -12.25
C ALA A 9 -8.22 0.34 -12.11
N LEU A 10 -7.24 0.73 -12.92
CA LEU A 10 -5.92 0.10 -12.88
C LEU A 10 -4.83 1.16 -13.04
N ILE A 11 -4.11 1.39 -11.94
CA ILE A 11 -3.03 2.39 -11.93
C ILE A 11 -1.68 1.69 -11.88
N MET A 12 -0.67 2.33 -12.47
CA MET A 12 0.67 1.77 -12.51
C MET A 12 1.46 2.19 -11.27
N CYS A 13 2.15 1.24 -10.68
CA CYS A 13 2.94 1.52 -9.48
C CYS A 13 4.23 2.24 -9.87
N MET A 14 4.71 3.10 -8.99
CA MET A 14 5.92 3.86 -9.27
C MET A 14 7.14 3.16 -8.67
N ARG A 15 6.90 2.09 -7.91
CA ARG A 15 7.99 1.34 -7.28
C ARG A 15 8.20 -0.02 -7.94
N CYS A 16 7.18 -0.88 -7.88
CA CYS A 16 7.27 -2.22 -8.47
C CYS A 16 6.66 -2.23 -9.88
N ARG A 17 6.11 -1.09 -10.28
CA ARG A 17 5.50 -0.99 -11.61
C ARG A 17 4.43 -2.05 -11.82
N LYS A 18 3.78 -2.48 -10.74
CA LYS A 18 2.74 -3.50 -10.82
C LYS A 18 1.37 -2.84 -11.00
N VAL A 19 0.70 -3.17 -12.10
CA VAL A 19 -0.63 -2.62 -12.38
C VAL A 19 -1.71 -3.43 -11.69
N LYS A 20 -2.63 -2.73 -11.04
CA LYS A 20 -3.71 -3.39 -10.32
C LYS A 20 -4.77 -2.36 -9.92
N GLY A 21 -5.88 -2.86 -9.40
CA GLY A 21 -6.98 -2.00 -8.95
C GLY A 21 -7.00 -1.88 -7.43
N ILE A 22 -8.09 -1.33 -6.91
CA ILE A 22 -8.22 -1.16 -5.47
C ILE A 22 -7.92 -2.45 -4.71
N ASP A 23 -7.75 -3.55 -5.44
CA ASP A 23 -7.44 -4.84 -4.81
C ASP A 23 -6.01 -4.83 -4.25
N SER A 24 -5.07 -4.34 -5.08
CA SER A 24 -3.66 -4.28 -4.66
C SER A 24 -3.32 -2.87 -4.15
N TYR A 25 -4.33 -2.01 -4.08
CA TYR A 25 -4.14 -0.64 -3.61
C TYR A 25 -5.07 -0.33 -2.43
N SER A 26 -4.49 0.27 -1.39
CA SER A 26 -5.26 0.64 -0.22
C SER A 26 -6.33 1.65 -0.59
N LYS A 27 -7.37 1.73 0.22
CA LYS A 27 -8.47 2.65 -0.04
C LYS A 27 -7.96 4.09 -0.05
N THR A 28 -7.07 4.40 0.88
CA THR A 28 -6.51 5.75 0.96
C THR A 28 -5.74 6.11 -0.31
N GLN A 29 -4.87 5.22 -0.74
CA GLN A 29 -4.08 5.47 -1.95
C GLN A 29 -4.98 5.64 -3.16
N TRP A 30 -5.96 4.77 -3.28
CA TRP A 30 -6.87 4.82 -4.41
C TRP A 30 -7.60 6.16 -4.43
N SER A 31 -7.97 6.65 -3.25
CA SER A 31 -8.67 7.92 -3.13
C SER A 31 -7.79 9.09 -3.57
N LYS A 32 -6.48 8.86 -3.57
CA LYS A 32 -5.54 9.90 -3.99
C LYS A 32 -5.48 9.99 -5.50
N THR A 33 -5.81 8.89 -6.17
CA THR A 33 -5.77 8.85 -7.63
C THR A 33 -6.86 9.74 -8.22
N PHE A 34 -7.74 10.25 -7.36
CA PHE A 34 -8.84 11.11 -7.79
C PHE A 34 -8.63 12.54 -7.32
N THR A 35 -9.55 13.41 -7.70
CA THR A 35 -9.45 14.81 -7.31
C THR A 35 -10.84 15.45 -7.33
N PHE A 36 -11.01 16.45 -6.48
CA PHE A 36 -12.28 17.18 -6.38
C PHE A 36 -12.14 18.57 -6.98
N VAL A 37 -13.14 18.95 -7.78
CA VAL A 37 -13.16 20.27 -8.42
C VAL A 37 -14.52 20.93 -8.22
N ARG A 38 -14.54 22.00 -7.44
CA ARG A 38 -15.78 22.73 -7.19
C ARG A 38 -16.96 21.77 -7.00
N GLY A 39 -16.73 20.71 -6.24
CA GLY A 39 -17.79 19.73 -5.98
C GLY A 39 -17.96 18.80 -7.17
N ARG A 40 -16.92 18.69 -8.01
CA ARG A 40 -16.95 17.82 -9.18
C ARG A 40 -15.87 16.75 -9.09
N THR A 41 -16.29 15.49 -9.15
CA THR A 41 -15.34 14.38 -9.08
C THR A 41 -14.54 14.27 -10.36
N VAL A 42 -13.22 14.29 -10.24
CA VAL A 42 -12.34 14.20 -11.41
C VAL A 42 -11.15 13.29 -11.12
N SER A 43 -10.77 12.48 -12.10
CA SER A 43 -9.64 11.57 -11.94
C SER A 43 -8.32 12.33 -12.12
N VAL A 44 -7.29 11.89 -11.40
CA VAL A 44 -5.99 12.55 -11.50
C VAL A 44 -5.33 12.23 -12.84
N SER A 45 -4.78 13.25 -13.50
CA SER A 45 -4.12 13.05 -14.78
C SER A 45 -2.90 12.14 -14.64
N ASP A 46 -2.10 12.39 -13.61
CA ASP A 46 -0.90 11.59 -13.37
C ASP A 46 -0.62 11.46 -11.87
N PRO A 47 -1.31 10.59 -11.19
CA PRO A 47 -1.14 10.38 -9.72
C PRO A 47 0.08 9.52 -9.41
N LYS A 48 0.70 9.78 -8.25
CA LYS A 48 1.88 9.02 -7.82
C LYS A 48 1.61 8.33 -6.49
N VAL A 49 1.41 7.02 -6.56
CA VAL A 49 1.14 6.21 -5.37
C VAL A 49 1.73 4.81 -5.54
N ILE A 50 1.94 4.13 -4.41
CA ILE A 50 2.50 2.77 -4.43
C ILE A 50 1.44 1.75 -4.04
N CYS A 51 1.68 0.49 -4.38
CA CYS A 51 0.72 -0.57 -4.07
C CYS A 51 0.87 -1.01 -2.62
N ARG A 52 -0.11 -1.78 -2.14
CA ARG A 52 -0.08 -2.27 -0.77
C ARG A 52 1.15 -3.13 -0.51
N THR A 53 1.51 -3.96 -1.49
CA THR A 53 2.66 -4.83 -1.35
C THR A 53 3.94 -4.02 -1.22
N CYS A 54 3.95 -2.84 -1.83
CA CYS A 54 5.12 -1.97 -1.78
C CYS A 54 5.21 -1.27 -0.43
N GLN A 55 4.10 -1.26 0.32
CA GLN A 55 4.07 -0.63 1.63
C GLN A 55 3.17 -1.43 2.58
N PRO A 56 3.60 -2.62 2.95
CA PRO A 56 2.82 -3.49 3.87
C PRO A 56 2.97 -3.07 5.33
N LYS A 57 1.83 -2.70 5.94
CA LYS A 57 1.82 -2.28 7.33
C LYS A 57 1.70 -3.48 8.26
N GLN A 58 1.40 -4.64 7.67
CA GLN A 58 1.25 -5.87 8.45
C GLN A 58 1.81 -7.07 7.69
N HIS A 59 2.17 -8.11 8.43
CA HIS A 59 2.73 -9.31 7.82
C HIS A 59 2.51 -10.52 8.73
N ASP A 60 2.51 -11.70 8.14
CA ASP A 60 2.31 -12.94 8.89
C ASP A 60 3.63 -13.40 9.50
N SER A 61 3.60 -14.57 10.15
CA SER A 61 4.79 -15.11 10.78
C SER A 61 5.91 -15.28 9.75
N ILE A 62 7.10 -15.62 10.22
CA ILE A 62 8.26 -15.80 9.34
C ILE A 62 8.86 -17.19 9.54
N TRP A 63 9.13 -17.88 8.43
CA TRP A 63 9.71 -19.21 8.49
C TRP A 63 11.22 -19.13 8.60
N CYS A 64 11.76 -19.74 9.65
CA CYS A 64 13.20 -19.75 9.87
C CYS A 64 13.86 -20.95 9.19
N THR A 65 14.95 -20.71 8.47
CA THR A 65 15.65 -21.78 7.78
C THR A 65 16.74 -22.35 8.69
N ALA A 66 17.04 -21.64 9.78
CA ALA A 66 18.06 -22.09 10.73
C ALA A 66 17.44 -22.96 11.82
N CYS A 67 16.11 -22.88 11.96
CA CYS A 67 15.39 -23.67 12.96
C CYS A 67 14.35 -24.56 12.29
N GLN A 68 14.12 -24.31 11.00
CA GLN A 68 13.15 -25.09 10.24
C GLN A 68 11.78 -25.07 10.92
N GLN A 69 11.44 -23.93 11.52
CA GLN A 69 10.16 -23.79 12.22
C GLN A 69 9.57 -22.40 11.98
N THR A 70 8.25 -22.30 12.14
CA THR A 70 7.57 -21.03 11.95
C THR A 70 7.64 -20.18 13.22
N LYS A 71 7.89 -18.88 13.04
CA LYS A 71 7.98 -17.96 14.17
C LYS A 71 7.25 -16.66 13.88
N GLY A 72 6.67 -16.08 14.92
CA GLY A 72 5.95 -14.83 14.78
C GLY A 72 6.90 -13.69 14.45
N ILE A 73 6.33 -12.57 14.03
CA ILE A 73 7.12 -11.40 13.68
C ILE A 73 7.61 -10.68 14.94
N ASN A 74 6.93 -10.92 16.05
CA ASN A 74 7.29 -10.29 17.32
C ASN A 74 8.66 -10.77 17.79
N GLU A 75 8.91 -12.08 17.66
CA GLU A 75 10.17 -12.67 18.08
C GLU A 75 11.23 -12.53 16.98
N PHE A 76 10.95 -11.62 16.04
CA PHE A 76 11.87 -11.38 14.92
C PHE A 76 12.19 -9.89 14.81
N SER A 77 13.45 -9.60 14.49
CA SER A 77 13.89 -8.22 14.35
C SER A 77 13.36 -7.63 13.04
N LYS A 78 13.40 -6.30 12.94
CA LYS A 78 12.92 -5.62 11.75
C LYS A 78 13.82 -5.93 10.55
N ALA A 79 15.10 -6.20 10.83
CA ALA A 79 16.05 -6.51 9.78
C ALA A 79 15.99 -7.98 9.39
N GLN A 80 15.76 -8.84 10.38
CA GLN A 80 15.68 -10.28 10.14
C GLN A 80 14.51 -10.59 9.20
N ARG A 81 13.42 -9.86 9.33
CA ARG A 81 12.26 -10.06 8.48
C ARG A 81 12.48 -9.41 7.11
N HIS A 82 13.56 -8.64 6.99
CA HIS A 82 13.87 -7.95 5.73
C HIS A 82 14.81 -8.78 4.86
N VAL A 83 15.85 -9.34 5.48
CA VAL A 83 16.82 -10.14 4.73
C VAL A 83 16.11 -11.23 3.94
N LEU A 84 16.89 -11.99 3.18
CA LEU A 84 16.33 -13.07 2.38
C LEU A 84 16.25 -14.36 3.18
N ASP A 85 16.96 -14.41 4.30
CA ASP A 85 16.95 -15.60 5.16
C ASP A 85 16.77 -15.20 6.62
N PRO A 86 15.55 -14.89 6.99
CA PRO A 86 15.23 -14.48 8.40
C PRO A 86 15.64 -15.54 9.43
N ARG A 87 16.14 -15.06 10.57
CA ARG A 87 16.57 -15.97 11.63
C ARG A 87 16.09 -15.48 12.99
N CYS A 88 15.52 -16.39 13.77
CA CYS A 88 15.02 -16.06 15.10
C CYS A 88 16.16 -15.55 15.99
N GLN A 89 15.81 -14.68 16.93
CA GLN A 89 16.81 -14.13 17.85
C GLN A 89 17.57 -15.27 18.55
N ILE A 90 17.08 -16.49 18.40
CA ILE A 90 17.72 -17.64 19.04
C ILE A 90 18.82 -18.25 18.17
N CYS A 91 18.55 -18.38 16.87
CA CYS A 91 19.54 -18.96 15.94
C CYS A 91 20.71 -18.01 15.72
N VAL A 92 20.44 -16.72 15.79
CA VAL A 92 21.49 -15.72 15.60
C VAL A 92 22.47 -15.71 16.77
N HIS A 93 21.94 -15.90 17.97
CA HIS A 93 22.77 -15.90 19.18
C HIS A 93 23.34 -17.30 19.43
N SER A 94 22.97 -18.25 18.58
CA SER A 94 23.44 -19.64 18.70
C SER A 94 24.14 -20.09 17.42
N GLN A 95 23.39 -20.10 16.33
CA GLN A 95 23.95 -20.51 15.03
C GLN A 95 24.59 -19.34 14.32
N ARG A 96 24.91 -18.30 15.08
CA ARG A 96 25.53 -17.11 14.51
C ARG A 96 24.65 -16.51 13.42
N ASN A 97 25.10 -15.40 12.84
CA ASN A 97 24.35 -14.73 11.80
C ASN A 97 24.39 -15.54 10.50
N MET A 2 -26.07 0.82 -12.21
CA MET A 2 -24.88 1.15 -13.04
C MET A 2 -23.83 1.83 -12.15
N GLY A 3 -22.61 1.93 -12.66
CA GLY A 3 -21.52 2.55 -11.91
C GLY A 3 -20.83 1.53 -11.01
N LYS A 4 -21.34 0.30 -11.02
CA LYS A 4 -20.76 -0.76 -10.20
C LYS A 4 -19.35 -1.09 -10.67
N ASN A 5 -19.14 -1.09 -11.98
CA ASN A 5 -17.83 -1.40 -12.54
C ASN A 5 -16.96 -0.15 -12.58
N ASP A 6 -17.47 0.94 -12.01
CA ASP A 6 -16.72 2.19 -11.97
C ASP A 6 -15.46 2.04 -11.13
N ASN A 7 -15.53 1.20 -10.11
CA ASN A 7 -14.38 0.97 -9.23
C ASN A 7 -13.40 0.00 -9.87
N ASP A 8 -13.59 -0.26 -11.16
CA ASP A 8 -12.71 -1.17 -11.89
C ASP A 8 -11.49 -0.43 -12.42
N ALA A 9 -11.28 0.77 -11.91
CA ALA A 9 -10.13 1.58 -12.35
C ALA A 9 -8.83 0.91 -11.95
N LEU A 10 -7.79 1.10 -12.77
CA LEU A 10 -6.48 0.51 -12.50
C LEU A 10 -5.44 1.59 -12.32
N ILE A 11 -4.63 1.47 -11.27
CA ILE A 11 -3.58 2.46 -11.00
C ILE A 11 -2.21 1.86 -11.31
N MET A 12 -1.33 2.69 -11.87
CA MET A 12 0.02 2.25 -12.21
C MET A 12 0.99 2.63 -11.10
N CYS A 13 1.67 1.63 -10.54
CA CYS A 13 2.62 1.86 -9.47
C CYS A 13 3.87 2.57 -9.99
N MET A 14 4.34 3.55 -9.24
CA MET A 14 5.53 4.30 -9.64
C MET A 14 6.80 3.55 -9.23
N ARG A 15 6.62 2.33 -8.73
CA ARG A 15 7.75 1.49 -8.31
C ARG A 15 7.74 0.16 -9.05
N CYS A 16 7.10 -0.83 -8.45
CA CYS A 16 7.03 -2.16 -9.04
C CYS A 16 6.24 -2.13 -10.34
N ARG A 17 5.60 -1.00 -10.60
CA ARG A 17 4.82 -0.84 -11.83
C ARG A 17 3.77 -1.92 -11.98
N LYS A 18 3.18 -2.32 -10.86
CA LYS A 18 2.14 -3.36 -10.88
C LYS A 18 0.79 -2.72 -11.13
N VAL A 19 0.24 -2.94 -12.32
CA VAL A 19 -1.06 -2.38 -12.67
C VAL A 19 -2.18 -3.25 -12.13
N LYS A 20 -2.98 -2.69 -11.23
CA LYS A 20 -4.09 -3.43 -10.62
C LYS A 20 -5.18 -2.47 -10.18
N GLY A 21 -6.28 -3.04 -9.68
CA GLY A 21 -7.42 -2.25 -9.22
C GLY A 21 -7.37 -2.04 -7.72
N ILE A 22 -8.46 -1.53 -7.16
CA ILE A 22 -8.52 -1.30 -5.72
C ILE A 22 -8.13 -2.56 -4.94
N ASP A 23 -7.94 -3.66 -5.65
CA ASP A 23 -7.57 -4.92 -5.01
C ASP A 23 -6.13 -4.86 -4.51
N SER A 24 -5.23 -4.43 -5.38
CA SER A 24 -3.81 -4.34 -5.02
C SER A 24 -3.48 -2.95 -4.47
N TYR A 25 -4.51 -2.10 -4.37
CA TYR A 25 -4.33 -0.73 -3.86
C TYR A 25 -5.31 -0.46 -2.73
N SER A 26 -4.82 0.19 -1.69
CA SER A 26 -5.65 0.54 -0.54
C SER A 26 -6.57 1.71 -0.88
N LYS A 27 -7.58 1.91 -0.05
CA LYS A 27 -8.53 3.00 -0.27
C LYS A 27 -7.84 4.34 -0.14
N THR A 28 -6.90 4.44 0.79
CA THR A 28 -6.19 5.69 1.02
C THR A 28 -5.45 6.14 -0.24
N GLN A 29 -4.67 5.24 -0.82
CA GLN A 29 -3.91 5.56 -2.02
C GLN A 29 -4.82 5.56 -3.25
N TRP A 30 -5.72 4.59 -3.32
CA TRP A 30 -6.62 4.48 -4.44
C TRP A 30 -7.48 5.74 -4.56
N SER A 31 -7.95 6.24 -3.42
CA SER A 31 -8.79 7.43 -3.40
C SER A 31 -7.95 8.69 -3.51
N LYS A 32 -6.63 8.52 -3.41
CA LYS A 32 -5.72 9.66 -3.51
C LYS A 32 -5.51 10.06 -4.96
N THR A 33 -5.52 9.07 -5.85
CA THR A 33 -5.32 9.33 -7.27
C THR A 33 -6.49 10.10 -7.86
N PHE A 34 -7.37 10.58 -6.99
CA PHE A 34 -8.55 11.33 -7.43
C PHE A 34 -8.57 12.70 -6.77
N THR A 35 -9.13 13.67 -7.49
CA THR A 35 -9.22 15.05 -6.98
C THR A 35 -10.64 15.56 -7.11
N PHE A 36 -10.95 16.59 -6.33
CA PHE A 36 -12.30 17.17 -6.35
C PHE A 36 -12.25 18.55 -7.00
N VAL A 37 -12.93 18.67 -8.14
CA VAL A 37 -12.96 19.94 -8.87
C VAL A 37 -14.38 20.25 -9.33
N ARG A 38 -14.70 21.53 -9.39
CA ARG A 38 -16.03 21.96 -9.81
C ARG A 38 -17.10 21.27 -8.98
N GLY A 39 -16.71 20.77 -7.81
CA GLY A 39 -17.65 20.11 -6.93
C GLY A 39 -17.96 18.70 -7.42
N ARG A 40 -17.04 18.12 -8.19
CA ARG A 40 -17.23 16.78 -8.73
C ARG A 40 -15.97 15.95 -8.55
N THR A 41 -16.11 14.63 -8.66
CA THR A 41 -14.97 13.74 -8.51
C THR A 41 -14.26 13.55 -9.84
N VAL A 42 -12.94 13.80 -9.85
CA VAL A 42 -12.15 13.66 -11.06
C VAL A 42 -10.86 12.90 -10.78
N SER A 43 -10.34 12.23 -11.80
CA SER A 43 -9.11 11.46 -11.66
C SER A 43 -7.90 12.38 -11.69
N VAL A 44 -6.78 11.90 -11.16
CA VAL A 44 -5.55 12.70 -11.14
C VAL A 44 -4.74 12.44 -12.41
N SER A 45 -4.28 13.52 -13.04
CA SER A 45 -3.50 13.40 -14.26
C SER A 45 -2.20 12.65 -14.01
N ASP A 46 -1.54 12.98 -12.90
CA ASP A 46 -0.26 12.34 -12.54
C ASP A 46 -0.28 11.88 -11.08
N PRO A 47 -0.88 10.76 -10.80
CA PRO A 47 -0.96 10.22 -9.42
C PRO A 47 0.33 9.52 -9.01
N LYS A 48 0.76 9.77 -7.77
CA LYS A 48 1.97 9.14 -7.24
C LYS A 48 1.67 8.32 -6.01
N VAL A 49 1.48 7.02 -6.22
CA VAL A 49 1.18 6.10 -5.11
C VAL A 49 1.87 4.77 -5.33
N ILE A 50 1.89 3.94 -4.29
CA ILE A 50 2.53 2.63 -4.37
C ILE A 50 1.58 1.53 -3.91
N CYS A 51 1.94 0.28 -4.19
CA CYS A 51 1.12 -0.85 -3.79
C CYS A 51 1.32 -1.18 -2.31
N ARG A 52 0.33 -1.83 -1.72
CA ARG A 52 0.40 -2.20 -0.31
C ARG A 52 1.67 -3.02 -0.05
N THR A 53 1.97 -3.95 -0.96
CA THR A 53 3.15 -4.79 -0.83
C THR A 53 4.41 -3.93 -0.78
N CYS A 54 4.44 -2.90 -1.62
CA CYS A 54 5.58 -2.01 -1.68
C CYS A 54 5.74 -1.23 -0.38
N GLN A 55 4.62 -1.08 0.35
CA GLN A 55 4.63 -0.35 1.61
C GLN A 55 3.61 -0.94 2.58
N PRO A 56 3.93 -2.05 3.19
CA PRO A 56 3.03 -2.72 4.16
C PRO A 56 3.03 -2.04 5.52
N LYS A 57 1.89 -2.06 6.19
CA LYS A 57 1.77 -1.44 7.52
C LYS A 57 1.16 -2.42 8.52
N GLN A 58 -0.10 -2.76 8.30
CA GLN A 58 -0.79 -3.70 9.19
C GLN A 58 -0.32 -5.12 8.94
N HIS A 59 0.98 -5.36 9.10
CA HIS A 59 1.53 -6.69 8.87
C HIS A 59 2.74 -6.92 9.79
N ASP A 60 3.35 -5.83 10.23
CA ASP A 60 4.52 -5.92 11.11
C ASP A 60 4.11 -5.80 12.56
N SER A 61 2.81 -5.96 12.83
CA SER A 61 2.29 -5.86 14.19
C SER A 61 1.42 -7.06 14.52
N ILE A 62 1.57 -7.59 15.74
CA ILE A 62 0.81 -8.75 16.17
C ILE A 62 -0.03 -8.40 17.40
N TRP A 63 -1.31 -8.71 17.34
CA TRP A 63 -2.21 -8.41 18.45
C TRP A 63 -2.07 -9.46 19.55
N CYS A 64 -1.54 -9.04 20.70
CA CYS A 64 -1.38 -9.94 21.82
C CYS A 64 -2.62 -9.92 22.70
N THR A 65 -3.08 -11.10 23.10
CA THR A 65 -4.26 -11.21 23.95
C THR A 65 -3.86 -11.26 25.41
N ALA A 66 -2.55 -11.37 25.67
CA ALA A 66 -2.05 -11.43 27.04
C ALA A 66 -1.75 -10.03 27.56
N CYS A 67 -1.75 -9.05 26.65
CA CYS A 67 -1.46 -7.65 27.02
C CYS A 67 -2.63 -6.76 26.63
N GLN A 68 -3.26 -7.08 25.51
CA GLN A 68 -4.39 -6.30 25.02
C GLN A 68 -3.90 -5.05 24.29
N GLN A 69 -2.78 -5.19 23.58
CA GLN A 69 -2.22 -4.07 22.85
C GLN A 69 -1.46 -4.57 21.62
N THR A 70 -1.12 -3.65 20.72
CA THR A 70 -0.40 -4.00 19.51
C THR A 70 1.10 -4.10 19.79
N LYS A 71 1.74 -5.09 19.18
CA LYS A 71 3.18 -5.29 19.35
C LYS A 71 3.86 -5.59 18.03
N GLY A 72 5.09 -5.11 17.87
CA GLY A 72 5.83 -5.34 16.65
C GLY A 72 6.36 -6.76 16.60
N ILE A 73 6.85 -7.16 15.43
CA ILE A 73 7.38 -8.50 15.24
C ILE A 73 8.81 -8.60 15.78
N ASN A 74 9.40 -7.45 16.09
CA ASN A 74 10.76 -7.41 16.61
C ASN A 74 10.85 -8.09 17.97
N GLU A 75 9.89 -7.78 18.84
CA GLU A 75 9.85 -8.37 20.17
C GLU A 75 8.93 -9.57 20.20
N PHE A 76 8.62 -10.11 19.02
CA PHE A 76 7.74 -11.27 18.92
C PHE A 76 8.43 -12.41 18.19
N SER A 77 8.28 -13.62 18.73
CA SER A 77 8.90 -14.79 18.11
C SER A 77 8.25 -15.08 16.76
N LYS A 78 9.04 -15.65 15.85
CA LYS A 78 8.54 -15.98 14.52
C LYS A 78 7.42 -17.01 14.61
N ALA A 79 7.60 -18.00 15.48
CA ALA A 79 6.60 -19.05 15.66
C ALA A 79 5.33 -18.49 16.29
N GLN A 80 5.52 -17.56 17.23
CA GLN A 80 4.38 -16.95 17.91
C GLN A 80 3.50 -16.19 16.93
N ARG A 81 4.05 -15.90 15.76
CA ARG A 81 3.28 -15.18 14.73
C ARG A 81 2.44 -16.17 13.92
N HIS A 82 2.81 -17.45 13.97
CA HIS A 82 2.08 -18.47 13.24
C HIS A 82 0.92 -19.03 14.04
N VAL A 83 1.14 -19.25 15.34
CA VAL A 83 0.11 -19.80 16.21
C VAL A 83 -1.14 -18.94 16.15
N LEU A 84 -2.28 -19.56 16.40
CA LEU A 84 -3.56 -18.86 16.37
C LEU A 84 -3.59 -17.78 17.43
N ASP A 85 -2.89 -18.01 18.54
CA ASP A 85 -2.87 -17.05 19.65
C ASP A 85 -1.43 -16.59 19.93
N PRO A 86 -1.04 -15.44 19.44
CA PRO A 86 0.33 -14.91 19.63
C PRO A 86 0.53 -14.34 21.03
N ARG A 87 1.69 -14.61 21.62
CA ARG A 87 2.00 -14.11 22.96
C ARG A 87 3.39 -13.45 22.97
N CYS A 88 3.44 -12.21 23.44
CA CYS A 88 4.71 -11.49 23.52
C CYS A 88 5.82 -12.38 24.03
N GLN A 89 7.02 -12.21 23.49
CA GLN A 89 8.16 -13.03 23.91
C GLN A 89 8.22 -13.12 25.42
N ILE A 90 7.67 -12.10 26.09
CA ILE A 90 7.66 -12.08 27.55
C ILE A 90 6.40 -12.75 28.09
N CYS A 91 5.29 -12.53 27.39
CA CYS A 91 4.01 -13.11 27.82
C CYS A 91 4.16 -14.62 28.02
N VAL A 92 4.89 -15.26 27.12
CA VAL A 92 5.09 -16.70 27.21
C VAL A 92 5.97 -17.04 28.41
N HIS A 93 6.99 -16.22 28.64
CA HIS A 93 7.91 -16.43 29.76
C HIS A 93 7.40 -15.72 31.02
N SER A 94 6.23 -15.09 30.91
CA SER A 94 5.64 -14.40 32.04
C SER A 94 5.07 -15.38 33.05
N GLN A 95 4.06 -16.14 32.63
CA GLN A 95 3.43 -17.12 33.51
C GLN A 95 3.09 -18.39 32.73
N ARG A 96 3.94 -18.75 31.78
CA ARG A 96 3.73 -19.95 30.98
C ARG A 96 2.34 -19.92 30.36
N ASN A 97 1.91 -21.06 29.83
CA ASN A 97 0.60 -21.17 29.20
C ASN A 97 -0.50 -21.33 30.26
N MET A 2 -20.88 -8.54 -12.55
CA MET A 2 -19.64 -8.86 -13.32
C MET A 2 -19.63 -8.07 -14.62
N GLY A 3 -19.65 -6.76 -14.53
CA GLY A 3 -19.66 -5.91 -15.71
C GLY A 3 -19.33 -4.46 -15.34
N LYS A 4 -19.07 -3.64 -16.36
CA LYS A 4 -18.74 -2.24 -16.13
C LYS A 4 -17.75 -2.09 -14.98
N ASN A 5 -18.27 -1.96 -13.76
CA ASN A 5 -17.43 -1.82 -12.58
C ASN A 5 -16.48 -0.65 -12.75
N ASP A 6 -16.91 0.53 -12.33
CA ASP A 6 -16.08 1.73 -12.45
C ASP A 6 -14.87 1.63 -11.53
N ASN A 7 -14.92 0.69 -10.58
CA ASN A 7 -13.82 0.49 -9.65
C ASN A 7 -12.80 -0.47 -10.23
N ASP A 8 -12.94 -0.76 -11.52
CA ASP A 8 -12.02 -1.67 -12.20
C ASP A 8 -10.77 -0.94 -12.65
N ALA A 9 -10.61 0.28 -12.17
CA ALA A 9 -9.45 1.10 -12.53
C ALA A 9 -8.17 0.47 -11.99
N LEU A 10 -7.09 0.57 -12.76
CA LEU A 10 -5.80 0.00 -12.34
C LEU A 10 -4.75 1.09 -12.24
N ILE A 11 -4.15 1.21 -11.07
CA ILE A 11 -3.12 2.23 -10.83
C ILE A 11 -1.74 1.65 -11.05
N MET A 12 -0.87 2.45 -11.66
CA MET A 12 0.50 2.01 -11.93
C MET A 12 1.40 2.31 -10.73
N CYS A 13 2.04 1.27 -10.21
CA CYS A 13 2.96 1.44 -9.08
C CYS A 13 4.33 1.84 -9.58
N MET A 14 4.72 3.07 -9.33
CA MET A 14 6.03 3.53 -9.78
C MET A 14 7.16 2.75 -9.11
N ARG A 15 6.80 1.93 -8.14
CA ARG A 15 7.79 1.12 -7.43
C ARG A 15 8.07 -0.18 -8.17
N CYS A 16 7.07 -1.05 -8.23
CA CYS A 16 7.21 -2.34 -8.91
C CYS A 16 6.51 -2.31 -10.28
N ARG A 17 6.20 -1.11 -10.75
CA ARG A 17 5.54 -0.96 -12.05
C ARG A 17 4.43 -1.99 -12.23
N LYS A 18 3.84 -2.40 -11.10
CA LYS A 18 2.76 -3.38 -11.14
C LYS A 18 1.41 -2.67 -11.28
N VAL A 19 0.54 -3.21 -12.15
CA VAL A 19 -0.78 -2.63 -12.36
C VAL A 19 -1.85 -3.52 -11.74
N LYS A 20 -2.57 -2.96 -10.79
CA LYS A 20 -3.63 -3.68 -10.09
C LYS A 20 -4.76 -2.74 -9.71
N GLY A 21 -5.88 -3.34 -9.32
CA GLY A 21 -7.06 -2.56 -8.93
C GLY A 21 -7.07 -2.27 -7.45
N ILE A 22 -8.13 -1.63 -6.97
CA ILE A 22 -8.25 -1.30 -5.56
C ILE A 22 -7.96 -2.51 -4.68
N ASP A 23 -7.89 -3.70 -5.29
CA ASP A 23 -7.63 -4.92 -4.55
C ASP A 23 -6.20 -4.90 -3.99
N SER A 24 -5.26 -4.44 -4.81
CA SER A 24 -3.86 -4.37 -4.38
C SER A 24 -3.49 -2.94 -3.97
N TYR A 25 -4.48 -2.06 -3.91
CA TYR A 25 -4.27 -0.66 -3.53
C TYR A 25 -5.19 -0.27 -2.37
N SER A 26 -4.62 0.44 -1.41
CA SER A 26 -5.38 0.89 -0.25
C SER A 26 -6.39 1.94 -0.67
N LYS A 27 -7.50 2.01 0.05
CA LYS A 27 -8.55 2.97 -0.24
C LYS A 27 -8.01 4.39 -0.16
N THR A 28 -7.16 4.65 0.83
CA THR A 28 -6.58 5.97 0.99
C THR A 28 -5.75 6.35 -0.22
N GLN A 29 -4.85 5.45 -0.64
CA GLN A 29 -4.00 5.71 -1.79
C GLN A 29 -4.82 5.72 -3.08
N TRP A 30 -5.80 4.84 -3.16
CA TRP A 30 -6.65 4.76 -4.34
C TRP A 30 -7.51 6.02 -4.46
N SER A 31 -8.00 6.51 -3.32
CA SER A 31 -8.85 7.70 -3.30
C SER A 31 -8.10 8.91 -3.84
N LYS A 32 -6.78 8.78 -3.98
CA LYS A 32 -5.96 9.87 -4.50
C LYS A 32 -5.94 9.85 -6.03
N THR A 33 -6.47 8.79 -6.60
CA THR A 33 -6.51 8.65 -8.06
C THR A 33 -7.44 9.69 -8.68
N PHE A 34 -8.07 10.50 -7.83
CA PHE A 34 -8.98 11.53 -8.28
C PHE A 34 -9.12 12.59 -7.20
N THR A 35 -9.59 13.77 -7.60
CA THR A 35 -9.77 14.88 -6.68
C THR A 35 -11.14 15.52 -6.89
N PHE A 36 -11.51 16.42 -5.98
CA PHE A 36 -12.81 17.10 -6.06
C PHE A 36 -12.61 18.56 -6.47
N VAL A 37 -13.26 18.94 -7.57
CA VAL A 37 -13.18 20.30 -8.07
C VAL A 37 -14.57 20.86 -8.36
N ARG A 38 -14.82 22.07 -7.89
CA ARG A 38 -16.11 22.71 -8.11
C ARG A 38 -17.25 21.74 -7.79
N GLY A 39 -17.00 20.81 -6.88
CA GLY A 39 -18.01 19.84 -6.50
C GLY A 39 -18.18 18.77 -7.58
N ARG A 40 -17.13 18.54 -8.36
CA ARG A 40 -17.17 17.55 -9.43
C ARG A 40 -15.95 16.63 -9.35
N THR A 41 -16.20 15.32 -9.40
CA THR A 41 -15.11 14.35 -9.34
C THR A 41 -14.22 14.48 -10.57
N VAL A 42 -12.91 14.57 -10.34
CA VAL A 42 -11.94 14.70 -11.42
C VAL A 42 -10.76 13.76 -11.22
N SER A 43 -10.36 13.06 -12.29
CA SER A 43 -9.24 12.14 -12.20
C SER A 43 -7.92 12.89 -12.29
N VAL A 44 -6.99 12.58 -11.40
CA VAL A 44 -5.69 13.24 -11.41
C VAL A 44 -4.83 12.68 -12.53
N SER A 45 -4.39 13.55 -13.43
CA SER A 45 -3.55 13.12 -14.56
C SER A 45 -2.15 12.76 -14.07
N ASP A 46 -1.97 12.70 -12.75
CA ASP A 46 -0.68 12.36 -12.17
C ASP A 46 -0.85 11.63 -10.84
N PRO A 47 -1.36 10.43 -10.88
CA PRO A 47 -1.58 9.60 -9.67
C PRO A 47 -0.28 8.93 -9.22
N LYS A 48 0.47 9.62 -8.36
CA LYS A 48 1.73 9.08 -7.85
C LYS A 48 1.53 8.43 -6.49
N VAL A 49 1.27 7.12 -6.51
CA VAL A 49 1.05 6.37 -5.28
C VAL A 49 1.73 5.00 -5.38
N ILE A 50 1.97 4.38 -4.23
CA ILE A 50 2.61 3.07 -4.18
C ILE A 50 1.58 1.98 -3.87
N CYS A 51 1.90 0.75 -4.26
CA CYS A 51 0.98 -0.37 -4.03
C CYS A 51 1.12 -0.91 -2.60
N ARG A 52 0.21 -1.78 -2.20
CA ARG A 52 0.25 -2.36 -0.87
C ARG A 52 1.34 -3.40 -0.77
N THR A 53 1.72 -3.98 -1.92
CA THR A 53 2.77 -4.99 -1.95
C THR A 53 4.13 -4.39 -1.61
N CYS A 54 4.37 -3.18 -2.12
CA CYS A 54 5.64 -2.50 -1.90
C CYS A 54 5.68 -1.86 -0.51
N GLN A 55 4.60 -2.04 0.26
CA GLN A 55 4.53 -1.49 1.62
C GLN A 55 5.91 -1.58 2.31
N PRO A 56 6.42 -2.78 2.49
CA PRO A 56 7.74 -2.97 3.15
C PRO A 56 8.86 -2.29 2.36
N LYS A 57 9.84 -1.74 3.09
CA LYS A 57 10.97 -1.07 2.47
C LYS A 57 12.21 -1.94 2.58
N GLN A 58 13.15 -1.75 1.65
CA GLN A 58 14.39 -2.52 1.63
C GLN A 58 15.59 -1.60 1.89
N HIS A 59 16.76 -2.02 1.39
CA HIS A 59 17.97 -1.23 1.58
C HIS A 59 17.83 0.11 0.87
N ASP A 60 18.47 1.14 1.42
CA ASP A 60 18.43 2.48 0.85
C ASP A 60 19.83 3.09 0.84
N SER A 61 20.05 3.99 -0.12
CA SER A 61 21.35 4.67 -0.25
C SER A 61 21.14 6.15 -0.56
N ILE A 62 22.15 6.96 -0.27
CA ILE A 62 22.08 8.39 -0.52
C ILE A 62 23.29 8.86 -1.35
N TRP A 63 23.02 9.64 -2.38
CA TRP A 63 24.08 10.14 -3.24
C TRP A 63 24.74 11.37 -2.61
N CYS A 64 26.05 11.31 -2.43
CA CYS A 64 26.80 12.41 -1.83
C CYS A 64 27.34 13.36 -2.89
N THR A 65 27.14 14.66 -2.66
CA THR A 65 27.62 15.67 -3.60
C THR A 65 29.01 16.13 -3.17
N ALA A 66 29.45 15.71 -1.97
CA ALA A 66 30.77 16.08 -1.47
C ALA A 66 31.80 15.01 -1.83
N CYS A 67 31.31 13.82 -2.24
CA CYS A 67 32.18 12.72 -2.61
C CYS A 67 31.87 12.25 -4.03
N GLN A 68 30.77 12.75 -4.57
CA GLN A 68 30.35 12.37 -5.93
C GLN A 68 30.24 10.85 -6.06
N GLN A 69 29.74 10.21 -5.01
CA GLN A 69 29.58 8.76 -5.01
C GLN A 69 28.36 8.35 -4.20
N THR A 70 27.91 7.12 -4.43
CA THR A 70 26.74 6.59 -3.72
C THR A 70 27.15 5.99 -2.39
N LYS A 71 26.30 6.17 -1.38
CA LYS A 71 26.57 5.64 -0.04
C LYS A 71 25.32 5.04 0.57
N GLY A 72 25.52 3.99 1.35
CA GLY A 72 24.40 3.31 2.00
C GLY A 72 23.78 4.22 3.05
N ILE A 73 22.59 3.86 3.49
CA ILE A 73 21.88 4.62 4.50
C ILE A 73 22.51 4.41 5.87
N ASN A 74 23.21 3.30 6.04
CA ASN A 74 23.86 3.00 7.32
C ASN A 74 24.97 4.00 7.63
N GLU A 75 25.75 4.34 6.61
CA GLU A 75 26.86 5.30 6.78
C GLU A 75 26.35 6.73 6.69
N PHE A 76 25.03 6.89 6.80
CA PHE A 76 24.41 8.21 6.72
C PHE A 76 23.49 8.44 7.92
N SER A 77 23.54 9.66 8.45
CA SER A 77 22.70 10.02 9.59
C SER A 77 21.33 10.52 9.11
N LYS A 78 20.44 10.77 10.06
CA LYS A 78 19.10 11.26 9.75
C LYS A 78 19.15 12.70 9.26
N ALA A 79 20.02 13.49 9.85
CA ALA A 79 20.16 14.90 9.46
C ALA A 79 20.66 15.03 8.03
N GLN A 80 21.54 14.12 7.65
CA GLN A 80 22.11 14.14 6.30
C GLN A 80 21.01 14.06 5.24
N ARG A 81 20.03 13.20 5.47
CA ARG A 81 18.93 13.04 4.52
C ARG A 81 17.90 14.14 4.72
N HIS A 82 17.89 14.74 5.91
CA HIS A 82 16.95 15.81 6.22
C HIS A 82 17.30 17.06 5.42
N VAL A 83 18.59 17.32 5.26
CA VAL A 83 19.05 18.50 4.52
C VAL A 83 18.89 18.27 3.03
N LEU A 84 19.05 19.34 2.25
CA LEU A 84 18.93 19.26 0.80
C LEU A 84 20.26 18.82 0.18
N ASP A 85 21.31 18.79 1.00
CA ASP A 85 22.63 18.39 0.52
C ASP A 85 23.26 17.40 1.48
N PRO A 86 22.85 16.16 1.43
CA PRO A 86 23.38 15.08 2.32
C PRO A 86 24.89 14.89 2.14
N ARG A 87 25.58 14.65 3.26
CA ARG A 87 27.02 14.45 3.22
C ARG A 87 27.43 13.30 4.15
N CYS A 88 28.17 12.35 3.59
CA CYS A 88 28.63 11.20 4.37
C CYS A 88 29.30 11.67 5.65
N GLN A 89 29.29 10.81 6.66
CA GLN A 89 29.91 11.13 7.94
C GLN A 89 31.39 11.47 7.77
N ILE A 90 31.92 11.20 6.57
CA ILE A 90 33.33 11.47 6.28
C ILE A 90 33.54 12.90 5.75
N CYS A 91 32.57 13.37 4.96
CA CYS A 91 32.66 14.72 4.37
C CYS A 91 32.32 15.79 5.41
N VAL A 92 31.44 15.44 6.35
CA VAL A 92 31.05 16.39 7.39
C VAL A 92 32.22 16.70 8.31
N HIS A 93 33.02 15.68 8.60
CA HIS A 93 34.18 15.85 9.48
C HIS A 93 35.40 16.27 8.68
N SER A 94 35.21 16.48 7.38
CA SER A 94 36.31 16.90 6.49
C SER A 94 36.26 18.41 6.26
N GLN A 95 35.09 18.90 5.84
CA GLN A 95 34.92 20.33 5.57
C GLN A 95 34.28 21.03 6.77
N ARG A 96 34.16 20.30 7.88
CA ARG A 96 33.57 20.84 9.10
C ARG A 96 32.16 21.36 8.82
N ASN A 97 31.69 21.17 7.59
CA ASN A 97 30.37 21.62 7.20
C ASN A 97 30.07 23.00 7.76
N MET A 2 -19.73 -4.98 -18.50
CA MET A 2 -18.30 -5.23 -18.87
C MET A 2 -17.40 -4.34 -18.04
N GLY A 3 -17.80 -3.07 -17.87
CA GLY A 3 -17.02 -2.13 -17.09
C GLY A 3 -17.89 -0.99 -16.58
N LYS A 4 -19.10 -1.33 -16.16
CA LYS A 4 -20.04 -0.32 -15.64
C LYS A 4 -19.49 0.32 -14.37
N ASN A 5 -18.94 -0.52 -13.48
CA ASN A 5 -18.39 -0.01 -12.24
C ASN A 5 -17.10 0.76 -12.50
N ASP A 6 -16.97 1.91 -11.86
CA ASP A 6 -15.78 2.74 -12.01
C ASP A 6 -14.69 2.33 -11.02
N ASN A 7 -15.01 1.34 -10.19
CA ASN A 7 -14.06 0.86 -9.19
C ASN A 7 -13.19 -0.24 -9.77
N ASP A 8 -13.35 -0.50 -11.06
CA ASP A 8 -12.57 -1.54 -11.73
C ASP A 8 -11.31 -0.94 -12.35
N ALA A 9 -11.13 0.36 -12.16
CA ALA A 9 -9.96 1.04 -12.69
C ALA A 9 -8.70 0.62 -11.95
N LEU A 10 -7.62 0.38 -12.70
CA LEU A 10 -6.35 -0.03 -12.10
C LEU A 10 -5.32 1.07 -12.24
N ILE A 11 -4.63 1.35 -11.13
CA ILE A 11 -3.60 2.38 -11.12
C ILE A 11 -2.23 1.77 -11.32
N MET A 12 -1.30 2.55 -11.88
CA MET A 12 0.07 2.08 -12.12
C MET A 12 0.97 2.48 -10.96
N CYS A 13 1.70 1.50 -10.43
CA CYS A 13 2.61 1.75 -9.31
C CYS A 13 3.86 2.51 -9.75
N MET A 14 4.27 3.47 -8.94
CA MET A 14 5.45 4.26 -9.25
C MET A 14 6.71 3.48 -8.86
N ARG A 15 6.53 2.24 -8.40
CA ARG A 15 7.65 1.40 -7.99
C ARG A 15 7.68 0.11 -8.79
N CYS A 16 7.02 -0.91 -8.28
CA CYS A 16 6.98 -2.20 -8.96
C CYS A 16 6.23 -2.10 -10.28
N ARG A 17 5.81 -0.88 -10.62
CA ARG A 17 5.09 -0.66 -11.88
C ARG A 17 4.09 -1.78 -12.14
N LYS A 18 3.49 -2.29 -11.08
CA LYS A 18 2.52 -3.37 -11.20
C LYS A 18 1.10 -2.80 -11.26
N VAL A 19 0.45 -2.97 -12.40
CA VAL A 19 -0.91 -2.46 -12.57
C VAL A 19 -1.91 -3.38 -11.88
N LYS A 20 -2.56 -2.85 -10.84
CA LYS A 20 -3.55 -3.62 -10.09
C LYS A 20 -4.75 -2.77 -9.74
N GLY A 21 -5.84 -3.42 -9.36
CA GLY A 21 -7.08 -2.71 -9.02
C GLY A 21 -7.13 -2.41 -7.52
N ILE A 22 -8.25 -1.85 -7.09
CA ILE A 22 -8.42 -1.51 -5.68
C ILE A 22 -8.05 -2.69 -4.78
N ASP A 23 -7.84 -3.86 -5.39
CA ASP A 23 -7.49 -5.06 -4.65
C ASP A 23 -6.09 -4.92 -4.06
N SER A 24 -5.18 -4.39 -4.86
CA SER A 24 -3.78 -4.21 -4.40
C SER A 24 -3.55 -2.76 -4.00
N TYR A 25 -4.58 -1.93 -4.15
CA TYR A 25 -4.47 -0.50 -3.79
C TYR A 25 -5.40 -0.18 -2.62
N SER A 26 -4.82 0.41 -1.58
CA SER A 26 -5.60 0.77 -0.41
C SER A 26 -6.74 1.71 -0.79
N LYS A 27 -7.78 1.73 0.03
CA LYS A 27 -8.93 2.58 -0.23
C LYS A 27 -8.52 4.04 -0.27
N THR A 28 -7.75 4.46 0.73
CA THR A 28 -7.29 5.84 0.80
C THR A 28 -6.41 6.17 -0.39
N GLN A 29 -5.50 5.26 -0.72
CA GLN A 29 -4.61 5.47 -1.85
C GLN A 29 -5.38 5.51 -3.16
N TRP A 30 -6.21 4.49 -3.38
CA TRP A 30 -7.00 4.41 -4.60
C TRP A 30 -7.83 5.68 -4.77
N SER A 31 -8.29 6.24 -3.66
CA SER A 31 -9.09 7.46 -3.70
C SER A 31 -8.20 8.69 -3.75
N LYS A 32 -6.92 8.51 -3.42
CA LYS A 32 -5.98 9.61 -3.43
C LYS A 32 -5.70 10.06 -4.85
N THR A 33 -5.66 9.09 -5.78
CA THR A 33 -5.39 9.40 -7.18
C THR A 33 -6.55 10.17 -7.80
N PHE A 34 -7.46 10.66 -6.95
CA PHE A 34 -8.62 11.41 -7.43
C PHE A 34 -8.64 12.78 -6.78
N THR A 35 -9.15 13.76 -7.52
CA THR A 35 -9.24 15.13 -7.02
C THR A 35 -10.63 15.68 -7.21
N PHE A 36 -10.95 16.73 -6.47
CA PHE A 36 -12.27 17.36 -6.54
C PHE A 36 -12.17 18.73 -7.19
N VAL A 37 -12.99 18.93 -8.22
CA VAL A 37 -13.00 20.22 -8.94
C VAL A 37 -14.43 20.69 -9.16
N ARG A 38 -14.66 21.97 -8.95
CA ARG A 38 -15.99 22.54 -9.14
C ARG A 38 -17.05 21.68 -8.46
N GLY A 39 -16.63 20.92 -7.45
CA GLY A 39 -17.54 20.08 -6.72
C GLY A 39 -17.84 18.78 -7.48
N ARG A 40 -16.89 18.38 -8.33
CA ARG A 40 -17.06 17.17 -9.13
C ARG A 40 -15.87 16.24 -8.95
N THR A 41 -16.12 14.94 -9.06
CA THR A 41 -15.06 13.96 -8.90
C THR A 41 -14.25 13.83 -10.19
N VAL A 42 -12.94 14.01 -10.10
CA VAL A 42 -12.07 13.92 -11.26
C VAL A 42 -10.81 13.13 -10.92
N SER A 43 -10.42 12.25 -11.83
CA SER A 43 -9.23 11.42 -11.62
C SER A 43 -7.96 12.25 -11.79
N VAL A 44 -6.91 11.88 -11.08
CA VAL A 44 -5.64 12.60 -11.17
C VAL A 44 -4.90 12.19 -12.44
N SER A 45 -4.43 13.19 -13.20
CA SER A 45 -3.71 12.93 -14.43
C SER A 45 -2.34 12.32 -14.14
N ASP A 46 -1.72 12.74 -13.05
CA ASP A 46 -0.40 12.23 -12.68
C ASP A 46 -0.34 11.90 -11.19
N PRO A 47 -0.94 10.80 -10.81
CA PRO A 47 -0.95 10.35 -9.39
C PRO A 47 0.34 9.64 -9.00
N LYS A 48 0.78 9.87 -7.77
CA LYS A 48 2.00 9.24 -7.27
C LYS A 48 1.75 8.57 -5.93
N VAL A 49 1.58 7.25 -5.97
CA VAL A 49 1.34 6.48 -4.74
C VAL A 49 2.07 5.14 -4.81
N ILE A 50 2.36 4.57 -3.65
CA ILE A 50 3.03 3.27 -3.58
C ILE A 50 2.06 2.16 -3.23
N CYS A 51 1.93 1.20 -4.13
CA CYS A 51 1.03 0.07 -3.90
C CYS A 51 1.29 -0.55 -2.53
N ARG A 52 0.37 -1.40 -2.08
CA ARG A 52 0.52 -2.07 -0.79
C ARG A 52 1.54 -3.20 -0.89
N THR A 53 1.80 -3.66 -2.10
CA THR A 53 2.76 -4.73 -2.31
C THR A 53 4.20 -4.24 -2.17
N CYS A 54 4.40 -2.94 -2.42
CA CYS A 54 5.73 -2.36 -2.32
C CYS A 54 6.04 -1.98 -0.88
N GLN A 55 5.05 -2.10 -0.02
CA GLN A 55 5.23 -1.76 1.39
C GLN A 55 6.54 -2.36 1.92
N PRO A 56 7.14 -1.73 2.89
CA PRO A 56 8.41 -2.22 3.50
C PRO A 56 8.23 -3.51 4.28
N LYS A 57 8.65 -4.63 3.68
CA LYS A 57 8.54 -5.92 4.34
C LYS A 57 7.19 -6.06 5.05
N GLN A 58 6.25 -6.72 4.40
CA GLN A 58 4.92 -6.91 4.98
C GLN A 58 4.37 -8.27 4.61
N HIS A 59 4.42 -9.20 5.56
CA HIS A 59 3.92 -10.57 5.33
C HIS A 59 2.89 -10.93 6.38
N ASP A 60 1.91 -11.76 5.99
CA ASP A 60 0.86 -12.19 6.91
C ASP A 60 0.67 -13.70 6.82
N SER A 61 1.69 -14.40 6.31
CA SER A 61 1.62 -15.85 6.19
C SER A 61 1.35 -16.48 7.55
N ILE A 62 1.06 -17.79 7.54
CA ILE A 62 0.79 -18.53 8.77
C ILE A 62 1.63 -19.79 8.83
N TRP A 63 2.26 -20.01 9.98
CA TRP A 63 3.11 -21.19 10.17
C TRP A 63 2.29 -22.38 10.65
N CYS A 64 2.26 -23.44 9.85
CA CYS A 64 1.53 -24.64 10.21
C CYS A 64 2.39 -25.49 11.15
N THR A 65 1.79 -25.96 12.24
CA THR A 65 2.54 -26.77 13.20
C THR A 65 2.47 -28.25 12.82
N ALA A 66 1.52 -28.59 11.95
CA ALA A 66 1.37 -29.97 11.52
C ALA A 66 2.28 -30.28 10.35
N CYS A 67 2.86 -29.23 9.75
CA CYS A 67 3.77 -29.40 8.62
C CYS A 67 5.18 -28.95 9.00
N GLN A 68 5.26 -27.91 9.83
CA GLN A 68 6.56 -27.39 10.26
C GLN A 68 7.15 -26.49 9.19
N GLN A 69 6.28 -25.85 8.40
CA GLN A 69 6.74 -24.96 7.33
C GLN A 69 5.82 -23.75 7.23
N THR A 70 6.34 -22.68 6.63
CA THR A 70 5.57 -21.46 6.48
C THR A 70 4.58 -21.59 5.33
N LYS A 71 3.32 -21.29 5.61
CA LYS A 71 2.25 -21.37 4.60
C LYS A 71 1.58 -20.01 4.41
N GLY A 72 1.32 -19.66 3.16
CA GLY A 72 0.68 -18.39 2.85
C GLY A 72 -0.67 -18.29 3.55
N ILE A 73 -1.10 -17.06 3.79
CA ILE A 73 -2.38 -16.82 4.45
C ILE A 73 -3.54 -17.22 3.55
N ASN A 74 -3.38 -16.99 2.25
CA ASN A 74 -4.42 -17.32 1.29
C ASN A 74 -4.78 -18.80 1.38
N GLU A 75 -3.76 -19.64 1.54
CA GLU A 75 -3.97 -21.08 1.63
C GLU A 75 -4.39 -21.47 3.05
N PHE A 76 -4.87 -20.48 3.81
CA PHE A 76 -5.30 -20.72 5.18
C PHE A 76 -6.72 -20.21 5.41
N SER A 77 -7.42 -20.82 6.35
CA SER A 77 -8.78 -20.43 6.67
C SER A 77 -8.78 -19.38 7.78
N LYS A 78 -9.87 -18.65 7.89
CA LYS A 78 -10.00 -17.62 8.92
C LYS A 78 -10.08 -18.24 10.31
N ALA A 79 -10.82 -19.33 10.42
CA ALA A 79 -10.97 -20.01 11.70
C ALA A 79 -9.63 -20.57 12.18
N GLN A 80 -8.84 -21.06 11.23
CA GLN A 80 -7.54 -21.63 11.57
C GLN A 80 -6.66 -20.60 12.29
N ARG A 81 -6.96 -19.33 12.07
CA ARG A 81 -6.21 -18.26 12.69
C ARG A 81 -6.67 -18.05 14.14
N HIS A 82 -7.92 -18.42 14.40
CA HIS A 82 -8.49 -18.27 15.74
C HIS A 82 -7.88 -19.26 16.72
N VAL A 83 -7.68 -20.49 16.26
CA VAL A 83 -7.11 -21.53 17.10
C VAL A 83 -5.65 -21.22 17.42
N LEU A 84 -5.19 -21.71 18.56
CA LEU A 84 -3.82 -21.48 18.99
C LEU A 84 -2.85 -22.13 18.02
N ASP A 85 -3.27 -23.22 17.40
CA ASP A 85 -2.42 -23.95 16.46
C ASP A 85 -3.08 -24.03 15.08
N PRO A 86 -2.89 -23.02 14.27
CA PRO A 86 -3.48 -22.96 12.90
C PRO A 86 -3.02 -24.14 12.04
N ARG A 87 -3.90 -24.60 11.16
CA ARG A 87 -3.60 -25.73 10.28
C ARG A 87 -3.89 -25.36 8.82
N CYS A 88 -3.02 -25.80 7.92
CA CYS A 88 -3.19 -25.53 6.51
C CYS A 88 -4.36 -26.32 5.95
N GLN A 89 -5.02 -25.76 4.93
CA GLN A 89 -6.17 -26.42 4.32
C GLN A 89 -5.82 -27.85 3.94
N ILE A 90 -4.53 -28.18 3.98
CA ILE A 90 -4.08 -29.52 3.65
C ILE A 90 -4.07 -30.41 4.87
N CYS A 91 -3.60 -29.87 6.00
CA CYS A 91 -3.53 -30.63 7.23
C CYS A 91 -4.92 -30.97 7.75
N VAL A 92 -5.87 -30.08 7.51
CA VAL A 92 -7.24 -30.29 7.95
C VAL A 92 -7.92 -31.37 7.11
N HIS A 93 -7.68 -31.31 5.80
CA HIS A 93 -8.28 -32.28 4.88
C HIS A 93 -7.44 -33.55 4.84
N SER A 94 -6.30 -33.52 5.49
CA SER A 94 -5.41 -34.68 5.52
C SER A 94 -6.09 -35.85 6.21
N GLN A 95 -6.60 -35.62 7.42
CA GLN A 95 -7.28 -36.66 8.19
C GLN A 95 -8.45 -36.08 8.96
N ARG A 96 -9.17 -35.15 8.34
CA ARG A 96 -10.32 -34.53 8.97
C ARG A 96 -9.92 -33.95 10.33
N ASN A 97 -8.63 -33.73 10.51
CA ASN A 97 -8.14 -33.18 11.77
C ASN A 97 -6.72 -32.65 11.60
N MET A 2 -14.97 -11.08 -13.36
CA MET A 2 -16.33 -11.55 -12.98
C MET A 2 -17.29 -10.37 -12.92
N GLY A 3 -17.10 -9.52 -11.91
CA GLY A 3 -17.96 -8.35 -11.74
C GLY A 3 -17.41 -7.17 -12.54
N LYS A 4 -18.28 -6.52 -13.31
CA LYS A 4 -17.88 -5.37 -14.13
C LYS A 4 -18.61 -4.12 -13.66
N ASN A 5 -17.87 -3.21 -13.04
CA ASN A 5 -18.45 -1.96 -12.55
C ASN A 5 -17.39 -0.86 -12.51
N ASP A 6 -17.44 -0.03 -11.47
CA ASP A 6 -16.49 1.07 -11.33
C ASP A 6 -15.15 0.56 -10.81
N ASN A 7 -15.09 -0.75 -10.56
CA ASN A 7 -13.86 -1.36 -10.04
C ASN A 7 -12.97 -1.81 -11.18
N ASP A 8 -13.30 -1.36 -12.40
CA ASP A 8 -12.51 -1.73 -13.58
C ASP A 8 -11.31 -0.81 -13.71
N ALA A 9 -11.12 0.06 -12.73
CA ALA A 9 -9.99 0.99 -12.75
C ALA A 9 -8.71 0.29 -12.36
N LEU A 10 -7.64 0.55 -13.12
CA LEU A 10 -6.33 -0.07 -12.85
C LEU A 10 -5.26 1.01 -12.75
N ILE A 11 -4.63 1.09 -11.58
CA ILE A 11 -3.58 2.08 -11.34
C ILE A 11 -2.21 1.44 -11.41
N MET A 12 -1.26 2.13 -12.04
CA MET A 12 0.10 1.60 -12.18
C MET A 12 0.96 2.06 -11.00
N CYS A 13 1.76 1.15 -10.46
CA CYS A 13 2.63 1.47 -9.33
C CYS A 13 3.90 2.20 -9.78
N MET A 14 4.32 3.17 -8.99
CA MET A 14 5.51 3.93 -9.31
C MET A 14 6.77 3.16 -8.90
N ARG A 15 6.56 1.99 -8.27
CA ARG A 15 7.68 1.16 -7.83
C ARG A 15 7.73 -0.16 -8.59
N CYS A 16 7.03 -1.15 -8.06
CA CYS A 16 7.00 -2.47 -8.69
C CYS A 16 6.28 -2.40 -10.03
N ARG A 17 5.80 -1.22 -10.38
CA ARG A 17 5.10 -1.04 -11.65
C ARG A 17 4.07 -2.14 -11.87
N LYS A 18 3.44 -2.57 -10.79
CA LYS A 18 2.42 -3.62 -10.87
C LYS A 18 1.06 -2.99 -11.12
N VAL A 19 0.39 -3.45 -12.17
CA VAL A 19 -0.92 -2.92 -12.53
C VAL A 19 -2.03 -3.78 -11.92
N LYS A 20 -2.94 -3.14 -11.20
CA LYS A 20 -4.04 -3.84 -10.57
C LYS A 20 -5.15 -2.86 -10.19
N GLY A 21 -6.27 -3.40 -9.74
CA GLY A 21 -7.42 -2.59 -9.35
C GLY A 21 -7.38 -2.29 -7.86
N ILE A 22 -8.48 -1.74 -7.35
CA ILE A 22 -8.56 -1.41 -5.93
C ILE A 22 -8.19 -2.61 -5.05
N ASP A 23 -7.97 -3.76 -5.69
CA ASP A 23 -7.61 -4.97 -4.96
C ASP A 23 -6.18 -4.87 -4.44
N SER A 24 -5.26 -4.47 -5.32
CA SER A 24 -3.85 -4.33 -4.94
C SER A 24 -3.55 -2.91 -4.50
N TYR A 25 -4.58 -2.05 -4.53
CA TYR A 25 -4.43 -0.65 -4.13
C TYR A 25 -5.32 -0.33 -2.94
N SER A 26 -4.71 0.22 -1.90
CA SER A 26 -5.44 0.57 -0.69
C SER A 26 -6.51 1.60 -1.02
N LYS A 27 -7.55 1.64 -0.18
CA LYS A 27 -8.64 2.58 -0.39
C LYS A 27 -8.14 4.02 -0.32
N THR A 28 -7.28 4.29 0.66
CA THR A 28 -6.73 5.63 0.81
C THR A 28 -5.90 6.02 -0.40
N GLN A 29 -4.98 5.13 -0.79
CA GLN A 29 -4.11 5.39 -1.94
C GLN A 29 -4.93 5.48 -3.21
N TRP A 30 -5.91 4.59 -3.35
CA TRP A 30 -6.77 4.57 -4.53
C TRP A 30 -7.57 5.87 -4.63
N SER A 31 -8.00 6.37 -3.47
CA SER A 31 -8.77 7.60 -3.42
C SER A 31 -7.89 8.82 -3.68
N LYS A 32 -6.60 8.68 -3.42
CA LYS A 32 -5.67 9.77 -3.65
C LYS A 32 -5.50 10.04 -5.13
N THR A 33 -5.83 9.04 -5.94
CA THR A 33 -5.69 9.17 -7.38
C THR A 33 -6.80 10.03 -7.96
N PHE A 34 -7.73 10.47 -7.11
CA PHE A 34 -8.85 11.29 -7.53
C PHE A 34 -8.87 12.59 -6.75
N THR A 35 -9.28 13.67 -7.42
CA THR A 35 -9.36 14.98 -6.79
C THR A 35 -10.74 15.58 -7.00
N PHE A 36 -11.08 16.53 -6.14
CA PHE A 36 -12.38 17.19 -6.21
C PHE A 36 -12.23 18.58 -6.82
N VAL A 37 -12.93 18.80 -7.93
CA VAL A 37 -12.90 20.10 -8.62
C VAL A 37 -14.31 20.59 -8.88
N ARG A 38 -14.56 21.86 -8.54
CA ARG A 38 -15.87 22.46 -8.75
C ARG A 38 -16.96 21.58 -8.14
N GLY A 39 -16.60 20.81 -7.13
CA GLY A 39 -17.57 19.94 -6.47
C GLY A 39 -17.82 18.69 -7.30
N ARG A 40 -16.92 18.39 -8.23
CA ARG A 40 -17.05 17.23 -9.10
C ARG A 40 -15.83 16.32 -8.96
N THR A 41 -16.07 15.01 -9.06
CA THR A 41 -14.98 14.05 -8.95
C THR A 41 -14.18 14.00 -10.24
N VAL A 42 -12.87 14.22 -10.13
CA VAL A 42 -11.99 14.19 -11.30
C VAL A 42 -10.76 13.35 -11.02
N SER A 43 -10.40 12.49 -11.97
CA SER A 43 -9.24 11.62 -11.83
C SER A 43 -7.96 12.45 -11.88
N VAL A 44 -6.99 12.08 -11.04
CA VAL A 44 -5.72 12.77 -11.00
C VAL A 44 -4.96 12.58 -12.31
N SER A 45 -4.35 13.65 -12.80
CA SER A 45 -3.58 13.58 -14.04
C SER A 45 -2.30 12.76 -13.85
N ASP A 46 -1.62 12.97 -12.72
CA ASP A 46 -0.38 12.26 -12.41
C ASP A 46 -0.44 11.66 -11.01
N PRO A 47 -1.12 10.55 -10.87
CA PRO A 47 -1.27 9.87 -9.54
C PRO A 47 -0.01 9.08 -9.15
N LYS A 48 0.66 9.54 -8.10
CA LYS A 48 1.87 8.88 -7.63
C LYS A 48 1.65 8.35 -6.21
N VAL A 49 1.47 7.04 -6.10
CA VAL A 49 1.25 6.41 -4.80
C VAL A 49 2.03 5.11 -4.72
N ILE A 50 2.25 4.63 -3.50
CA ILE A 50 2.99 3.38 -3.28
C ILE A 50 2.04 2.25 -2.96
N CYS A 51 1.98 1.27 -3.86
CA CYS A 51 1.09 0.12 -3.67
C CYS A 51 1.37 -0.55 -2.32
N ARG A 52 0.42 -1.36 -1.87
CA ARG A 52 0.57 -2.03 -0.58
C ARG A 52 1.86 -2.84 -0.55
N THR A 53 2.14 -3.55 -1.64
CA THR A 53 3.36 -4.37 -1.71
C THR A 53 4.60 -3.51 -1.50
N CYS A 54 4.65 -2.36 -2.16
CA CYS A 54 5.78 -1.45 -2.03
C CYS A 54 5.63 -0.58 -0.79
N GLN A 55 4.42 -0.56 -0.24
CA GLN A 55 4.16 0.25 0.94
C GLN A 55 5.00 -0.23 2.13
N PRO A 56 5.72 0.65 2.80
CA PRO A 56 6.55 0.27 3.98
C PRO A 56 5.70 -0.06 5.21
N LYS A 57 6.26 -0.87 6.10
CA LYS A 57 5.54 -1.27 7.31
C LYS A 57 5.24 -0.04 8.15
N GLN A 58 6.27 0.51 8.78
CA GLN A 58 6.10 1.70 9.63
C GLN A 58 7.25 2.68 9.41
N HIS A 59 7.14 3.47 8.35
CA HIS A 59 8.18 4.45 8.04
C HIS A 59 7.69 5.42 6.97
N ASP A 60 7.65 6.70 7.31
CA ASP A 60 7.21 7.72 6.36
C ASP A 60 7.58 9.11 6.87
N SER A 61 8.86 9.47 6.69
CA SER A 61 9.34 10.77 7.13
C SER A 61 8.51 11.88 6.50
N ILE A 62 8.62 13.09 7.06
CA ILE A 62 7.88 14.25 6.56
C ILE A 62 8.81 15.40 6.26
N TRP A 63 8.61 16.06 5.13
CA TRP A 63 9.45 17.18 4.73
C TRP A 63 9.05 18.44 5.49
N CYS A 64 10.03 19.07 6.13
CA CYS A 64 9.80 20.30 6.89
C CYS A 64 10.38 21.49 6.13
N THR A 65 9.62 22.57 6.05
CA THR A 65 10.08 23.77 5.36
C THR A 65 10.83 24.68 6.33
N ALA A 66 10.52 24.55 7.63
CA ALA A 66 11.17 25.36 8.65
C ALA A 66 12.63 24.96 8.81
N CYS A 67 12.91 23.66 8.67
CA CYS A 67 14.27 23.14 8.81
C CYS A 67 14.88 22.88 7.44
N GLN A 68 14.02 22.80 6.43
CA GLN A 68 14.50 22.54 5.06
C GLN A 68 15.27 21.23 5.01
N GLN A 69 14.88 20.28 5.84
CA GLN A 69 15.55 18.98 5.90
C GLN A 69 14.54 17.87 6.17
N THR A 70 14.96 16.63 5.91
CA THR A 70 14.08 15.48 6.13
C THR A 70 13.93 15.21 7.61
N LYS A 71 12.70 14.99 8.04
CA LYS A 71 12.42 14.72 9.46
C LYS A 71 11.57 13.46 9.60
N GLY A 72 11.97 12.58 10.52
CA GLY A 72 11.24 11.35 10.76
C GLY A 72 9.80 11.63 11.16
N ILE A 73 8.96 10.63 11.01
CA ILE A 73 7.54 10.76 11.36
C ILE A 73 7.36 10.78 12.88
N ASN A 74 8.18 10.02 13.57
CA ASN A 74 8.09 9.93 15.02
C ASN A 74 8.23 11.31 15.65
N GLU A 75 9.14 12.11 15.11
CA GLU A 75 9.36 13.47 15.61
C GLU A 75 8.37 14.43 14.97
N PHE A 76 7.19 13.92 14.63
CA PHE A 76 6.16 14.75 13.99
C PHE A 76 4.79 14.42 14.58
N SER A 77 3.86 15.37 14.45
CA SER A 77 2.51 15.19 14.95
C SER A 77 1.60 14.62 13.85
N LYS A 78 0.41 14.20 14.25
CA LYS A 78 -0.55 13.66 13.30
C LYS A 78 -1.23 14.76 12.49
N ALA A 79 -1.58 15.85 13.16
CA ALA A 79 -2.25 16.97 12.51
C ALA A 79 -1.35 17.57 11.43
N GLN A 80 -0.06 17.55 11.68
CA GLN A 80 0.90 18.11 10.72
C GLN A 80 0.70 17.48 9.34
N ARG A 81 0.29 16.22 9.33
CA ARG A 81 0.07 15.52 8.07
C ARG A 81 -1.25 15.95 7.45
N HIS A 82 -2.02 16.74 8.20
CA HIS A 82 -3.31 17.22 7.72
C HIS A 82 -3.17 18.59 7.04
N VAL A 83 -2.32 19.45 7.60
CA VAL A 83 -2.11 20.77 7.04
C VAL A 83 -1.29 20.68 5.77
N LEU A 84 -1.41 21.69 4.93
CA LEU A 84 -0.67 21.73 3.67
C LEU A 84 0.82 21.79 3.93
N ASP A 85 1.22 22.52 4.98
CA ASP A 85 2.64 22.67 5.30
C ASP A 85 2.97 22.03 6.66
N PRO A 86 3.54 20.85 6.67
CA PRO A 86 3.90 20.16 7.94
C PRO A 86 5.18 20.71 8.56
N ARG A 87 5.15 20.93 9.86
CA ARG A 87 6.31 21.47 10.57
C ARG A 87 6.65 20.62 11.78
N CYS A 88 7.94 20.42 12.02
CA CYS A 88 8.38 19.62 13.16
C CYS A 88 7.77 20.14 14.46
N GLN A 89 7.55 19.24 15.41
CA GLN A 89 6.96 19.63 16.69
C GLN A 89 7.82 20.72 17.35
N ILE A 90 9.07 20.81 16.92
CA ILE A 90 9.99 21.81 17.47
C ILE A 90 9.89 23.12 16.68
N CYS A 91 9.36 23.03 15.46
CA CYS A 91 9.21 24.21 14.61
C CYS A 91 7.92 24.95 14.94
N VAL A 92 6.90 24.21 15.37
CA VAL A 92 5.63 24.81 15.72
C VAL A 92 5.71 25.51 17.08
N HIS A 93 6.33 24.83 18.05
CA HIS A 93 6.47 25.39 19.38
C HIS A 93 7.63 26.38 19.44
N SER A 94 8.25 26.61 18.28
CA SER A 94 9.37 27.53 18.20
C SER A 94 8.91 28.96 18.49
N GLN A 95 8.30 29.59 17.49
CA GLN A 95 7.82 30.96 17.64
C GLN A 95 6.43 31.11 17.01
N ARG A 96 6.20 30.41 15.90
CA ARG A 96 4.91 30.46 15.22
C ARG A 96 4.47 29.07 14.79
N ASN A 97 3.16 28.86 14.71
CA ASN A 97 2.62 27.56 14.31
C ASN A 97 2.36 27.54 12.81
N MET A 2 -19.08 6.74 -18.29
CA MET A 2 -18.07 5.69 -18.60
C MET A 2 -18.78 4.36 -18.80
N GLY A 3 -19.84 4.13 -18.03
CA GLY A 3 -20.60 2.89 -18.13
C GLY A 3 -19.96 1.79 -17.30
N LYS A 4 -18.99 2.17 -16.48
CA LYS A 4 -18.28 1.20 -15.62
C LYS A 4 -17.85 1.85 -14.32
N ASN A 5 -17.61 1.03 -13.31
CA ASN A 5 -17.18 1.54 -12.00
C ASN A 5 -15.81 2.18 -12.11
N ASP A 6 -15.75 3.48 -11.82
CA ASP A 6 -14.48 4.21 -11.89
C ASP A 6 -13.50 3.65 -10.87
N ASN A 7 -14.02 3.14 -9.75
CA ASN A 7 -13.18 2.58 -8.71
C ASN A 7 -12.37 1.41 -9.24
N ASP A 8 -13.00 0.58 -10.07
CA ASP A 8 -12.32 -0.58 -10.64
C ASP A 8 -11.28 -0.13 -11.66
N ALA A 9 -10.61 0.98 -11.38
CA ALA A 9 -9.60 1.50 -12.28
C ALA A 9 -8.29 0.72 -12.13
N LEU A 10 -7.28 1.09 -12.91
CA LEU A 10 -5.98 0.42 -12.84
C LEU A 10 -4.86 1.45 -12.85
N ILE A 11 -4.21 1.60 -11.70
CA ILE A 11 -3.09 2.54 -11.57
C ILE A 11 -1.76 1.81 -11.55
N MET A 12 -0.76 2.43 -12.15
CA MET A 12 0.57 1.83 -12.21
C MET A 12 1.40 2.25 -11.00
N CYS A 13 2.07 1.28 -10.39
CA CYS A 13 2.90 1.56 -9.22
C CYS A 13 4.24 2.19 -9.65
N MET A 14 4.66 3.21 -8.93
CA MET A 14 5.90 3.89 -9.26
C MET A 14 7.10 3.09 -8.74
N ARG A 15 6.82 1.93 -8.15
CA ARG A 15 7.88 1.07 -7.61
C ARG A 15 7.93 -0.26 -8.32
N CYS A 16 7.20 -1.23 -7.79
CA CYS A 16 7.17 -2.56 -8.37
C CYS A 16 6.57 -2.53 -9.76
N ARG A 17 6.00 -1.39 -10.13
CA ARG A 17 5.39 -1.24 -11.44
C ARG A 17 4.32 -2.29 -11.68
N LYS A 18 3.59 -2.63 -10.61
CA LYS A 18 2.52 -3.62 -10.71
C LYS A 18 1.18 -2.94 -10.94
N VAL A 19 0.57 -3.21 -12.09
CA VAL A 19 -0.71 -2.61 -12.44
C VAL A 19 -1.85 -3.41 -11.80
N LYS A 20 -2.77 -2.70 -11.15
CA LYS A 20 -3.89 -3.35 -10.50
C LYS A 20 -4.93 -2.32 -10.08
N GLY A 21 -6.03 -2.80 -9.51
CA GLY A 21 -7.10 -1.91 -9.05
C GLY A 21 -7.10 -1.79 -7.52
N ILE A 22 -8.18 -1.24 -6.99
CA ILE A 22 -8.29 -1.07 -5.54
C ILE A 22 -8.10 -2.41 -4.82
N ASP A 23 -7.91 -3.48 -5.59
CA ASP A 23 -7.73 -4.79 -5.01
C ASP A 23 -6.34 -4.90 -4.36
N SER A 24 -5.32 -4.64 -5.16
CA SER A 24 -3.93 -4.71 -4.66
C SER A 24 -3.45 -3.33 -4.26
N TYR A 25 -4.34 -2.35 -4.32
CA TYR A 25 -4.00 -0.98 -3.95
C TYR A 25 -4.81 -0.51 -2.74
N SER A 26 -4.11 -0.14 -1.68
CA SER A 26 -4.77 0.35 -0.48
C SER A 26 -5.95 1.26 -0.84
N LYS A 27 -7.02 1.15 -0.07
CA LYS A 27 -8.21 1.96 -0.33
C LYS A 27 -7.90 3.44 -0.17
N THR A 28 -7.12 3.77 0.86
CA THR A 28 -6.74 5.16 1.10
C THR A 28 -5.98 5.74 -0.08
N GLN A 29 -5.07 4.95 -0.63
CA GLN A 29 -4.27 5.39 -1.76
C GLN A 29 -5.16 5.63 -2.98
N TRP A 30 -6.16 4.78 -3.15
CA TRP A 30 -7.07 4.90 -4.28
C TRP A 30 -7.77 6.26 -4.28
N SER A 31 -8.18 6.70 -3.09
CA SER A 31 -8.87 7.98 -2.96
C SER A 31 -7.97 9.12 -3.39
N LYS A 32 -6.66 8.90 -3.34
CA LYS A 32 -5.70 9.93 -3.72
C LYS A 32 -5.56 10.00 -5.23
N THR A 33 -5.85 8.89 -5.90
CA THR A 33 -5.75 8.83 -7.36
C THR A 33 -6.80 9.73 -8.01
N PHE A 34 -7.76 10.19 -7.22
CA PHE A 34 -8.83 11.05 -7.72
C PHE A 34 -8.62 12.48 -7.25
N THR A 35 -9.54 13.36 -7.65
CA THR A 35 -9.45 14.77 -7.27
C THR A 35 -10.83 15.40 -7.29
N PHE A 36 -10.99 16.46 -6.52
CA PHE A 36 -12.26 17.20 -6.45
C PHE A 36 -12.09 18.61 -6.99
N VAL A 37 -12.97 18.99 -7.90
CA VAL A 37 -12.95 20.32 -8.49
C VAL A 37 -14.34 20.94 -8.53
N ARG A 38 -14.44 22.19 -8.10
CA ARG A 38 -15.74 22.87 -8.12
C ARG A 38 -16.84 21.95 -7.62
N GLY A 39 -16.49 21.02 -6.74
CA GLY A 39 -17.47 20.09 -6.20
C GLY A 39 -17.79 18.98 -7.19
N ARG A 40 -16.84 18.68 -8.06
CA ARG A 40 -17.03 17.63 -9.07
C ARG A 40 -15.92 16.59 -8.97
N THR A 41 -16.28 15.32 -9.13
CA THR A 41 -15.32 14.24 -9.04
C THR A 41 -14.50 14.16 -10.33
N VAL A 42 -13.18 14.19 -10.19
CA VAL A 42 -12.29 14.10 -11.35
C VAL A 42 -11.11 13.19 -11.05
N SER A 43 -10.57 12.56 -12.09
CA SER A 43 -9.42 11.67 -11.93
C SER A 43 -8.11 12.45 -12.00
N VAL A 44 -7.12 12.00 -11.24
CA VAL A 44 -5.82 12.65 -11.24
C VAL A 44 -5.14 12.50 -12.59
N SER A 45 -4.54 13.59 -13.07
CA SER A 45 -3.85 13.56 -14.37
C SER A 45 -2.70 12.56 -14.34
N ASP A 46 -1.92 12.57 -13.26
CA ASP A 46 -0.78 11.66 -13.13
C ASP A 46 -0.78 11.03 -11.74
N PRO A 47 -1.60 10.02 -11.54
CA PRO A 47 -1.70 9.32 -10.24
C PRO A 47 -0.34 8.82 -9.74
N LYS A 48 0.17 9.45 -8.70
CA LYS A 48 1.46 9.06 -8.12
C LYS A 48 1.26 8.55 -6.70
N VAL A 49 1.13 7.25 -6.55
CA VAL A 49 0.94 6.62 -5.25
C VAL A 49 1.65 5.28 -5.17
N ILE A 50 1.87 4.80 -3.95
CA ILE A 50 2.54 3.51 -3.74
C ILE A 50 1.51 2.41 -3.58
N CYS A 51 1.88 1.19 -3.96
CA CYS A 51 0.99 0.04 -3.85
C CYS A 51 1.12 -0.61 -2.47
N ARG A 52 0.34 -1.66 -2.25
CA ARG A 52 0.39 -2.37 -0.97
C ARG A 52 1.73 -3.07 -0.79
N THR A 53 2.09 -3.92 -1.75
CA THR A 53 3.35 -4.65 -1.67
C THR A 53 4.50 -3.72 -1.33
N CYS A 54 4.55 -2.58 -2.02
CA CYS A 54 5.61 -1.60 -1.79
C CYS A 54 5.35 -0.84 -0.50
N GLN A 55 4.11 -0.91 0.00
CA GLN A 55 3.74 -0.22 1.24
C GLN A 55 3.10 -1.20 2.22
N PRO A 56 3.87 -2.10 2.76
CA PRO A 56 3.37 -3.12 3.74
C PRO A 56 3.11 -2.50 5.12
N LYS A 57 1.88 -2.62 5.58
CA LYS A 57 1.52 -2.09 6.89
C LYS A 57 2.28 -2.81 7.99
N GLN A 58 2.45 -4.12 7.83
CA GLN A 58 3.16 -4.93 8.82
C GLN A 58 2.27 -5.23 10.01
N HIS A 59 0.97 -4.98 9.84
CA HIS A 59 0.02 -5.22 10.92
C HIS A 59 -0.11 -6.71 11.19
N ASP A 60 -0.08 -7.50 10.13
CA ASP A 60 -0.19 -8.95 10.26
C ASP A 60 0.72 -9.65 9.26
N SER A 61 1.41 -10.68 9.72
CA SER A 61 2.32 -11.43 8.85
C SER A 61 2.29 -12.91 9.22
N ILE A 62 2.84 -13.74 8.32
CA ILE A 62 2.87 -15.19 8.55
C ILE A 62 4.29 -15.71 8.39
N TRP A 63 4.75 -16.48 9.37
CA TRP A 63 6.09 -17.05 9.32
C TRP A 63 6.11 -18.35 8.55
N CYS A 64 6.75 -18.33 7.39
CA CYS A 64 6.85 -19.53 6.56
C CYS A 64 7.84 -20.51 7.17
N THR A 65 7.45 -21.76 7.27
CA THR A 65 8.32 -22.78 7.85
C THR A 65 9.21 -23.41 6.78
N ALA A 66 8.83 -23.22 5.51
CA ALA A 66 9.60 -23.77 4.41
C ALA A 66 10.74 -22.83 4.03
N CYS A 67 10.71 -21.61 4.55
CA CYS A 67 11.74 -20.62 4.27
C CYS A 67 12.49 -20.24 5.53
N GLN A 68 11.76 -20.18 6.65
CA GLN A 68 12.36 -19.83 7.94
C GLN A 68 12.48 -18.32 8.07
N GLN A 69 11.54 -17.59 7.48
CA GLN A 69 11.55 -16.13 7.53
C GLN A 69 10.13 -15.59 7.59
N THR A 70 10.00 -14.36 8.07
CA THR A 70 8.69 -13.73 8.17
C THR A 70 8.18 -13.33 6.79
N LYS A 71 6.91 -13.63 6.52
CA LYS A 71 6.31 -13.30 5.22
C LYS A 71 5.04 -12.48 5.42
N GLY A 72 4.90 -11.42 4.63
CA GLY A 72 3.73 -10.56 4.72
C GLY A 72 2.45 -11.35 4.45
N ILE A 73 1.35 -10.86 4.99
CA ILE A 73 0.05 -11.50 4.79
C ILE A 73 -0.44 -11.33 3.36
N ASN A 74 -0.17 -10.16 2.79
CA ASN A 74 -0.62 -9.86 1.43
C ASN A 74 -0.10 -10.92 0.45
N GLU A 75 1.18 -11.28 0.60
CA GLU A 75 1.77 -12.28 -0.27
C GLU A 75 1.47 -13.68 0.24
N PHE A 76 0.42 -13.82 1.05
CA PHE A 76 0.04 -15.11 1.60
C PHE A 76 -1.42 -15.42 1.28
N SER A 77 -1.71 -16.70 1.08
CA SER A 77 -3.07 -17.14 0.78
C SER A 77 -3.87 -17.26 2.07
N LYS A 78 -5.16 -16.98 1.98
CA LYS A 78 -6.04 -17.08 3.14
C LYS A 78 -6.33 -18.55 3.47
N ALA A 79 -6.51 -19.35 2.43
CA ALA A 79 -6.81 -20.77 2.61
C ALA A 79 -5.63 -21.49 3.26
N GLN A 80 -4.42 -21.11 2.86
CA GLN A 80 -3.21 -21.73 3.40
C GLN A 80 -3.10 -21.46 4.89
N ARG A 81 -3.16 -20.20 5.28
CA ARG A 81 -3.06 -19.83 6.69
C ARG A 81 -3.82 -20.83 7.57
N HIS A 82 -4.79 -21.50 6.98
CA HIS A 82 -5.60 -22.47 7.71
C HIS A 82 -4.74 -23.66 8.14
N VAL A 83 -3.86 -24.11 7.25
CA VAL A 83 -3.00 -25.25 7.54
C VAL A 83 -2.10 -24.94 8.74
N LEU A 84 -1.62 -25.98 9.39
CA LEU A 84 -0.74 -25.82 10.55
C LEU A 84 0.61 -25.28 10.14
N ASP A 85 0.97 -25.48 8.87
CA ASP A 85 2.26 -25.00 8.36
C ASP A 85 2.05 -24.12 7.14
N PRO A 86 1.74 -22.86 7.35
CA PRO A 86 1.50 -21.89 6.25
C PRO A 86 2.69 -21.80 5.30
N ARG A 87 2.40 -21.66 4.01
CA ARG A 87 3.46 -21.56 3.00
C ARG A 87 3.27 -20.30 2.16
N CYS A 88 4.39 -19.66 1.82
CA CYS A 88 4.33 -18.44 1.02
C CYS A 88 4.04 -18.78 -0.44
N GLN A 89 3.45 -17.83 -1.16
CA GLN A 89 3.11 -18.04 -2.57
C GLN A 89 4.32 -18.55 -3.34
N ILE A 90 5.50 -18.47 -2.72
CA ILE A 90 6.73 -18.94 -3.36
C ILE A 90 6.99 -20.41 -3.04
N CYS A 91 6.72 -20.79 -1.80
CA CYS A 91 6.93 -22.17 -1.37
C CYS A 91 5.94 -23.11 -2.05
N VAL A 92 4.73 -22.62 -2.27
CA VAL A 92 3.69 -23.42 -2.90
C VAL A 92 4.00 -23.64 -4.38
N HIS A 93 4.46 -22.58 -5.04
CA HIS A 93 4.79 -22.66 -6.45
C HIS A 93 6.11 -23.40 -6.66
N SER A 94 6.74 -23.80 -5.55
CA SER A 94 8.00 -24.53 -5.62
C SER A 94 7.78 -26.02 -5.47
N GLN A 95 7.39 -26.45 -4.27
CA GLN A 95 7.14 -27.86 -4.01
C GLN A 95 5.68 -28.20 -4.26
N ARG A 96 5.10 -27.60 -5.29
CA ARG A 96 3.69 -27.85 -5.62
C ARG A 96 2.84 -27.84 -4.36
N ASN A 97 2.61 -29.03 -3.80
CA ASN A 97 1.81 -29.14 -2.59
C ASN A 97 1.90 -30.55 -2.02
N MET A 2 -15.50 8.93 -20.23
CA MET A 2 -14.66 7.72 -20.37
C MET A 2 -15.30 6.55 -19.62
N GLY A 3 -15.46 6.71 -18.31
CA GLY A 3 -16.06 5.67 -17.49
C GLY A 3 -16.44 6.21 -16.11
N LYS A 4 -17.73 6.18 -15.80
CA LYS A 4 -18.19 6.66 -14.51
C LYS A 4 -17.62 5.82 -13.38
N ASN A 5 -17.63 4.50 -13.57
CA ASN A 5 -17.11 3.59 -12.56
C ASN A 5 -15.58 3.61 -12.55
N ASP A 6 -15.01 4.39 -11.63
CA ASP A 6 -13.55 4.50 -11.52
C ASP A 6 -13.01 3.47 -10.55
N ASN A 7 -13.90 2.68 -9.96
CA ASN A 7 -13.51 1.65 -9.00
C ASN A 7 -12.66 0.58 -9.71
N ASP A 8 -13.04 0.26 -10.94
CA ASP A 8 -12.32 -0.76 -11.70
C ASP A 8 -11.04 -0.17 -12.29
N ALA A 9 -10.74 1.06 -11.90
CA ALA A 9 -9.54 1.74 -12.39
C ALA A 9 -8.29 1.00 -11.94
N LEU A 10 -7.20 1.15 -12.71
CA LEU A 10 -5.94 0.49 -12.38
C LEU A 10 -4.89 1.52 -11.99
N ILE A 11 -4.21 1.27 -10.88
CA ILE A 11 -3.18 2.20 -10.39
C ILE A 11 -1.80 1.69 -10.74
N MET A 12 -1.01 2.54 -11.36
CA MET A 12 0.36 2.18 -11.75
C MET A 12 1.33 2.52 -10.63
N CYS A 13 2.19 1.55 -10.29
CA CYS A 13 3.16 1.76 -9.21
C CYS A 13 4.43 2.43 -9.72
N MET A 14 4.83 3.47 -9.03
CA MET A 14 6.04 4.22 -9.42
C MET A 14 7.29 3.49 -8.93
N ARG A 15 7.10 2.30 -8.37
CA ARG A 15 8.21 1.50 -7.87
C ARG A 15 8.30 0.17 -8.61
N CYS A 16 7.62 -0.83 -8.09
CA CYS A 16 7.62 -2.16 -8.71
C CYS A 16 6.91 -2.12 -10.05
N ARG A 17 6.13 -1.07 -10.28
CA ARG A 17 5.42 -0.92 -11.54
C ARG A 17 4.36 -1.99 -11.70
N LYS A 18 3.72 -2.36 -10.60
CA LYS A 18 2.67 -3.38 -10.63
C LYS A 18 1.32 -2.72 -10.85
N VAL A 19 0.68 -3.04 -11.97
CA VAL A 19 -0.62 -2.46 -12.29
C VAL A 19 -1.74 -3.35 -11.76
N LYS A 20 -2.59 -2.77 -10.93
CA LYS A 20 -3.71 -3.50 -10.33
C LYS A 20 -4.86 -2.56 -10.01
N GLY A 21 -5.99 -3.14 -9.65
CA GLY A 21 -7.18 -2.37 -9.32
C GLY A 21 -7.23 -2.03 -7.83
N ILE A 22 -8.33 -1.41 -7.40
CA ILE A 22 -8.46 -1.05 -6.00
C ILE A 22 -8.23 -2.25 -5.09
N ASP A 23 -8.11 -3.43 -5.68
CA ASP A 23 -7.90 -4.65 -4.92
C ASP A 23 -6.51 -4.65 -4.30
N SER A 24 -5.51 -4.27 -5.10
CA SER A 24 -4.12 -4.23 -4.63
C SER A 24 -3.79 -2.86 -4.06
N TYR A 25 -4.79 -1.97 -4.01
CA TYR A 25 -4.60 -0.62 -3.49
C TYR A 25 -5.62 -0.31 -2.40
N SER A 26 -5.16 0.34 -1.34
CA SER A 26 -6.03 0.70 -0.24
C SER A 26 -6.96 1.84 -0.64
N LYS A 27 -8.06 1.98 0.09
CA LYS A 27 -9.03 3.04 -0.22
C LYS A 27 -8.37 4.41 -0.08
N THR A 28 -7.53 4.57 0.93
CA THR A 28 -6.86 5.85 1.16
C THR A 28 -5.96 6.20 -0.02
N GLN A 29 -5.12 5.25 -0.42
CA GLN A 29 -4.21 5.48 -1.55
C GLN A 29 -4.99 5.61 -2.84
N TRP A 30 -5.95 4.72 -3.05
CA TRP A 30 -6.76 4.75 -4.26
C TRP A 30 -7.56 6.05 -4.34
N SER A 31 -8.03 6.51 -3.19
CA SER A 31 -8.82 7.74 -3.15
C SER A 31 -8.03 8.91 -3.74
N LYS A 32 -6.73 8.72 -3.90
CA LYS A 32 -5.88 9.77 -4.45
C LYS A 32 -5.89 9.72 -5.99
N THR A 33 -6.45 8.64 -6.53
CA THR A 33 -6.51 8.48 -7.98
C THR A 33 -7.41 9.55 -8.60
N PHE A 34 -8.17 10.24 -7.76
CA PHE A 34 -9.06 11.30 -8.23
C PHE A 34 -9.09 12.44 -7.22
N THR A 35 -9.37 13.64 -7.72
CA THR A 35 -9.43 14.83 -6.86
C THR A 35 -10.78 15.51 -6.98
N PHE A 36 -11.06 16.42 -6.07
CA PHE A 36 -12.34 17.13 -6.06
C PHE A 36 -12.16 18.53 -6.62
N VAL A 37 -12.85 18.79 -7.73
CA VAL A 37 -12.77 20.11 -8.37
C VAL A 37 -14.18 20.65 -8.64
N ARG A 38 -14.39 21.92 -8.30
CA ARG A 38 -15.68 22.55 -8.53
C ARG A 38 -16.80 21.72 -7.91
N GLY A 39 -16.45 20.93 -6.89
CA GLY A 39 -17.43 20.09 -6.23
C GLY A 39 -17.76 18.86 -7.06
N ARG A 40 -16.82 18.46 -7.92
CA ARG A 40 -17.02 17.29 -8.78
C ARG A 40 -15.81 16.37 -8.72
N THR A 41 -16.04 15.09 -8.96
CA THR A 41 -14.95 14.11 -8.92
C THR A 41 -14.19 14.12 -10.24
N VAL A 42 -12.88 14.31 -10.17
CA VAL A 42 -12.04 14.35 -11.36
C VAL A 42 -10.82 13.44 -11.19
N SER A 43 -10.55 12.62 -12.20
CA SER A 43 -9.40 11.72 -12.14
C SER A 43 -8.10 12.51 -12.19
N VAL A 44 -7.12 12.06 -11.42
CA VAL A 44 -5.82 12.72 -11.39
C VAL A 44 -5.09 12.51 -12.72
N SER A 45 -4.38 13.55 -13.16
CA SER A 45 -3.65 13.48 -14.42
C SER A 45 -2.64 12.34 -14.41
N ASP A 46 -1.92 12.20 -13.29
CA ASP A 46 -0.91 11.16 -13.16
C ASP A 46 -0.84 10.67 -11.72
N PRO A 47 -1.67 9.72 -11.37
CA PRO A 47 -1.71 9.14 -9.98
C PRO A 47 -0.35 8.61 -9.56
N LYS A 48 0.22 9.22 -8.52
CA LYS A 48 1.52 8.80 -8.00
C LYS A 48 1.38 8.32 -6.56
N VAL A 49 1.22 7.01 -6.40
CA VAL A 49 1.09 6.41 -5.07
C VAL A 49 1.81 5.08 -4.99
N ILE A 50 2.06 4.62 -3.76
CA ILE A 50 2.75 3.35 -3.56
C ILE A 50 1.74 2.21 -3.43
N CYS A 51 2.12 1.04 -3.95
CA CYS A 51 1.25 -0.13 -3.89
C CYS A 51 1.49 -0.90 -2.61
N ARG A 52 0.55 -1.78 -2.26
CA ARG A 52 0.69 -2.58 -1.04
C ARG A 52 1.98 -3.41 -1.08
N THR A 53 2.17 -4.15 -2.17
CA THR A 53 3.36 -4.98 -2.30
C THR A 53 4.62 -4.16 -1.98
N CYS A 54 4.62 -2.90 -2.42
CA CYS A 54 5.75 -2.02 -2.17
C CYS A 54 5.64 -1.42 -0.77
N GLN A 55 4.48 -1.58 -0.14
CA GLN A 55 4.26 -1.05 1.20
C GLN A 55 4.20 -2.19 2.24
N PRO A 56 5.31 -2.81 2.53
CA PRO A 56 5.37 -3.92 3.51
C PRO A 56 5.11 -3.45 4.94
N LYS A 57 5.24 -2.14 5.15
CA LYS A 57 5.02 -1.57 6.47
C LYS A 57 3.53 -1.57 6.82
N GLN A 58 3.23 -1.88 8.07
CA GLN A 58 1.84 -1.92 8.53
C GLN A 58 1.77 -2.05 10.04
N HIS A 59 2.88 -1.77 10.71
CA HIS A 59 2.94 -1.86 12.16
C HIS A 59 2.04 -0.80 12.80
N ASP A 60 1.98 0.37 12.17
CA ASP A 60 1.16 1.45 12.70
C ASP A 60 -0.29 1.01 12.83
N SER A 61 -0.90 1.33 13.96
CA SER A 61 -2.30 0.95 14.20
C SER A 61 -3.03 2.08 14.90
N ILE A 62 -4.36 2.02 14.88
CA ILE A 62 -5.18 3.04 15.54
C ILE A 62 -6.17 2.39 16.50
N TRP A 63 -6.22 2.92 17.72
CA TRP A 63 -7.12 2.38 18.74
C TRP A 63 -8.53 2.91 18.53
N CYS A 64 -9.50 1.99 18.44
CA CYS A 64 -10.91 2.37 18.29
C CYS A 64 -11.63 2.20 19.61
N THR A 65 -12.44 3.18 19.97
CA THR A 65 -13.20 3.12 21.22
C THR A 65 -14.63 2.64 20.96
N ALA A 66 -14.98 2.48 19.69
CA ALA A 66 -16.32 2.03 19.33
C ALA A 66 -16.36 0.51 19.24
N CYS A 67 -15.19 -0.11 19.08
CA CYS A 67 -15.10 -1.56 18.98
C CYS A 67 -14.37 -2.13 20.19
N GLN A 68 -13.38 -1.38 20.69
CA GLN A 68 -12.61 -1.82 21.84
C GLN A 68 -11.52 -2.79 21.41
N GLN A 69 -11.02 -2.62 20.20
CA GLN A 69 -9.96 -3.50 19.68
C GLN A 69 -8.98 -2.70 18.84
N THR A 70 -7.77 -3.23 18.70
CA THR A 70 -6.74 -2.56 17.91
C THR A 70 -6.93 -2.83 16.43
N LYS A 71 -7.15 -1.76 15.67
CA LYS A 71 -7.35 -1.88 14.21
C LYS A 71 -6.18 -1.28 13.46
N GLY A 72 -5.78 -1.95 12.40
CA GLY A 72 -4.67 -1.47 11.58
C GLY A 72 -4.98 -0.12 10.97
N ILE A 73 -3.95 0.55 10.50
CA ILE A 73 -4.11 1.86 9.89
C ILE A 73 -4.72 1.75 8.49
N ASN A 74 -4.43 0.63 7.83
CA ASN A 74 -4.93 0.40 6.48
C ASN A 74 -6.46 0.40 6.46
N GLU A 75 -7.06 -0.24 7.46
CA GLU A 75 -8.50 -0.31 7.55
C GLU A 75 -9.07 0.95 8.20
N PHE A 76 -8.25 2.00 8.24
CA PHE A 76 -8.67 3.27 8.84
C PHE A 76 -8.47 4.42 7.86
N SER A 77 -9.45 5.30 7.80
CA SER A 77 -9.37 6.46 6.90
C SER A 77 -8.59 7.59 7.57
N LYS A 78 -8.31 8.64 6.80
CA LYS A 78 -7.59 9.79 7.32
C LYS A 78 -8.48 10.60 8.26
N ALA A 79 -9.76 10.71 7.91
CA ALA A 79 -10.70 11.47 8.72
C ALA A 79 -10.94 10.76 10.06
N GLN A 80 -11.15 9.45 9.99
CA GLN A 80 -11.38 8.67 11.20
C GLN A 80 -10.10 8.59 12.03
N ARG A 81 -9.00 9.04 11.47
CA ARG A 81 -7.72 9.03 12.18
C ARG A 81 -7.53 10.32 12.97
N HIS A 82 -7.99 11.43 12.40
CA HIS A 82 -7.84 12.73 13.06
C HIS A 82 -8.76 12.84 14.27
N VAL A 83 -10.01 12.39 14.10
CA VAL A 83 -10.99 12.46 15.17
C VAL A 83 -10.39 11.92 16.47
N LEU A 84 -10.79 12.54 17.58
CA LEU A 84 -10.30 12.12 18.88
C LEU A 84 -10.77 10.70 19.20
N ASP A 85 -11.86 10.28 18.56
CA ASP A 85 -12.40 8.95 18.79
C ASP A 85 -12.42 8.15 17.49
N PRO A 86 -11.31 7.52 17.16
CA PRO A 86 -11.18 6.72 15.91
C PRO A 86 -12.28 5.66 15.79
N ARG A 87 -12.80 5.51 14.57
CA ARG A 87 -13.85 4.52 14.32
C ARG A 87 -13.55 3.74 13.05
N CYS A 88 -13.29 2.44 13.22
CA CYS A 88 -13.00 1.58 12.09
C CYS A 88 -14.09 1.71 11.03
N GLN A 89 -13.71 1.47 9.77
CA GLN A 89 -14.66 1.55 8.67
C GLN A 89 -15.94 0.80 9.00
N ILE A 90 -15.91 0.02 10.07
CA ILE A 90 -17.07 -0.75 10.47
C ILE A 90 -17.97 0.04 11.42
N CYS A 91 -17.44 0.42 12.56
CA CYS A 91 -18.21 1.16 13.55
C CYS A 91 -18.72 2.47 12.98
N VAL A 92 -17.90 3.11 12.16
CA VAL A 92 -18.29 4.38 11.55
C VAL A 92 -19.35 4.16 10.48
N HIS A 93 -19.11 3.21 9.59
CA HIS A 93 -20.04 2.92 8.51
C HIS A 93 -21.36 2.40 9.07
N SER A 94 -21.51 2.46 10.40
CA SER A 94 -22.72 2.00 11.06
C SER A 94 -23.50 3.16 11.64
N GLN A 95 -22.96 3.76 12.69
CA GLN A 95 -23.62 4.89 13.35
C GLN A 95 -23.18 6.21 12.73
N ARG A 96 -22.23 6.14 11.81
CA ARG A 96 -21.73 7.34 11.14
C ARG A 96 -21.28 8.37 12.17
N ASN A 97 -20.81 9.52 11.68
CA ASN A 97 -20.34 10.58 12.58
C ASN A 97 -21.46 11.56 12.87
#